data_4OTJ
#
_entry.id   4OTJ
#
_cell.length_a   180.712
_cell.length_b   133.943
_cell.length_c   122.223
_cell.angle_alpha   90.00
_cell.angle_beta   90.00
_cell.angle_gamma   90.00
#
_symmetry.space_group_name_H-M   'P 21 21 2'
#
loop_
_entity.id
_entity.type
_entity.pdbx_description
1 polymer 'Prostaglandin G/H synthase 2'
2 branched 2-acetamido-2-deoxy-beta-D-glucopyranose-(1-4)-2-acetamido-2-deoxy-beta-D-glucopyranose
3 non-polymer 2-acetamido-2-deoxy-beta-D-glucopyranose
4 non-polymer 'PROTOPORPHYRIN IX CONTAINING FE'
5 non-polymer "(5S,5aS,8aS,9S)-8-oxo-9-(3,4,5-trimethoxyphenyl)-5,5a,6,8,8a,9-hexahydrofuro[3',4':6,7]naphtho[2,3-d][1,3]dioxol-5-yl 4-{[4-({[1-(4-chlorobenzoyl)-5-methoxy-2-methyl-1H-indol-3-yl]acetyl}amino)butyl]amino}-4-oxobutanoate"
6 non-polymer 'octyl beta-D-glucopyranoside'
7 water water
#
_entity_poly.entity_id   1
_entity_poly.type   'polypeptide(L)'
_entity_poly.pdbx_seq_one_letter_code
;ANPCCSNPCQNRGECMSTGFDQYKCDCTRTGFYGENCTTPEFLTRIKLLLKPTPNTVHYILTHFKGVWNIVNNIPFLRSL
IMKYVLTSRSYLIDSPPTYNVHYGYKSWEAFSNLSYYTRALPPVADDCPTPMGVKGNKELPDSKEVLEKVLLRREFIPDP
QGSNMMFAFFAQHFTHQFFKTDHKRGPGFTRGLGHGVDLNHIYGETLDRQHKLRLFKDGKLKYQVIGGEVYPPTVKDTQV
EMIYPPHIPENLQFAVGQEVFGLVPGLMMYATIWLREHNRVCDILKQEHPEWGDEQLFQTSRLILIGETIKIVIEDYVQH
LSGYHFKLKFDPELLFNQQFQYQNRIASEFNTLYHWHPLLPDTFNIEDQEYSFKQFLYNNSILLEHGLTQFVESFTRQIA
GRVAGGRNVPIAVQAVAKASIDQSREMKYQSLNEYRKRFSLKPYTSFEELTGEKEMAAELKALYSDIDVMELYPALLVEK
PRPDAIFGETMVELGAPFSLKGLMGNPICSPQYWKPSTFGGEVGFKIINTASIQSLICNNVKGCPFTSFNVQDPQPTKTA
TINASASHSRLDDINPTVLIKRRSTEL
;
_entity_poly.pdbx_strand_id   A,B,C,D
#
loop_
_chem_comp.id
_chem_comp.type
_chem_comp.name
_chem_comp.formula
BOG D-saccharide 'octyl beta-D-glucopyranoside' 'C14 H28 O6'
HEM non-polymer 'PROTOPORPHYRIN IX CONTAINING FE' 'C34 H32 Fe N4 O4'
IXP non-polymer '(5S,5aS,8aS,9S)-8-oxo-9-(3,4,5-trimethoxyphenyl)-5,5a,6,8,8a,9-hexahydrofuro[3',4':6,7]naphtho[2,3-d][1,3]dioxol-5-yl 4-{[4-({[1-(4-chlorobenzoyl)-5-methoxy-2-methyl-1H-indol-3-yl]acetyl}amino)butyl]amino}-4-oxobutanoate' 'C49 H50 Cl N3 O13'
NAG D-saccharide, beta linking 2-acetamido-2-deoxy-beta-D-glucopyranose 'C8 H15 N O6'
#
# COMPACT_ATOMS: atom_id res chain seq x y z
N ALA A 1 8.86 19.34 -20.53
CA ALA A 1 10.02 19.33 -19.63
C ALA A 1 11.11 18.41 -20.16
N ASN A 2 10.76 17.14 -20.34
CA ASN A 2 11.66 16.20 -21.00
C ASN A 2 12.02 16.71 -22.38
N PRO A 3 13.32 16.90 -22.64
CA PRO A 3 13.75 17.46 -23.94
C PRO A 3 13.43 16.53 -25.11
N CYS A 4 13.00 15.31 -24.83
CA CYS A 4 12.62 14.36 -25.87
C CYS A 4 11.12 14.41 -26.15
N CYS A 5 10.41 15.32 -25.49
CA CYS A 5 8.96 15.42 -25.66
C CYS A 5 8.52 15.70 -27.09
N SER A 6 9.38 16.34 -27.88
CA SER A 6 9.01 16.69 -29.26
C SER A 6 9.29 15.56 -30.26
N ASN A 7 9.76 14.41 -29.78
CA ASN A 7 10.16 13.29 -30.64
C ASN A 7 11.15 13.74 -31.74
N PRO A 8 12.28 14.35 -31.34
CA PRO A 8 13.14 14.98 -32.35
C PRO A 8 13.88 13.98 -33.24
N CYS A 9 14.19 12.79 -32.74
CA CYS A 9 14.96 11.83 -33.52
C CYS A 9 14.13 11.15 -34.61
N GLN A 10 14.67 11.14 -35.81
CA GLN A 10 13.97 10.57 -36.95
C GLN A 10 14.56 9.23 -37.37
N ASN A 11 13.84 8.52 -38.22
CA ASN A 11 14.32 7.29 -38.83
C ASN A 11 14.73 6.23 -37.80
N ARG A 12 13.95 6.15 -36.73
CA ARG A 12 14.09 5.15 -35.66
C ARG A 12 15.36 5.34 -34.82
N GLY A 13 15.94 6.54 -34.91
CA GLY A 13 16.97 6.94 -33.97
C GLY A 13 16.36 7.05 -32.59
N GLU A 14 17.16 6.87 -31.54
CA GLU A 14 16.58 6.86 -30.21
C GLU A 14 16.96 8.13 -29.44
N CYS A 15 15.98 8.75 -28.80
CA CYS A 15 16.22 10.00 -28.06
C CYS A 15 16.58 9.74 -26.61
N MET A 16 17.63 10.40 -26.14
CA MET A 16 18.05 10.30 -24.75
C MET A 16 18.33 11.69 -24.22
N SER A 17 17.83 12.00 -23.03
CA SER A 17 18.17 13.28 -22.40
C SER A 17 19.62 13.24 -21.95
N THR A 18 20.33 14.36 -22.11
CA THR A 18 21.72 14.46 -21.66
C THR A 18 21.86 15.57 -20.63
N GLY A 19 20.73 15.98 -20.08
CA GLY A 19 20.68 17.09 -19.15
C GLY A 19 19.23 17.53 -19.08
N PHE A 20 18.95 18.61 -18.35
CA PHE A 20 17.57 19.04 -18.16
C PHE A 20 16.94 19.59 -19.44
N ASP A 21 17.76 20.12 -20.35
CA ASP A 21 17.22 20.75 -21.55
C ASP A 21 17.96 20.45 -22.86
N GLN A 22 18.70 19.35 -22.89
CA GLN A 22 19.32 18.90 -24.13
C GLN A 22 19.12 17.40 -24.31
N TYR A 23 19.16 16.97 -25.57
CA TYR A 23 19.00 15.57 -25.90
C TYR A 23 20.11 15.11 -26.83
N LYS A 24 20.25 13.80 -26.97
CA LYS A 24 21.09 13.23 -28.00
C LYS A 24 20.32 12.13 -28.71
N CYS A 25 20.50 12.06 -30.03
CA CYS A 25 19.89 10.98 -30.80
C CYS A 25 20.94 9.90 -31.08
N ASP A 26 20.57 8.65 -30.80
CA ASP A 26 21.42 7.51 -31.10
C ASP A 26 21.02 6.95 -32.46
N CYS A 27 21.88 7.18 -33.45
CA CYS A 27 21.58 6.86 -34.83
C CYS A 27 22.12 5.51 -35.27
N THR A 28 22.67 4.75 -34.32
CA THR A 28 23.24 3.42 -34.57
C THR A 28 22.37 2.54 -35.47
N ARG A 29 22.94 2.14 -36.60
CA ARG A 29 22.33 1.23 -37.56
C ARG A 29 20.99 1.72 -38.13
N THR A 30 20.73 3.02 -38.06
CA THR A 30 19.52 3.54 -38.67
C THR A 30 19.72 3.77 -40.17
N GLY A 31 20.97 3.92 -40.58
CA GLY A 31 21.28 4.24 -41.96
C GLY A 31 21.33 5.75 -42.16
N PHE A 32 21.13 6.49 -41.08
CA PHE A 32 21.19 7.94 -41.10
C PHE A 32 22.14 8.46 -40.02
N TYR A 33 22.59 9.70 -40.16
CA TYR A 33 23.36 10.34 -39.11
C TYR A 33 22.97 11.80 -38.94
N GLY A 34 23.69 12.52 -38.07
CA GLY A 34 23.36 13.90 -37.79
C GLY A 34 22.57 14.01 -36.50
N GLU A 35 22.30 15.25 -36.08
CA GLU A 35 21.73 15.50 -34.76
C GLU A 35 20.38 14.80 -34.49
N ASN A 36 19.49 14.74 -35.49
CA ASN A 36 18.26 13.96 -35.31
C ASN A 36 18.16 12.79 -36.30
N CYS A 37 19.32 12.29 -36.74
CA CYS A 37 19.39 11.15 -37.65
C CYS A 37 18.59 11.38 -38.92
N THR A 38 18.82 12.51 -39.60
CA THR A 38 18.09 12.80 -40.84
C THR A 38 18.99 12.89 -42.06
N THR A 39 20.31 12.81 -41.86
CA THR A 39 21.23 12.78 -43.00
C THR A 39 21.53 11.33 -43.36
N PRO A 40 21.10 10.91 -44.55
CA PRO A 40 21.29 9.52 -44.99
C PRO A 40 22.71 9.22 -45.46
N GLU A 41 23.16 7.99 -45.22
CA GLU A 41 24.39 7.51 -45.80
C GLU A 41 24.17 7.24 -47.28
N PHE A 42 25.25 7.02 -48.02
CA PHE A 42 25.18 6.87 -49.48
C PHE A 42 24.32 5.69 -49.86
N LEU A 43 24.52 4.59 -49.14
CA LEU A 43 23.80 3.36 -49.42
C LEU A 43 22.31 3.60 -49.17
N THR A 44 22.01 4.38 -48.15
CA THR A 44 20.65 4.72 -47.76
C THR A 44 19.90 5.50 -48.85
N ARG A 45 20.53 6.54 -49.38
CA ARG A 45 19.93 7.35 -50.46
C ARG A 45 19.54 6.49 -51.65
N ILE A 46 20.43 5.57 -52.03
CA ILE A 46 20.17 4.66 -53.11
C ILE A 46 18.93 3.82 -52.80
N LYS A 47 18.92 3.24 -51.60
CA LYS A 47 17.80 2.44 -51.15
C LYS A 47 16.50 3.23 -51.20
N LEU A 48 16.58 4.50 -50.78
CA LEU A 48 15.40 5.37 -50.82
C LEU A 48 14.88 5.67 -52.23
N LEU A 49 15.80 5.93 -53.18
CA LEU A 49 15.42 6.23 -54.55
C LEU A 49 14.70 5.08 -55.26
N LEU A 50 15.09 3.85 -54.94
CA LEU A 50 14.58 2.69 -55.68
C LEU A 50 13.30 2.10 -55.11
N LYS A 51 13.13 2.18 -53.79
CA LYS A 51 12.02 1.52 -53.11
C LYS A 51 10.69 2.16 -53.46
N PRO A 52 9.74 1.36 -53.98
CA PRO A 52 8.40 1.86 -54.31
C PRO A 52 7.54 2.12 -53.10
N THR A 53 6.57 3.03 -53.25
CA THR A 53 5.62 3.32 -52.18
C THR A 53 4.72 2.11 -51.94
N PRO A 54 4.16 2.00 -50.72
CA PRO A 54 3.19 0.94 -50.42
C PRO A 54 2.02 0.91 -51.41
N ASN A 55 1.51 2.09 -51.76
CA ASN A 55 0.38 2.19 -52.69
C ASN A 55 0.75 1.69 -54.08
N THR A 56 2.00 1.88 -54.47
CA THR A 56 2.50 1.37 -55.75
C THR A 56 2.51 -0.16 -55.73
N VAL A 57 3.09 -0.72 -54.68
CA VAL A 57 3.14 -2.17 -54.51
C VAL A 57 1.74 -2.77 -54.42
N HIS A 58 0.84 -2.07 -53.73
CA HIS A 58 -0.55 -2.54 -53.62
C HIS A 58 -1.22 -2.60 -54.98
N TYR A 59 -0.95 -1.60 -55.82
CA TYR A 59 -1.47 -1.59 -57.17
C TYR A 59 -0.98 -2.80 -57.95
N ILE A 60 0.31 -3.10 -57.82
CA ILE A 60 0.92 -4.19 -58.56
C ILE A 60 0.35 -5.55 -58.15
N LEU A 61 0.12 -5.71 -56.86
CA LEU A 61 -0.39 -6.97 -56.33
C LEU A 61 -1.89 -7.17 -56.60
N THR A 62 -2.60 -6.08 -56.88
CA THR A 62 -4.04 -6.16 -57.10
C THR A 62 -4.41 -5.94 -58.57
N HIS A 63 -3.40 -5.92 -59.43
CA HIS A 63 -3.62 -5.88 -60.87
C HIS A 63 -2.76 -6.92 -61.55
N PHE A 64 -2.83 -6.96 -62.88
CA PHE A 64 -2.08 -7.90 -63.71
C PHE A 64 -2.37 -9.35 -63.35
N LYS A 65 -3.66 -9.65 -63.18
CA LYS A 65 -4.14 -10.98 -62.76
C LYS A 65 -3.61 -12.10 -63.64
N GLY A 66 -3.50 -11.85 -64.94
CA GLY A 66 -2.99 -12.84 -65.87
C GLY A 66 -1.55 -13.22 -65.56
N VAL A 67 -0.74 -12.23 -65.22
CA VAL A 67 0.65 -12.45 -64.85
C VAL A 67 0.77 -13.21 -63.52
N TRP A 68 -0.02 -12.78 -62.53
CA TRP A 68 0.01 -13.43 -61.23
C TRP A 68 -0.43 -14.88 -61.31
N ASN A 69 -1.32 -15.18 -62.25
CA ASN A 69 -1.74 -16.55 -62.45
C ASN A 69 -0.60 -17.43 -62.95
N ILE A 70 0.29 -16.85 -63.75
CA ILE A 70 1.49 -17.56 -64.18
C ILE A 70 2.40 -17.80 -62.97
N VAL A 71 2.69 -16.73 -62.24
CA VAL A 71 3.51 -16.80 -61.04
C VAL A 71 2.99 -17.82 -60.03
N ASN A 72 1.67 -17.82 -59.81
CA ASN A 72 1.07 -18.72 -58.82
C ASN A 72 1.29 -20.20 -59.13
N ASN A 73 1.67 -20.50 -60.38
CA ASN A 73 1.88 -21.88 -60.79
C ASN A 73 3.36 -22.20 -61.02
N ILE A 74 4.22 -21.28 -60.63
CA ILE A 74 5.67 -21.51 -60.64
C ILE A 74 6.18 -21.47 -59.21
N PRO A 75 6.23 -22.65 -58.56
CA PRO A 75 6.63 -22.82 -57.15
C PRO A 75 7.87 -22.03 -56.74
N PHE A 76 8.94 -22.05 -57.53
CA PHE A 76 10.16 -21.32 -57.18
C PHE A 76 9.83 -19.85 -57.01
N LEU A 77 9.10 -19.27 -57.96
CA LEU A 77 8.75 -17.86 -57.91
C LEU A 77 7.67 -17.57 -56.87
N ARG A 78 6.70 -18.47 -56.74
CA ARG A 78 5.68 -18.28 -55.72
C ARG A 78 6.35 -18.27 -54.36
N SER A 79 7.26 -19.22 -54.15
CA SER A 79 8.04 -19.27 -52.92
C SER A 79 8.91 -18.04 -52.75
N LEU A 80 9.57 -17.63 -53.83
CA LEU A 80 10.47 -16.49 -53.79
C LEU A 80 9.70 -15.23 -53.40
N ILE A 81 8.52 -15.08 -54.00
CA ILE A 81 7.70 -13.91 -53.75
C ILE A 81 7.10 -13.96 -52.35
N MET A 82 6.72 -15.15 -51.89
CA MET A 82 6.20 -15.27 -50.54
C MET A 82 7.29 -14.99 -49.50
N LYS A 83 8.49 -15.51 -49.74
CA LYS A 83 9.63 -15.30 -48.84
C LYS A 83 9.84 -13.81 -48.65
N TYR A 84 9.72 -13.13 -49.76
CA TYR A 84 9.86 -11.70 -49.84
C TYR A 84 8.83 -10.97 -48.97
N VAL A 85 7.56 -11.27 -49.20
CA VAL A 85 6.47 -10.74 -48.39
C VAL A 85 6.74 -10.89 -46.89
N LEU A 86 7.30 -12.03 -46.51
CA LEU A 86 7.59 -12.31 -45.11
C LEU A 86 8.75 -11.46 -44.59
N THR A 87 9.84 -11.45 -45.35
CA THR A 87 11.03 -10.71 -44.94
C THR A 87 11.01 -9.27 -45.38
N SER A 88 9.87 -8.64 -45.41
CA SER A 88 9.98 -7.30 -45.92
C SER A 88 9.48 -6.29 -44.88
N ARG A 89 8.94 -6.85 -43.81
CA ARG A 89 8.38 -6.14 -42.68
C ARG A 89 9.21 -6.50 -41.47
N SER A 90 9.92 -7.61 -41.63
CA SER A 90 10.61 -8.31 -40.54
C SER A 90 11.47 -7.39 -39.69
N TYR A 91 11.94 -6.30 -40.28
CA TYR A 91 12.76 -5.34 -39.55
C TYR A 91 11.92 -4.32 -38.77
N LEU A 92 10.73 -4.01 -39.27
CA LEU A 92 9.87 -3.00 -38.64
C LEU A 92 9.42 -3.41 -37.24
N ILE A 93 9.54 -4.70 -36.91
CA ILE A 93 9.19 -5.18 -35.59
C ILE A 93 10.41 -5.40 -34.70
N ASP A 94 10.41 -4.79 -33.52
CA ASP A 94 11.46 -5.02 -32.54
C ASP A 94 11.28 -6.41 -31.92
N SER A 95 12.29 -7.26 -32.09
CA SER A 95 12.28 -8.59 -31.53
C SER A 95 13.72 -8.99 -31.21
N PRO A 96 14.05 -9.18 -29.92
CA PRO A 96 13.26 -9.05 -28.67
C PRO A 96 12.57 -7.70 -28.52
N PRO A 97 11.44 -7.66 -27.81
CA PRO A 97 10.65 -6.44 -27.67
C PRO A 97 11.34 -5.41 -26.77
N THR A 98 10.87 -4.18 -26.86
CA THR A 98 11.48 -3.08 -26.14
C THR A 98 10.51 -2.40 -25.17
N TYR A 99 9.81 -1.37 -25.64
CA TYR A 99 9.06 -0.49 -24.75
C TYR A 99 7.72 -1.05 -24.30
N ASN A 100 7.13 -0.41 -23.29
CA ASN A 100 5.74 -0.68 -22.93
C ASN A 100 5.10 0.59 -22.33
N VAL A 101 3.88 0.47 -21.82
CA VAL A 101 3.14 1.66 -21.37
C VAL A 101 3.86 2.40 -20.23
N HIS A 102 4.69 1.70 -19.46
CA HIS A 102 5.37 2.33 -18.33
C HIS A 102 6.83 2.66 -18.62
N TYR A 103 7.38 2.15 -19.72
CA TYR A 103 8.79 2.38 -20.01
C TYR A 103 9.04 2.95 -21.42
N GLY A 104 9.49 4.21 -21.46
CA GLY A 104 9.87 4.86 -22.71
C GLY A 104 11.35 4.73 -23.01
N TYR A 105 12.05 3.95 -22.19
CA TYR A 105 13.43 3.56 -22.43
C TYR A 105 13.51 2.05 -22.23
N LYS A 106 14.48 1.39 -22.84
CA LYS A 106 14.61 -0.05 -22.68
C LYS A 106 14.99 -0.39 -21.25
N SER A 107 14.39 -1.46 -20.70
CA SER A 107 14.69 -1.87 -19.32
C SER A 107 14.48 -3.35 -19.14
N TRP A 108 15.10 -3.94 -18.13
CA TRP A 108 14.91 -5.36 -17.90
C TRP A 108 13.46 -5.64 -17.50
N GLU A 109 12.85 -4.69 -16.81
CA GLU A 109 11.46 -4.80 -16.42
C GLU A 109 10.57 -4.89 -17.66
N ALA A 110 10.78 -3.97 -18.60
CA ALA A 110 9.98 -3.95 -19.84
C ALA A 110 10.24 -5.20 -20.67
N PHE A 111 11.50 -5.64 -20.74
CA PHE A 111 11.75 -6.88 -21.47
C PHE A 111 11.08 -8.10 -20.83
N SER A 112 11.24 -8.25 -19.51
CA SER A 112 10.95 -9.53 -18.87
C SER A 112 9.51 -9.72 -18.41
N ASN A 113 8.80 -8.63 -18.16
CA ASN A 113 7.46 -8.71 -17.61
C ASN A 113 6.41 -8.94 -18.70
N LEU A 114 5.95 -10.17 -18.79
CA LEU A 114 5.05 -10.63 -19.85
C LEU A 114 3.62 -10.16 -19.66
N SER A 115 3.32 -9.56 -18.52
CA SER A 115 1.96 -9.06 -18.28
C SER A 115 1.64 -7.80 -19.07
N TYR A 116 2.67 -7.16 -19.62
CA TYR A 116 2.50 -5.99 -20.47
C TYR A 116 2.32 -6.34 -21.94
N TYR A 117 1.47 -5.57 -22.62
CA TYR A 117 1.60 -5.44 -24.06
C TYR A 117 2.91 -4.70 -24.32
N THR A 118 3.61 -5.03 -25.39
CA THR A 118 4.78 -4.24 -25.75
C THR A 118 4.30 -3.05 -26.59
N ARG A 119 5.22 -2.16 -26.96
CA ARG A 119 4.87 -0.96 -27.70
C ARG A 119 5.80 -0.73 -28.89
N ALA A 120 5.23 -0.52 -30.07
CA ALA A 120 6.00 -0.21 -31.27
C ALA A 120 6.63 1.18 -31.20
N LEU A 121 5.94 2.10 -30.54
CA LEU A 121 6.49 3.40 -30.20
C LEU A 121 6.35 3.63 -28.71
N PRO A 122 7.37 4.20 -28.07
CA PRO A 122 7.30 4.51 -26.65
C PRO A 122 6.18 5.51 -26.35
N PRO A 123 5.66 5.47 -25.11
CA PRO A 123 4.66 6.44 -24.68
C PRO A 123 5.21 7.86 -24.62
N VAL A 124 4.33 8.83 -24.81
CA VAL A 124 4.66 10.21 -24.52
C VAL A 124 4.92 10.36 -23.03
N ALA A 125 6.04 10.95 -22.65
CA ALA A 125 6.42 11.03 -21.24
C ALA A 125 5.39 11.81 -20.44
N ASP A 126 5.26 11.49 -19.16
CA ASP A 126 4.24 12.08 -18.32
C ASP A 126 4.42 13.60 -18.18
N ASP A 127 5.65 14.09 -18.19
CA ASP A 127 5.88 15.50 -17.96
C ASP A 127 5.97 16.33 -19.26
N CYS A 128 5.45 15.80 -20.35
CA CYS A 128 5.38 16.56 -21.59
C CYS A 128 4.22 17.56 -21.53
N PRO A 129 4.41 18.75 -22.12
CA PRO A 129 3.41 19.82 -22.01
C PRO A 129 2.07 19.50 -22.72
N THR A 130 2.09 18.70 -23.78
CA THR A 130 0.85 18.35 -24.47
C THR A 130 0.72 16.82 -24.58
N PRO A 131 -0.51 16.33 -24.81
CA PRO A 131 -0.72 14.88 -24.96
C PRO A 131 0.17 14.24 -26.03
N MET A 132 0.35 14.91 -27.16
CA MET A 132 1.18 14.36 -28.22
C MET A 132 2.65 14.71 -28.07
N GLY A 133 3.00 15.44 -27.02
CA GLY A 133 4.38 15.82 -26.79
C GLY A 133 4.54 17.32 -26.59
N VAL A 134 4.72 18.06 -27.69
CA VAL A 134 4.77 19.52 -27.62
C VAL A 134 3.76 20.18 -28.55
N LYS A 135 3.32 19.46 -29.59
CA LYS A 135 2.36 20.02 -30.56
C LYS A 135 0.94 19.96 -30.03
N GLY A 136 0.07 20.74 -30.65
CA GLY A 136 -1.35 20.69 -30.33
C GLY A 136 -1.66 21.41 -29.04
N ASN A 137 -2.94 21.39 -28.68
CA ASN A 137 -3.39 22.09 -27.49
C ASN A 137 -3.16 21.29 -26.24
N LYS A 138 -3.47 21.91 -25.11
CA LYS A 138 -3.20 21.31 -23.81
C LYS A 138 -3.95 20.00 -23.65
N GLU A 139 -5.17 19.93 -24.17
CA GLU A 139 -5.90 18.68 -24.18
C GLU A 139 -6.42 18.36 -25.57
N LEU A 140 -6.53 17.07 -25.87
CA LEU A 140 -7.06 16.57 -27.13
C LEU A 140 -8.58 16.80 -27.23
N PRO A 141 -9.13 16.80 -28.45
CA PRO A 141 -10.58 17.03 -28.61
C PRO A 141 -11.41 16.03 -27.82
N ASP A 142 -12.57 16.48 -27.33
CA ASP A 142 -13.53 15.61 -26.67
C ASP A 142 -13.75 14.34 -27.50
N SER A 143 -13.49 13.18 -26.89
CA SER A 143 -13.58 11.92 -27.61
C SER A 143 -15.01 11.67 -28.08
N LYS A 144 -15.98 12.11 -27.30
CA LYS A 144 -17.38 12.00 -27.68
C LYS A 144 -17.64 12.77 -28.98
N GLU A 145 -16.98 13.92 -29.14
CA GLU A 145 -17.15 14.70 -30.35
C GLU A 145 -16.50 14.06 -31.57
N VAL A 146 -15.30 13.53 -31.41
CA VAL A 146 -14.64 12.80 -32.48
C VAL A 146 -15.51 11.61 -32.91
N LEU A 147 -15.93 10.84 -31.92
CA LEU A 147 -16.80 9.69 -32.14
C LEU A 147 -18.05 10.03 -32.94
N GLU A 148 -18.83 10.97 -32.44
CA GLU A 148 -20.13 11.29 -33.03
C GLU A 148 -20.03 11.91 -34.43
N LYS A 149 -19.00 12.74 -34.64
CA LYS A 149 -18.87 13.45 -35.91
C LYS A 149 -18.31 12.60 -37.05
N VAL A 150 -17.34 11.74 -36.77
CA VAL A 150 -16.70 11.01 -37.87
C VAL A 150 -16.66 9.48 -37.74
N LEU A 151 -17.08 8.94 -36.60
CA LEU A 151 -16.99 7.49 -36.43
C LEU A 151 -18.35 6.78 -36.48
N LEU A 152 -19.38 7.38 -35.90
CA LEU A 152 -20.67 6.71 -35.79
C LEU A 152 -21.33 6.49 -37.15
N ARG A 153 -21.93 5.32 -37.30
CA ARG A 153 -22.60 4.94 -38.53
C ARG A 153 -23.88 5.74 -38.77
N ARG A 154 -24.04 6.27 -39.97
CA ARG A 154 -25.31 6.84 -40.39
C ARG A 154 -26.09 5.75 -41.11
N GLU A 155 -25.75 5.53 -42.38
CA GLU A 155 -26.23 4.38 -43.12
C GLU A 155 -25.15 3.30 -43.11
N PHE A 156 -25.56 2.04 -43.06
CA PHE A 156 -24.61 0.92 -43.13
C PHE A 156 -23.79 1.01 -44.42
N ILE A 157 -22.48 0.97 -44.29
CA ILE A 157 -21.60 0.94 -45.46
C ILE A 157 -20.99 -0.44 -45.64
N PRO A 158 -21.41 -1.16 -46.69
CA PRO A 158 -20.91 -2.53 -46.89
C PRO A 158 -19.43 -2.53 -47.29
N ASP A 159 -18.72 -3.59 -46.92
CA ASP A 159 -17.35 -3.76 -47.38
C ASP A 159 -17.33 -4.04 -48.88
N PRO A 160 -16.62 -3.21 -49.64
CA PRO A 160 -16.55 -3.46 -51.08
C PRO A 160 -15.74 -4.73 -51.42
N GLN A 161 -14.94 -5.23 -50.49
CA GLN A 161 -14.22 -6.49 -50.73
C GLN A 161 -15.11 -7.70 -50.44
N GLY A 162 -16.32 -7.44 -49.96
CA GLY A 162 -17.31 -8.49 -49.77
C GLY A 162 -17.11 -9.37 -48.55
N SER A 163 -16.36 -8.89 -47.55
CA SER A 163 -16.22 -9.64 -46.29
C SER A 163 -17.59 -9.99 -45.72
N ASN A 164 -17.72 -11.20 -45.20
CA ASN A 164 -19.00 -11.63 -44.66
C ASN A 164 -18.90 -11.86 -43.14
N MET A 165 -19.98 -12.34 -42.53
CA MET A 165 -19.97 -12.53 -41.08
C MET A 165 -19.12 -13.73 -40.66
N MET A 166 -18.90 -14.70 -41.56
CA MET A 166 -17.95 -15.76 -41.28
C MET A 166 -16.57 -15.14 -41.06
N PHE A 167 -16.23 -14.17 -41.90
CA PHE A 167 -14.96 -13.47 -41.76
C PHE A 167 -14.89 -12.66 -40.48
N ALA A 168 -15.93 -11.88 -40.22
CA ALA A 168 -15.94 -10.98 -39.07
C ALA A 168 -15.76 -11.71 -37.75
N PHE A 169 -16.51 -12.80 -37.57
CA PHE A 169 -16.42 -13.56 -36.33
C PHE A 169 -15.17 -14.41 -36.28
N PHE A 170 -14.63 -14.79 -37.43
CA PHE A 170 -13.35 -15.48 -37.41
C PHE A 170 -12.31 -14.52 -36.86
N ALA A 171 -12.35 -13.28 -37.32
CA ALA A 171 -11.42 -12.25 -36.86
C ALA A 171 -11.55 -12.04 -35.36
N GLN A 172 -12.78 -11.89 -34.89
CA GLN A 172 -13.00 -11.72 -33.46
C GLN A 172 -12.49 -12.92 -32.67
N HIS A 173 -12.86 -14.13 -33.11
CA HIS A 173 -12.50 -15.35 -32.40
C HIS A 173 -10.97 -15.55 -32.39
N PHE A 174 -10.35 -15.45 -33.56
CA PHE A 174 -8.90 -15.63 -33.69
C PHE A 174 -8.09 -14.62 -32.87
N THR A 175 -8.44 -13.34 -32.95
CA THR A 175 -7.63 -12.31 -32.28
C THR A 175 -7.79 -12.32 -30.77
N HIS A 176 -8.92 -12.83 -30.30
CA HIS A 176 -9.18 -12.78 -28.86
C HIS A 176 -8.46 -13.86 -28.09
N GLN A 177 -7.57 -14.60 -28.75
CA GLN A 177 -6.63 -15.43 -28.01
C GLN A 177 -5.39 -14.63 -27.60
N PHE A 178 -5.07 -13.55 -28.32
CA PHE A 178 -3.91 -12.77 -27.91
C PHE A 178 -4.21 -11.29 -27.57
N PHE A 179 -5.42 -10.82 -27.88
CA PHE A 179 -5.89 -9.54 -27.32
C PHE A 179 -6.83 -9.86 -26.16
N LYS A 180 -6.32 -9.76 -24.93
CA LYS A 180 -7.07 -10.13 -23.73
C LYS A 180 -6.72 -9.16 -22.62
N THR A 181 -7.22 -7.94 -22.72
CA THR A 181 -6.75 -6.89 -21.83
C THR A 181 -7.14 -7.17 -20.38
N ASP A 182 -6.16 -7.04 -19.51
CA ASP A 182 -6.33 -7.25 -18.07
C ASP A 182 -6.84 -5.95 -17.44
N HIS A 183 -8.15 -5.77 -17.44
CA HIS A 183 -8.74 -4.50 -17.01
C HIS A 183 -8.51 -4.18 -15.54
N LYS A 184 -8.24 -5.20 -14.73
CA LYS A 184 -7.90 -4.94 -13.34
C LYS A 184 -6.59 -4.17 -13.24
N ARG A 185 -5.64 -4.46 -14.13
CA ARG A 185 -4.35 -3.77 -14.12
C ARG A 185 -4.35 -2.47 -14.93
N GLY A 186 -4.97 -2.49 -16.11
CA GLY A 186 -5.04 -1.31 -16.96
C GLY A 186 -4.93 -1.72 -18.42
N PRO A 187 -5.21 -0.79 -19.35
CA PRO A 187 -5.29 -1.10 -20.78
C PRO A 187 -3.98 -1.58 -21.39
N GLY A 188 -2.85 -1.28 -20.75
CA GLY A 188 -1.55 -1.66 -21.28
C GLY A 188 -1.10 -3.03 -20.81
N PHE A 189 -2.02 -3.76 -20.19
CA PHE A 189 -1.73 -5.09 -19.64
C PHE A 189 -2.57 -6.17 -20.30
N THR A 190 -1.99 -7.36 -20.40
CA THR A 190 -2.65 -8.48 -21.05
C THR A 190 -2.68 -9.73 -20.16
N ARG A 191 -3.70 -10.56 -20.37
CA ARG A 191 -3.81 -11.86 -19.70
C ARG A 191 -3.28 -12.98 -20.59
N GLY A 192 -2.95 -12.64 -21.83
CA GLY A 192 -2.46 -13.64 -22.77
C GLY A 192 -0.95 -13.78 -22.74
N LEU A 193 -0.44 -14.52 -21.76
CA LEU A 193 1.00 -14.56 -21.50
C LEU A 193 1.76 -15.36 -22.55
N GLY A 194 1.03 -16.10 -23.39
CA GLY A 194 1.66 -16.77 -24.52
C GLY A 194 1.98 -15.79 -25.64
N HIS A 195 1.32 -14.63 -25.62
CA HIS A 195 1.59 -13.58 -26.59
C HIS A 195 1.56 -14.06 -28.04
N GLY A 196 0.54 -14.85 -28.40
CA GLY A 196 0.46 -15.34 -29.76
C GLY A 196 -0.56 -16.44 -29.98
N VAL A 197 -0.33 -17.20 -31.04
CA VAL A 197 -1.28 -18.22 -31.45
C VAL A 197 -0.99 -19.51 -30.69
N ASP A 198 -1.43 -19.57 -29.44
CA ASP A 198 -1.24 -20.76 -28.63
C ASP A 198 -2.57 -21.49 -28.44
N LEU A 199 -3.62 -20.91 -29.01
CA LEU A 199 -4.97 -21.48 -28.95
C LEU A 199 -5.49 -21.62 -27.52
N ASN A 200 -5.05 -20.72 -26.63
CA ASN A 200 -5.59 -20.68 -25.28
C ASN A 200 -7.09 -20.41 -25.27
N HIS A 201 -7.62 -19.84 -26.34
CA HIS A 201 -9.04 -19.54 -26.42
C HIS A 201 -9.88 -20.80 -26.64
N ILE A 202 -9.20 -21.90 -26.92
CA ILE A 202 -9.81 -23.22 -26.99
C ILE A 202 -9.44 -24.04 -25.75
N TYR A 203 -8.16 -23.99 -25.39
CA TYR A 203 -7.62 -24.90 -24.38
C TYR A 203 -7.50 -24.30 -22.98
N GLY A 204 -7.66 -22.98 -22.88
CA GLY A 204 -7.53 -22.30 -21.60
C GLY A 204 -6.13 -21.71 -21.43
N GLU A 205 -6.06 -20.57 -20.75
CA GLU A 205 -4.78 -19.90 -20.53
C GLU A 205 -3.93 -20.66 -19.51
N THR A 206 -4.57 -21.26 -18.52
CA THR A 206 -3.82 -21.95 -17.48
C THR A 206 -4.03 -23.47 -17.51
N LEU A 207 -3.12 -24.18 -16.86
CA LEU A 207 -3.16 -25.65 -16.82
C LEU A 207 -4.41 -26.14 -16.09
N ASP A 208 -4.76 -25.46 -15.00
CA ASP A 208 -5.95 -25.77 -14.22
C ASP A 208 -7.21 -25.70 -15.08
N ARG A 209 -7.33 -24.66 -15.88
CA ARG A 209 -8.49 -24.49 -16.74
C ARG A 209 -8.52 -25.55 -17.84
N GLN A 210 -7.36 -25.81 -18.43
CA GLN A 210 -7.23 -26.84 -19.46
C GLN A 210 -7.72 -28.19 -18.96
N HIS A 211 -7.31 -28.56 -17.76
CA HIS A 211 -7.67 -29.88 -17.24
C HIS A 211 -9.18 -30.00 -16.95
N LYS A 212 -9.81 -28.92 -16.50
CA LYS A 212 -11.26 -28.91 -16.32
C LYS A 212 -12.01 -29.04 -17.65
N LEU A 213 -11.38 -28.61 -18.75
CA LEU A 213 -11.99 -28.69 -20.07
C LEU A 213 -11.75 -30.03 -20.76
N ARG A 214 -10.77 -30.79 -20.29
CA ARG A 214 -10.38 -32.03 -20.96
C ARG A 214 -11.17 -33.24 -20.47
N LEU A 215 -11.40 -34.18 -21.37
CA LEU A 215 -12.12 -35.40 -21.04
C LEU A 215 -11.18 -36.41 -20.38
N PHE A 216 -9.90 -36.30 -20.69
CA PHE A 216 -8.85 -37.23 -20.25
C PHE A 216 -9.09 -38.65 -20.75
N LYS A 217 -9.82 -38.75 -21.85
CA LYS A 217 -9.85 -39.97 -22.63
C LYS A 217 -9.62 -39.61 -24.08
N ASP A 218 -8.70 -40.34 -24.72
CA ASP A 218 -8.37 -40.21 -26.15
C ASP A 218 -7.88 -38.81 -26.55
N GLY A 219 -7.36 -38.07 -25.58
CA GLY A 219 -6.83 -36.74 -25.85
C GLY A 219 -7.89 -35.66 -25.96
N LYS A 220 -9.15 -36.05 -25.81
CA LYS A 220 -10.27 -35.20 -26.19
C LYS A 220 -10.66 -34.12 -25.18
N LEU A 221 -11.38 -33.13 -25.69
CA LEU A 221 -12.03 -32.11 -24.87
C LEU A 221 -13.44 -32.55 -24.50
N LYS A 222 -13.89 -32.20 -23.30
CA LYS A 222 -15.27 -32.47 -22.88
C LYS A 222 -16.24 -31.79 -23.83
N TYR A 223 -17.40 -32.41 -24.01
CA TYR A 223 -18.44 -31.88 -24.87
C TYR A 223 -19.78 -32.42 -24.42
N GLN A 224 -20.86 -31.83 -24.92
CA GLN A 224 -22.17 -32.41 -24.70
C GLN A 224 -22.84 -32.62 -26.03
N VAL A 225 -23.86 -33.47 -26.05
CA VAL A 225 -24.64 -33.70 -27.25
C VAL A 225 -26.05 -33.19 -27.03
N ILE A 226 -26.47 -32.27 -27.90
CA ILE A 226 -27.81 -31.69 -27.83
C ILE A 226 -28.50 -31.90 -29.17
N GLY A 227 -29.62 -32.63 -29.16
CA GLY A 227 -30.33 -32.95 -30.38
C GLY A 227 -29.42 -33.58 -31.42
N GLY A 228 -28.57 -34.50 -30.98
CA GLY A 228 -27.64 -35.19 -31.85
C GLY A 228 -26.42 -34.38 -32.28
N GLU A 229 -26.28 -33.17 -31.75
CA GLU A 229 -25.18 -32.28 -32.16
C GLU A 229 -24.21 -32.00 -31.03
N VAL A 230 -22.92 -31.91 -31.36
CA VAL A 230 -21.87 -31.68 -30.37
C VAL A 230 -21.66 -30.21 -30.04
N TYR A 231 -21.74 -29.91 -28.74
CA TYR A 231 -21.54 -28.54 -28.24
C TYR A 231 -20.56 -28.52 -27.08
N PRO A 232 -20.05 -27.33 -26.73
CA PRO A 232 -19.21 -27.27 -25.52
C PRO A 232 -19.97 -27.75 -24.29
N PRO A 233 -19.25 -28.18 -23.24
CA PRO A 233 -19.90 -28.56 -21.99
C PRO A 233 -20.36 -27.32 -21.24
N THR A 234 -21.03 -27.47 -20.11
CA THR A 234 -21.51 -26.33 -19.36
C THR A 234 -20.57 -25.95 -18.21
N VAL A 235 -20.73 -24.72 -17.73
CA VAL A 235 -20.06 -24.27 -16.51
C VAL A 235 -20.44 -25.16 -15.34
N LYS A 236 -21.71 -25.50 -15.26
CA LYS A 236 -22.22 -26.34 -14.20
C LYS A 236 -21.50 -27.66 -14.15
N ASP A 237 -21.24 -28.25 -15.30
CA ASP A 237 -20.56 -29.51 -15.35
C ASP A 237 -19.04 -29.45 -15.19
N THR A 238 -18.44 -28.33 -15.51
CA THR A 238 -16.99 -28.25 -15.54
C THR A 238 -16.36 -27.41 -14.45
N GLN A 239 -17.09 -26.48 -13.92
CA GLN A 239 -16.57 -25.46 -13.06
C GLN A 239 -15.56 -24.55 -13.75
N VAL A 240 -15.67 -24.45 -15.06
CA VAL A 240 -14.86 -23.51 -15.80
C VAL A 240 -15.53 -22.15 -15.72
N GLU A 241 -14.81 -21.13 -15.24
CA GLU A 241 -15.40 -19.80 -15.12
C GLU A 241 -15.65 -19.18 -16.49
N MET A 242 -16.88 -18.69 -16.69
CA MET A 242 -17.23 -17.95 -17.89
C MET A 242 -17.94 -16.65 -17.51
N ILE A 243 -17.91 -15.68 -18.41
CA ILE A 243 -18.64 -14.44 -18.20
C ILE A 243 -20.02 -14.55 -18.84
N TYR A 244 -21.06 -14.61 -17.98
CA TYR A 244 -22.45 -14.62 -18.40
C TYR A 244 -23.25 -13.73 -17.44
N PRO A 245 -24.28 -13.04 -17.97
CA PRO A 245 -25.24 -12.38 -17.08
C PRO A 245 -25.99 -13.43 -16.26
N PRO A 246 -26.41 -13.09 -15.03
CA PRO A 246 -26.92 -14.09 -14.07
C PRO A 246 -28.22 -14.78 -14.50
N HIS A 247 -28.91 -14.22 -15.48
CA HIS A 247 -30.18 -14.76 -15.93
C HIS A 247 -30.07 -15.83 -17.02
N ILE A 248 -28.85 -16.15 -17.43
CA ILE A 248 -28.64 -17.22 -18.40
C ILE A 248 -28.87 -18.59 -17.77
N PRO A 249 -29.74 -19.41 -18.40
CA PRO A 249 -29.99 -20.79 -17.96
C PRO A 249 -28.68 -21.58 -17.88
N GLU A 250 -28.62 -22.52 -16.94
CA GLU A 250 -27.43 -23.34 -16.70
C GLU A 250 -27.06 -24.15 -17.93
N ASN A 251 -28.07 -24.66 -18.61
CA ASN A 251 -27.87 -25.47 -19.81
C ASN A 251 -27.40 -24.63 -20.99
N LEU A 252 -27.39 -23.31 -20.83
CA LEU A 252 -26.94 -22.41 -21.88
C LEU A 252 -25.63 -21.69 -21.57
N GLN A 253 -25.06 -21.95 -20.41
CA GLN A 253 -23.74 -21.40 -20.09
C GLN A 253 -22.63 -22.33 -20.59
N PHE A 254 -22.35 -22.26 -21.89
CA PHE A 254 -21.30 -23.07 -22.48
C PHE A 254 -19.92 -22.66 -21.96
N ALA A 255 -19.07 -23.64 -21.69
CA ALA A 255 -17.73 -23.38 -21.17
C ALA A 255 -16.67 -23.69 -22.21
N VAL A 256 -15.84 -22.70 -22.53
CA VAL A 256 -14.76 -22.85 -23.50
C VAL A 256 -13.50 -22.17 -23.00
N GLY A 257 -12.40 -22.29 -23.75
CA GLY A 257 -11.11 -21.80 -23.31
C GLY A 257 -11.09 -20.33 -22.93
N GLN A 258 -11.74 -19.52 -23.76
CA GLN A 258 -11.80 -18.07 -23.56
C GLN A 258 -13.06 -17.71 -22.80
N GLU A 259 -12.91 -17.07 -21.64
CA GLU A 259 -14.05 -16.82 -20.76
C GLU A 259 -15.10 -15.84 -21.33
N VAL A 260 -14.74 -15.06 -22.35
CA VAL A 260 -15.70 -14.08 -22.88
C VAL A 260 -16.48 -14.56 -24.10
N PHE A 261 -16.26 -15.79 -24.53
CA PHE A 261 -16.83 -16.23 -25.79
C PHE A 261 -18.33 -16.54 -25.72
N GLY A 262 -18.91 -16.49 -24.53
CA GLY A 262 -20.35 -16.51 -24.41
C GLY A 262 -20.99 -15.19 -24.83
N LEU A 263 -20.18 -14.16 -25.05
CA LEU A 263 -20.65 -12.82 -25.42
C LEU A 263 -21.57 -12.80 -26.63
N VAL A 264 -21.19 -13.51 -27.68
CA VAL A 264 -21.97 -13.55 -28.91
C VAL A 264 -21.95 -14.94 -29.51
N PRO A 265 -23.11 -15.37 -30.05
CA PRO A 265 -23.28 -16.68 -30.68
C PRO A 265 -22.28 -16.93 -31.80
N GLY A 266 -21.80 -15.86 -32.42
CA GLY A 266 -20.79 -15.97 -33.46
C GLY A 266 -19.45 -16.47 -32.94
N LEU A 267 -19.09 -16.06 -31.72
CA LEU A 267 -17.88 -16.59 -31.10
C LEU A 267 -18.10 -18.05 -30.70
N MET A 268 -19.27 -18.33 -30.12
CA MET A 268 -19.59 -19.69 -29.69
C MET A 268 -19.66 -20.67 -30.88
N MET A 269 -20.06 -20.17 -32.04
CA MET A 269 -20.05 -20.98 -33.26
C MET A 269 -18.65 -21.51 -33.57
N TYR A 270 -17.67 -20.60 -33.60
CA TYR A 270 -16.30 -20.98 -33.89
C TYR A 270 -15.69 -21.79 -32.75
N ALA A 271 -16.06 -21.47 -31.51
CA ALA A 271 -15.58 -22.25 -30.38
C ALA A 271 -16.01 -23.70 -30.54
N THR A 272 -17.25 -23.87 -30.99
CA THR A 272 -17.83 -25.20 -31.20
C THR A 272 -17.16 -25.93 -32.35
N ILE A 273 -16.97 -25.24 -33.46
CA ILE A 273 -16.30 -25.82 -34.62
C ILE A 273 -14.87 -26.30 -34.28
N TRP A 274 -14.10 -25.48 -33.60
CA TRP A 274 -12.72 -25.82 -33.26
C TRP A 274 -12.66 -26.95 -32.21
N LEU A 275 -13.66 -26.98 -31.33
CA LEU A 275 -13.79 -28.05 -30.36
C LEU A 275 -14.01 -29.38 -31.07
N ARG A 276 -14.94 -29.39 -32.03
CA ARG A 276 -15.15 -30.56 -32.86
C ARG A 276 -13.90 -30.95 -33.63
N GLU A 277 -13.17 -29.98 -34.14
CA GLU A 277 -11.94 -30.24 -34.90
C GLU A 277 -10.88 -30.92 -34.03
N HIS A 278 -10.71 -30.46 -32.79
CA HIS A 278 -9.77 -31.09 -31.87
C HIS A 278 -10.09 -32.57 -31.68
N ASN A 279 -11.34 -32.87 -31.37
CA ASN A 279 -11.74 -34.26 -31.13
C ASN A 279 -11.68 -35.10 -32.40
N ARG A 280 -11.90 -34.47 -33.55
CA ARG A 280 -11.74 -35.14 -34.84
C ARG A 280 -10.27 -35.55 -35.04
N VAL A 281 -9.37 -34.62 -34.77
CA VAL A 281 -7.94 -34.87 -34.92
C VAL A 281 -7.52 -35.95 -33.90
N CYS A 282 -8.15 -35.96 -32.73
CA CYS A 282 -7.91 -37.02 -31.76
C CYS A 282 -8.28 -38.40 -32.31
N ASP A 283 -9.42 -38.50 -32.99
CA ASP A 283 -9.82 -39.77 -33.59
C ASP A 283 -8.79 -40.23 -34.63
N ILE A 284 -8.36 -39.31 -35.47
CA ILE A 284 -7.37 -39.61 -36.51
C ILE A 284 -6.05 -40.09 -35.93
N LEU A 285 -5.55 -39.37 -34.93
CA LEU A 285 -4.27 -39.74 -34.31
C LEU A 285 -4.37 -41.07 -33.57
N LYS A 286 -5.52 -41.32 -32.94
CA LYS A 286 -5.72 -42.57 -32.21
C LYS A 286 -5.70 -43.75 -33.19
N GLN A 287 -6.28 -43.54 -34.36
CA GLN A 287 -6.23 -44.53 -35.44
C GLN A 287 -4.78 -44.80 -35.86
N GLU A 288 -3.99 -43.75 -35.98
CA GLU A 288 -2.60 -43.91 -36.41
C GLU A 288 -1.72 -44.45 -35.27
N HIS A 289 -2.08 -44.12 -34.04
CA HIS A 289 -1.26 -44.47 -32.89
C HIS A 289 -2.09 -45.12 -31.81
N PRO A 290 -2.51 -46.37 -32.02
CA PRO A 290 -3.29 -47.06 -30.99
C PRO A 290 -2.48 -47.21 -29.69
N GLU A 291 -1.16 -47.10 -29.77
CA GLU A 291 -0.28 -47.26 -28.61
C GLU A 291 -0.15 -45.99 -27.76
N TRP A 292 -0.67 -44.87 -28.26
CA TRP A 292 -0.56 -43.61 -27.55
C TRP A 292 -1.56 -43.45 -26.40
N GLY A 293 -1.18 -42.70 -25.39
CA GLY A 293 -2.07 -42.36 -24.29
C GLY A 293 -2.82 -41.06 -24.50
N ASP A 294 -3.70 -40.75 -23.56
CA ASP A 294 -4.53 -39.54 -23.62
C ASP A 294 -3.70 -38.27 -23.70
N GLU A 295 -2.65 -38.20 -22.89
CA GLU A 295 -1.84 -36.98 -22.81
C GLU A 295 -1.20 -36.65 -24.17
N GLN A 296 -0.55 -37.63 -24.80
CA GLN A 296 0.12 -37.38 -26.07
C GLN A 296 -0.87 -37.08 -27.21
N LEU A 297 -2.04 -37.72 -27.17
CA LEU A 297 -3.08 -37.44 -28.16
C LEU A 297 -3.55 -36.00 -28.01
N PHE A 298 -3.75 -35.56 -26.78
CA PHE A 298 -4.17 -34.19 -26.54
C PHE A 298 -3.13 -33.18 -27.04
N GLN A 299 -1.89 -33.37 -26.62
CA GLN A 299 -0.82 -32.41 -26.93
C GLN A 299 -0.54 -32.36 -28.42
N THR A 300 -0.56 -33.52 -29.08
CA THR A 300 -0.25 -33.59 -30.49
C THR A 300 -1.37 -32.94 -31.29
N SER A 301 -2.62 -33.17 -30.89
CA SER A 301 -3.76 -32.55 -31.56
C SER A 301 -3.68 -31.02 -31.46
N ARG A 302 -3.37 -30.52 -30.25
CA ARG A 302 -3.23 -29.08 -30.05
C ARG A 302 -2.19 -28.48 -31.01
N LEU A 303 -1.05 -29.15 -31.17
CA LEU A 303 -0.03 -28.67 -32.09
C LEU A 303 -0.56 -28.64 -33.53
N ILE A 304 -1.30 -29.67 -33.89
CA ILE A 304 -1.89 -29.72 -35.22
C ILE A 304 -2.87 -28.56 -35.43
N LEU A 305 -3.74 -28.31 -34.44
CA LEU A 305 -4.72 -27.23 -34.59
C LEU A 305 -4.06 -25.86 -34.64
N ILE A 306 -2.97 -25.69 -33.89
CA ILE A 306 -2.17 -24.47 -33.99
C ILE A 306 -1.70 -24.31 -35.43
N GLY A 307 -1.19 -25.39 -36.01
CA GLY A 307 -0.78 -25.39 -37.41
C GLY A 307 -1.89 -25.04 -38.37
N GLU A 308 -3.05 -25.68 -38.20
CA GLU A 308 -4.22 -25.41 -39.04
C GLU A 308 -4.62 -23.94 -38.97
N THR A 309 -4.56 -23.39 -37.76
CA THR A 309 -4.95 -22.00 -37.54
C THR A 309 -4.03 -21.08 -38.35
N ILE A 310 -2.72 -21.28 -38.23
CA ILE A 310 -1.77 -20.43 -38.94
C ILE A 310 -1.94 -20.57 -40.45
N LYS A 311 -2.14 -21.80 -40.90
CA LYS A 311 -2.41 -22.10 -42.31
C LYS A 311 -3.63 -21.36 -42.85
N ILE A 312 -4.75 -21.46 -42.13
CA ILE A 312 -5.98 -20.84 -42.58
C ILE A 312 -5.87 -19.32 -42.54
N VAL A 313 -5.24 -18.82 -41.48
CA VAL A 313 -5.11 -17.37 -41.35
C VAL A 313 -4.31 -16.77 -42.51
N ILE A 314 -3.25 -17.43 -42.94
CA ILE A 314 -2.45 -16.93 -44.04
C ILE A 314 -3.13 -17.10 -45.40
N GLU A 315 -3.57 -18.33 -45.70
CA GLU A 315 -4.00 -18.64 -47.07
C GLU A 315 -5.49 -18.37 -47.35
N ASP A 316 -6.31 -18.18 -46.32
CA ASP A 316 -7.71 -17.81 -46.55
C ASP A 316 -8.01 -16.43 -46.03
N TYR A 317 -7.61 -16.18 -44.79
CA TYR A 317 -7.98 -14.97 -44.06
C TYR A 317 -7.20 -13.76 -44.56
N VAL A 318 -5.87 -13.81 -44.47
CA VAL A 318 -5.05 -12.73 -44.98
C VAL A 318 -5.20 -12.62 -46.51
N GLN A 319 -5.34 -13.77 -47.17
CA GLN A 319 -5.56 -13.80 -48.60
C GLN A 319 -6.77 -12.94 -48.97
N HIS A 320 -7.88 -13.15 -48.28
CA HIS A 320 -9.09 -12.39 -48.53
C HIS A 320 -8.91 -10.89 -48.25
N LEU A 321 -8.32 -10.57 -47.11
CA LEU A 321 -8.13 -9.18 -46.71
C LEU A 321 -7.27 -8.42 -47.73
N SER A 322 -6.26 -9.10 -48.26
CA SER A 322 -5.28 -8.48 -49.13
C SER A 322 -5.84 -8.09 -50.49
N GLY A 323 -6.76 -8.89 -51.00
CA GLY A 323 -7.28 -8.68 -52.34
C GLY A 323 -6.23 -8.94 -53.41
N TYR A 324 -5.12 -9.57 -53.02
CA TYR A 324 -4.04 -9.84 -53.97
C TYR A 324 -4.46 -10.93 -54.95
N HIS A 325 -3.91 -10.86 -56.15
CA HIS A 325 -4.04 -11.96 -57.10
C HIS A 325 -3.00 -13.02 -56.78
N PHE A 326 -1.88 -12.59 -56.19
CA PHE A 326 -0.87 -13.52 -55.73
C PHE A 326 -1.44 -14.40 -54.62
N LYS A 327 -1.14 -15.69 -54.70
CA LYS A 327 -1.65 -16.65 -53.73
C LYS A 327 -0.67 -16.85 -52.57
N LEU A 328 -0.94 -16.20 -51.44
CA LEU A 328 -0.11 -16.32 -50.24
C LEU A 328 0.04 -17.78 -49.81
N LYS A 329 1.12 -18.08 -49.10
CA LYS A 329 1.44 -19.47 -48.77
C LYS A 329 1.95 -19.63 -47.34
N PHE A 330 1.45 -20.62 -46.62
CA PHE A 330 2.03 -20.97 -45.32
C PHE A 330 3.10 -22.02 -45.52
N ASP A 331 4.35 -21.61 -45.32
CA ASP A 331 5.49 -22.51 -45.48
C ASP A 331 6.70 -22.04 -44.66
N PRO A 332 6.83 -22.57 -43.43
CA PRO A 332 7.93 -22.24 -42.52
C PRO A 332 9.32 -22.38 -43.15
N GLU A 333 9.49 -23.34 -44.06
CA GLU A 333 10.78 -23.59 -44.70
C GLU A 333 11.31 -22.36 -45.43
N LEU A 334 10.41 -21.45 -45.79
CA LEU A 334 10.78 -20.21 -46.46
C LEU A 334 11.74 -19.33 -45.64
N LEU A 335 11.72 -19.48 -44.32
CA LEU A 335 12.52 -18.65 -43.43
C LEU A 335 13.77 -19.34 -42.90
N PHE A 336 13.98 -20.59 -43.28
CA PHE A 336 15.06 -21.39 -42.70
C PHE A 336 16.47 -20.89 -43.07
N ASN A 337 16.59 -20.17 -44.18
CA ASN A 337 17.88 -19.59 -44.56
C ASN A 337 17.89 -18.09 -44.34
N GLN A 338 16.97 -17.62 -43.52
CA GLN A 338 16.83 -16.20 -43.25
C GLN A 338 17.14 -15.90 -41.79
N GLN A 339 17.48 -14.65 -41.49
CA GLN A 339 17.57 -14.20 -40.11
C GLN A 339 16.17 -13.92 -39.62
N PHE A 340 15.73 -14.65 -38.60
CA PHE A 340 14.36 -14.50 -38.10
C PHE A 340 14.26 -15.03 -36.67
N GLN A 341 13.63 -14.24 -35.80
CA GLN A 341 13.45 -14.60 -34.40
C GLN A 341 12.12 -15.32 -34.19
N TYR A 342 12.18 -16.60 -33.79
CA TYR A 342 10.98 -17.35 -33.48
C TYR A 342 10.48 -17.00 -32.08
N GLN A 343 9.90 -15.81 -31.98
CA GLN A 343 9.31 -15.32 -30.74
C GLN A 343 8.44 -14.12 -31.08
N ASN A 344 7.55 -13.75 -30.18
CA ASN A 344 6.69 -12.61 -30.42
C ASN A 344 6.17 -12.07 -29.10
N ARG A 345 5.98 -10.76 -29.05
CA ARG A 345 5.36 -10.08 -27.93
C ARG A 345 4.26 -9.22 -28.52
N ILE A 346 3.03 -9.36 -28.02
CA ILE A 346 1.89 -8.67 -28.61
C ILE A 346 1.95 -7.17 -28.32
N ALA A 347 1.90 -6.37 -29.38
CA ALA A 347 1.98 -4.91 -29.25
C ALA A 347 0.61 -4.31 -28.99
N SER A 348 0.60 -3.31 -28.12
CA SER A 348 -0.59 -2.56 -27.78
C SER A 348 -1.22 -1.93 -29.02
N GLU A 349 -0.38 -1.40 -29.91
CA GLU A 349 -0.84 -0.76 -31.14
C GLU A 349 -1.52 -1.74 -32.10
N PHE A 350 -1.03 -2.97 -32.13
CA PHE A 350 -1.63 -4.04 -32.90
C PHE A 350 -3.06 -4.27 -32.44
N ASN A 351 -3.22 -4.36 -31.11
CA ASN A 351 -4.53 -4.47 -30.49
C ASN A 351 -5.43 -3.34 -30.97
N THR A 352 -4.94 -2.12 -30.83
CA THR A 352 -5.72 -0.94 -31.20
C THR A 352 -6.13 -0.97 -32.67
N LEU A 353 -5.21 -1.32 -33.55
CA LEU A 353 -5.48 -1.34 -34.99
C LEU A 353 -6.55 -2.39 -35.35
N TYR A 354 -6.65 -3.42 -34.52
CA TYR A 354 -7.54 -4.55 -34.79
C TYR A 354 -8.97 -4.38 -34.25
N HIS A 355 -9.28 -3.21 -33.71
CA HIS A 355 -10.65 -2.92 -33.28
C HIS A 355 -11.56 -2.68 -34.50
N TRP A 356 -11.98 -3.76 -35.14
CA TRP A 356 -12.69 -3.68 -36.41
C TRP A 356 -14.21 -3.72 -36.28
N HIS A 357 -14.74 -3.03 -35.27
CA HIS A 357 -16.17 -3.03 -35.05
C HIS A 357 -17.04 -2.49 -36.21
N PRO A 358 -16.48 -1.64 -37.11
CA PRO A 358 -17.35 -1.30 -38.26
C PRO A 358 -17.78 -2.50 -39.09
N LEU A 359 -17.08 -3.63 -38.93
CA LEU A 359 -17.47 -4.87 -39.61
C LEU A 359 -18.89 -5.27 -39.29
N LEU A 360 -19.33 -4.97 -38.08
CA LEU A 360 -20.61 -5.45 -37.58
C LEU A 360 -21.79 -4.81 -38.32
N PRO A 361 -22.80 -5.63 -38.63
CA PRO A 361 -24.02 -5.16 -39.28
C PRO A 361 -24.94 -4.53 -38.26
N ASP A 362 -26.05 -3.97 -38.71
CA ASP A 362 -27.02 -3.38 -37.80
C ASP A 362 -27.84 -4.47 -37.13
N THR A 363 -28.06 -5.55 -37.86
CA THR A 363 -28.77 -6.71 -37.32
C THR A 363 -28.05 -7.97 -37.77
N PHE A 364 -28.23 -9.05 -37.01
CA PHE A 364 -27.62 -10.33 -37.36
C PHE A 364 -28.65 -11.24 -37.99
N ASN A 365 -28.43 -11.58 -39.25
CA ASN A 365 -29.44 -12.27 -40.02
C ASN A 365 -29.18 -13.77 -40.12
N ILE A 366 -29.98 -14.55 -39.42
CA ILE A 366 -29.84 -16.00 -39.44
C ILE A 366 -31.13 -16.65 -39.91
N GLU A 367 -31.03 -17.41 -40.98
CA GLU A 367 -32.19 -18.00 -41.62
C GLU A 367 -33.14 -16.86 -41.97
N ASP A 368 -34.36 -16.88 -41.45
CA ASP A 368 -35.30 -15.81 -41.76
C ASP A 368 -35.44 -14.78 -40.64
N GLN A 369 -34.58 -14.86 -39.62
CA GLN A 369 -34.61 -13.89 -38.52
C GLN A 369 -33.58 -12.77 -38.69
N GLU A 370 -33.88 -11.61 -38.11
CA GLU A 370 -32.91 -10.52 -38.06
C GLU A 370 -32.79 -10.04 -36.63
N TYR A 371 -31.74 -10.48 -35.94
CA TYR A 371 -31.59 -10.18 -34.52
C TYR A 371 -30.91 -8.85 -34.28
N SER A 372 -31.49 -8.08 -33.37
CA SER A 372 -30.85 -6.88 -32.86
C SER A 372 -29.66 -7.27 -32.00
N PHE A 373 -28.78 -6.31 -31.70
CA PHE A 373 -27.67 -6.54 -30.79
C PHE A 373 -28.19 -7.05 -29.46
N LYS A 374 -29.24 -6.40 -28.96
CA LYS A 374 -29.86 -6.77 -27.69
C LYS A 374 -30.33 -8.23 -27.68
N GLN A 375 -30.86 -8.68 -28.80
CA GLN A 375 -31.32 -10.06 -28.90
C GLN A 375 -30.15 -11.03 -29.11
N PHE A 376 -29.10 -10.56 -29.77
CA PHE A 376 -28.01 -11.44 -30.17
C PHE A 376 -27.04 -11.71 -29.02
N LEU A 377 -26.67 -10.66 -28.27
CA LEU A 377 -25.65 -10.79 -27.23
C LEU A 377 -26.01 -11.75 -26.10
N TYR A 378 -25.02 -12.57 -25.73
CA TYR A 378 -25.16 -13.53 -24.63
C TYR A 378 -26.34 -14.47 -24.80
N ASN A 379 -26.64 -14.82 -26.04
CA ASN A 379 -27.81 -15.64 -26.32
C ASN A 379 -27.46 -16.91 -27.10
N ASN A 380 -26.96 -17.91 -26.39
CA ASN A 380 -26.59 -19.17 -27.03
C ASN A 380 -27.79 -20.01 -27.47
N SER A 381 -29.00 -19.65 -27.03
CA SER A 381 -30.17 -20.40 -27.47
C SER A 381 -30.38 -20.22 -28.97
N ILE A 382 -29.89 -19.11 -29.50
CA ILE A 382 -29.98 -18.85 -30.94
C ILE A 382 -29.17 -19.89 -31.72
N LEU A 383 -27.97 -20.18 -31.21
CA LEU A 383 -27.11 -21.18 -31.83
C LEU A 383 -27.81 -22.55 -31.78
N LEU A 384 -28.40 -22.88 -30.63
CA LEU A 384 -29.14 -24.14 -30.49
C LEU A 384 -30.38 -24.21 -31.38
N GLU A 385 -31.10 -23.10 -31.48
CA GLU A 385 -32.31 -23.02 -32.29
C GLU A 385 -32.00 -23.33 -33.75
N HIS A 386 -30.99 -22.67 -34.29
CA HIS A 386 -30.72 -22.77 -35.72
C HIS A 386 -29.70 -23.86 -36.05
N GLY A 387 -28.74 -24.08 -35.16
CA GLY A 387 -27.71 -25.07 -35.43
C GLY A 387 -26.55 -24.50 -36.22
N LEU A 388 -25.43 -25.23 -36.20
CA LEU A 388 -24.19 -24.78 -36.83
C LEU A 388 -24.30 -24.61 -38.34
N THR A 389 -24.96 -25.57 -38.98
CA THR A 389 -25.09 -25.57 -40.43
C THR A 389 -25.77 -24.30 -40.92
N GLN A 390 -26.88 -23.97 -40.28
CA GLN A 390 -27.64 -22.78 -40.65
C GLN A 390 -26.85 -21.51 -40.31
N PHE A 391 -26.10 -21.55 -39.21
CA PHE A 391 -25.21 -20.44 -38.85
C PHE A 391 -24.18 -20.15 -39.94
N VAL A 392 -23.46 -21.20 -40.34
CA VAL A 392 -22.46 -21.06 -41.40
C VAL A 392 -23.11 -20.54 -42.70
N GLU A 393 -24.23 -21.14 -43.09
CA GLU A 393 -24.89 -20.74 -44.33
C GLU A 393 -25.33 -19.28 -44.28
N SER A 394 -25.92 -18.88 -43.16
CA SER A 394 -26.38 -17.50 -43.00
C SER A 394 -25.23 -16.50 -42.91
N PHE A 395 -24.21 -16.82 -42.13
CA PHE A 395 -23.11 -15.88 -41.96
C PHE A 395 -22.24 -15.78 -43.23
N THR A 396 -22.24 -16.83 -44.04
CA THR A 396 -21.53 -16.79 -45.31
C THR A 396 -22.24 -15.82 -46.27
N ARG A 397 -23.56 -15.69 -46.12
CA ARG A 397 -24.33 -14.84 -47.01
C ARG A 397 -24.42 -13.37 -46.56
N GLN A 398 -24.21 -13.09 -45.27
CA GLN A 398 -24.42 -11.72 -44.79
C GLN A 398 -23.17 -10.87 -44.93
N ILE A 399 -23.29 -9.72 -45.58
CA ILE A 399 -22.11 -8.89 -45.82
C ILE A 399 -21.72 -8.10 -44.57
N ALA A 400 -20.42 -7.85 -44.40
CA ALA A 400 -19.89 -7.06 -43.29
C ALA A 400 -19.65 -5.61 -43.72
N GLY A 401 -19.39 -4.74 -42.76
CA GLY A 401 -19.20 -3.34 -43.06
C GLY A 401 -17.77 -2.95 -43.41
N ARG A 402 -17.62 -1.86 -44.17
CA ARG A 402 -16.30 -1.31 -44.46
CA ARG A 402 -16.30 -1.31 -44.46
C ARG A 402 -15.67 -0.75 -43.18
N VAL A 403 -14.37 -0.95 -42.99
CA VAL A 403 -13.72 -0.52 -41.75
C VAL A 403 -13.15 0.91 -41.85
N ALA A 404 -12.40 1.20 -42.91
CA ALA A 404 -11.94 2.56 -43.15
C ALA A 404 -13.04 3.34 -43.89
N GLY A 405 -12.78 4.60 -44.19
CA GLY A 405 -13.73 5.41 -44.94
C GLY A 405 -14.68 6.21 -44.07
N GLY A 406 -14.66 5.97 -42.76
CA GLY A 406 -15.37 6.81 -41.83
C GLY A 406 -16.83 6.46 -41.59
N ARG A 407 -17.34 6.90 -40.45
CA ARG A 407 -18.77 6.87 -40.11
C ARG A 407 -19.40 5.49 -40.34
N ASN A 408 -18.81 4.45 -39.77
CA ASN A 408 -19.39 3.13 -39.96
C ASN A 408 -19.33 2.26 -38.71
N VAL A 409 -19.12 2.89 -37.57
CA VAL A 409 -19.21 2.17 -36.30
C VAL A 409 -20.66 2.08 -35.89
N PRO A 410 -21.18 0.85 -35.73
CA PRO A 410 -22.60 0.74 -35.32
C PRO A 410 -22.80 1.39 -33.95
N ILE A 411 -23.92 2.10 -33.82
CA ILE A 411 -24.20 2.87 -32.62
C ILE A 411 -24.33 1.97 -31.40
N ALA A 412 -24.75 0.72 -31.63
CA ALA A 412 -24.87 -0.26 -30.57
C ALA A 412 -23.57 -0.44 -29.77
N VAL A 413 -22.43 -0.26 -30.42
CA VAL A 413 -21.15 -0.39 -29.75
C VAL A 413 -20.40 0.93 -29.69
N GLN A 414 -21.12 2.04 -29.60
CA GLN A 414 -20.48 3.35 -29.59
C GLN A 414 -19.55 3.50 -28.38
N ALA A 415 -19.92 2.90 -27.25
CA ALA A 415 -19.10 2.98 -26.04
C ALA A 415 -17.76 2.26 -26.24
N VAL A 416 -17.75 1.24 -27.08
CA VAL A 416 -16.50 0.52 -27.34
C VAL A 416 -15.56 1.41 -28.13
N ALA A 417 -16.10 2.10 -29.13
CA ALA A 417 -15.30 2.97 -29.97
C ALA A 417 -14.74 4.14 -29.15
N LYS A 418 -15.55 4.69 -28.26
CA LYS A 418 -15.10 5.79 -27.42
C LYS A 418 -13.98 5.32 -26.48
N ALA A 419 -14.12 4.12 -25.95
CA ALA A 419 -13.12 3.56 -25.05
C ALA A 419 -11.77 3.34 -25.75
N SER A 420 -11.82 2.95 -27.02
CA SER A 420 -10.60 2.80 -27.80
C SER A 420 -9.86 4.13 -27.89
N ILE A 421 -10.61 5.21 -28.10
CA ILE A 421 -10.02 6.55 -28.14
C ILE A 421 -9.46 6.90 -26.77
N ASP A 422 -10.27 6.77 -25.74
CA ASP A 422 -9.87 7.17 -24.39
C ASP A 422 -8.72 6.35 -23.82
N GLN A 423 -8.67 5.06 -24.15
CA GLN A 423 -7.61 4.22 -23.60
C GLN A 423 -6.30 4.43 -24.36
N SER A 424 -6.38 4.73 -25.65
CA SER A 424 -5.21 5.18 -26.41
C SER A 424 -4.56 6.38 -25.73
N ARG A 425 -5.39 7.33 -25.33
CA ARG A 425 -4.91 8.53 -24.65
C ARG A 425 -4.34 8.18 -23.30
N GLU A 426 -5.06 7.32 -22.59
CA GLU A 426 -4.63 6.86 -21.28
C GLU A 426 -3.25 6.21 -21.37
N MET A 427 -2.99 5.51 -22.47
CA MET A 427 -1.71 4.83 -22.67
C MET A 427 -0.65 5.73 -23.31
N LYS A 428 -0.99 7.01 -23.47
CA LYS A 428 -0.07 8.03 -23.98
C LYS A 428 0.53 7.68 -25.34
N TYR A 429 -0.33 7.22 -26.25
CA TYR A 429 0.05 6.97 -27.64
C TYR A 429 0.59 8.23 -28.32
N GLN A 430 1.66 8.07 -29.09
CA GLN A 430 2.08 9.15 -29.98
C GLN A 430 1.05 9.32 -31.11
N SER A 431 1.23 10.34 -31.94
CA SER A 431 0.26 10.71 -32.97
C SER A 431 0.25 9.77 -34.17
N LEU A 432 -0.79 9.88 -34.99
CA LEU A 432 -0.89 9.16 -36.26
C LEU A 432 0.39 9.29 -37.09
N ASN A 433 0.85 10.51 -37.30
CA ASN A 433 2.00 10.73 -38.17
C ASN A 433 3.31 10.18 -37.61
N GLU A 434 3.44 10.17 -36.28
CA GLU A 434 4.63 9.54 -35.67
C GLU A 434 4.59 8.04 -35.96
N TYR A 435 3.42 7.44 -35.83
CA TYR A 435 3.29 6.03 -36.14
C TYR A 435 3.49 5.76 -37.62
N ARG A 436 3.05 6.68 -38.46
CA ARG A 436 3.27 6.53 -39.90
C ARG A 436 4.75 6.56 -40.22
N LYS A 437 5.48 7.51 -39.65
CA LYS A 437 6.94 7.56 -39.88
C LYS A 437 7.61 6.30 -39.33
N ARG A 438 7.14 5.83 -38.18
CA ARG A 438 7.69 4.64 -37.57
C ARG A 438 7.61 3.43 -38.51
N PHE A 439 6.60 3.42 -39.38
CA PHE A 439 6.47 2.29 -40.30
C PHE A 439 6.81 2.68 -41.73
N SER A 440 7.70 3.68 -41.85
CA SER A 440 8.26 4.10 -43.12
C SER A 440 7.21 4.64 -44.09
N LEU A 441 6.21 5.33 -43.54
CA LEU A 441 5.19 5.98 -44.36
C LEU A 441 5.36 7.50 -44.30
N LYS A 442 4.98 8.19 -45.36
CA LYS A 442 5.01 9.65 -45.34
C LYS A 442 3.91 10.20 -44.44
N PRO A 443 4.24 11.19 -43.60
CA PRO A 443 3.22 11.86 -42.78
C PRO A 443 2.16 12.51 -43.66
N TYR A 444 0.90 12.48 -43.23
CA TYR A 444 -0.14 13.22 -43.91
C TYR A 444 0.06 14.71 -43.65
N THR A 445 -0.20 15.54 -44.65
CA THR A 445 0.06 16.97 -44.55
C THR A 445 -1.21 17.77 -44.34
N SER A 446 -2.34 17.06 -44.36
CA SER A 446 -3.63 17.68 -44.11
C SER A 446 -4.68 16.63 -43.81
N PHE A 447 -5.81 17.05 -43.27
CA PHE A 447 -6.89 16.13 -42.95
C PHE A 447 -7.58 15.63 -44.22
N GLU A 448 -7.60 16.46 -45.25
CA GLU A 448 -8.18 16.07 -46.52
C GLU A 448 -7.35 14.99 -47.20
N GLU A 449 -6.04 15.05 -47.05
CA GLU A 449 -5.18 13.99 -47.57
C GLU A 449 -5.44 12.67 -46.85
N LEU A 450 -5.70 12.76 -45.56
CA LEU A 450 -6.00 11.58 -44.74
C LEU A 450 -7.30 10.89 -45.19
N THR A 451 -8.37 11.66 -45.35
CA THR A 451 -9.68 11.07 -45.63
C THR A 451 -9.98 10.93 -47.13
N GLY A 452 -9.32 11.72 -47.96
CA GLY A 452 -9.59 11.72 -49.38
C GLY A 452 -10.91 12.40 -49.72
N GLU A 453 -11.46 13.14 -48.77
CA GLU A 453 -12.74 13.83 -48.93
C GLU A 453 -12.70 15.13 -48.15
N LYS A 454 -13.82 15.84 -48.12
CA LYS A 454 -13.86 17.19 -47.54
C LYS A 454 -14.64 17.38 -46.25
N GLU A 455 -15.76 16.68 -46.10
CA GLU A 455 -16.68 16.93 -44.99
C GLU A 455 -16.13 16.45 -43.64
N MET A 456 -15.73 15.18 -43.57
CA MET A 456 -15.13 14.66 -42.34
C MET A 456 -13.82 15.36 -42.04
N ALA A 457 -13.02 15.61 -43.09
CA ALA A 457 -11.75 16.30 -42.95
C ALA A 457 -11.93 17.66 -42.27
N ALA A 458 -12.95 18.40 -42.70
CA ALA A 458 -13.23 19.73 -42.15
C ALA A 458 -13.62 19.65 -40.68
N GLU A 459 -14.43 18.65 -40.32
CA GLU A 459 -14.76 18.41 -38.92
C GLU A 459 -13.55 18.03 -38.07
N LEU A 460 -12.65 17.24 -38.64
CA LEU A 460 -11.44 16.85 -37.91
C LEU A 460 -10.52 18.05 -37.72
N LYS A 461 -10.44 18.91 -38.74
CA LYS A 461 -9.60 20.10 -38.64
C LYS A 461 -10.12 21.03 -37.55
N ALA A 462 -11.44 21.18 -37.48
CA ALA A 462 -12.02 22.03 -36.44
C ALA A 462 -11.70 21.47 -35.05
N LEU A 463 -11.69 20.15 -34.95
CA LEU A 463 -11.43 19.49 -33.67
C LEU A 463 -9.94 19.45 -33.31
N TYR A 464 -9.09 19.07 -34.26
CA TYR A 464 -7.68 18.84 -33.95
C TYR A 464 -6.76 20.01 -34.31
N SER A 465 -7.21 20.85 -35.24
CA SER A 465 -6.46 22.01 -35.74
C SER A 465 -5.22 21.60 -36.54
N ASP A 466 -4.41 20.74 -35.97
CA ASP A 466 -3.12 20.36 -36.55
C ASP A 466 -3.12 18.87 -36.93
N ILE A 467 -2.78 18.57 -38.18
CA ILE A 467 -2.73 17.19 -38.66
C ILE A 467 -1.71 16.36 -37.88
N ASP A 468 -0.67 17.02 -37.38
CA ASP A 468 0.38 16.32 -36.65
C ASP A 468 -0.08 15.92 -35.23
N VAL A 469 -1.34 16.22 -34.93
CA VAL A 469 -1.91 15.94 -33.62
C VAL A 469 -3.08 14.96 -33.77
N MET A 470 -3.41 14.63 -35.01
CA MET A 470 -4.42 13.61 -35.29
C MET A 470 -4.04 12.28 -34.61
N GLU A 471 -5.02 11.60 -34.03
CA GLU A 471 -4.76 10.35 -33.30
C GLU A 471 -4.83 9.11 -34.18
N LEU A 472 -4.10 8.07 -33.77
CA LEU A 472 -3.99 6.85 -34.56
C LEU A 472 -5.34 6.15 -34.76
N TYR A 473 -6.06 5.89 -33.68
CA TYR A 473 -7.26 5.05 -33.79
C TYR A 473 -8.39 5.67 -34.63
N PRO A 474 -8.77 6.94 -34.37
CA PRO A 474 -9.82 7.49 -35.24
C PRO A 474 -9.35 7.64 -36.69
N ALA A 475 -8.06 7.89 -36.88
CA ALA A 475 -7.51 8.03 -38.22
C ALA A 475 -7.70 6.75 -39.04
N LEU A 476 -7.50 5.62 -38.39
CA LEU A 476 -7.65 4.33 -39.04
C LEU A 476 -9.03 4.12 -39.60
N LEU A 477 -10.04 4.59 -38.88
CA LEU A 477 -11.43 4.35 -39.26
C LEU A 477 -11.94 5.40 -40.24
N VAL A 478 -11.28 6.55 -40.35
CA VAL A 478 -11.72 7.57 -41.31
C VAL A 478 -10.80 7.67 -42.53
N GLU A 479 -9.72 6.90 -42.54
CA GLU A 479 -8.72 6.98 -43.62
C GLU A 479 -9.31 6.65 -44.98
N LYS A 480 -8.85 7.36 -46.01
CA LYS A 480 -9.18 7.00 -47.38
C LYS A 480 -8.80 5.54 -47.63
N PRO A 481 -9.80 4.71 -47.94
CA PRO A 481 -9.49 3.31 -48.24
C PRO A 481 -8.70 3.17 -49.53
N ARG A 482 -7.95 2.09 -49.69
CA ARG A 482 -7.49 1.70 -51.02
C ARG A 482 -8.70 1.51 -51.94
N PRO A 483 -8.50 1.60 -53.26
CA PRO A 483 -9.66 1.55 -54.18
C PRO A 483 -10.51 0.29 -53.98
N ASP A 484 -11.77 0.50 -53.61
CA ASP A 484 -12.71 -0.59 -53.36
C ASP A 484 -12.15 -1.59 -52.35
N ALA A 485 -11.37 -1.07 -51.40
CA ALA A 485 -10.78 -1.92 -50.37
C ALA A 485 -11.42 -1.65 -49.01
N ILE A 486 -11.20 -2.56 -48.07
CA ILE A 486 -11.80 -2.44 -46.76
C ILE A 486 -11.00 -1.51 -45.85
N PHE A 487 -9.69 -1.43 -46.08
CA PHE A 487 -8.77 -0.64 -45.23
C PHE A 487 -8.06 0.44 -46.02
N GLY A 488 -7.52 1.42 -45.31
CA GLY A 488 -6.60 2.38 -45.91
C GLY A 488 -5.15 1.95 -45.70
N GLU A 489 -4.21 2.77 -46.18
CA GLU A 489 -2.79 2.46 -46.14
C GLU A 489 -2.23 2.22 -44.74
N THR A 490 -2.63 3.05 -43.78
CA THR A 490 -2.06 2.97 -42.43
C THR A 490 -2.38 1.64 -41.75
N MET A 491 -3.62 1.18 -41.90
CA MET A 491 -4.05 -0.08 -41.30
C MET A 491 -3.20 -1.25 -41.80
N VAL A 492 -3.06 -1.33 -43.11
CA VAL A 492 -2.30 -2.40 -43.75
C VAL A 492 -0.81 -2.36 -43.38
N GLU A 493 -0.18 -1.21 -43.55
CA GLU A 493 1.27 -1.13 -43.38
C GLU A 493 1.74 -1.26 -41.93
N LEU A 494 0.87 -0.90 -40.99
CA LEU A 494 1.20 -1.09 -39.58
C LEU A 494 0.84 -2.50 -39.13
N GLY A 495 -0.32 -2.98 -39.56
CA GLY A 495 -0.86 -4.24 -39.11
C GLY A 495 -0.18 -5.47 -39.68
N ALA A 496 0.15 -5.42 -40.97
CA ALA A 496 0.71 -6.59 -41.65
C ALA A 496 2.02 -7.09 -41.00
N PRO A 497 2.95 -6.19 -40.63
CA PRO A 497 4.14 -6.73 -39.98
C PRO A 497 3.85 -7.42 -38.63
N PHE A 498 3.00 -6.83 -37.79
CA PHE A 498 2.62 -7.48 -36.53
C PHE A 498 2.00 -8.83 -36.77
N SER A 499 1.13 -8.87 -37.79
CA SER A 499 0.36 -10.07 -38.09
C SER A 499 1.27 -11.24 -38.49
N LEU A 500 2.16 -11.00 -39.44
CA LEU A 500 3.03 -12.07 -39.94
C LEU A 500 4.01 -12.53 -38.87
N LYS A 501 4.51 -11.57 -38.09
CA LYS A 501 5.41 -11.86 -37.00
C LYS A 501 4.72 -12.77 -35.99
N GLY A 502 3.46 -12.48 -35.70
CA GLY A 502 2.69 -13.31 -34.78
C GLY A 502 2.44 -14.71 -35.30
N LEU A 503 2.38 -14.84 -36.63
CA LEU A 503 2.11 -16.13 -37.26
C LEU A 503 3.39 -16.97 -37.45
N MET A 504 4.41 -16.38 -38.07
CA MET A 504 5.63 -17.12 -38.36
C MET A 504 6.54 -17.26 -37.14
N GLY A 505 6.38 -16.37 -36.16
CA GLY A 505 7.20 -16.41 -34.96
C GLY A 505 6.89 -17.56 -34.02
N ASN A 506 5.78 -18.25 -34.27
CA ASN A 506 5.37 -19.40 -33.47
C ASN A 506 6.43 -20.51 -33.52
N PRO A 507 6.74 -21.14 -32.37
CA PRO A 507 7.76 -22.19 -32.35
C PRO A 507 7.50 -23.38 -33.29
N ILE A 508 6.24 -23.65 -33.64
CA ILE A 508 6.00 -24.79 -34.51
C ILE A 508 6.54 -24.52 -35.91
N CYS A 509 6.82 -23.26 -36.21
CA CYS A 509 7.40 -22.87 -37.49
C CYS A 509 8.92 -22.97 -37.51
N SER A 510 9.52 -23.20 -36.34
CA SER A 510 10.97 -23.31 -36.26
C SER A 510 11.43 -24.66 -36.81
N PRO A 511 12.67 -24.72 -37.33
CA PRO A 511 13.16 -25.96 -37.95
C PRO A 511 13.13 -27.20 -37.04
N GLN A 512 13.34 -27.10 -35.73
CA GLN A 512 13.31 -28.33 -34.93
C GLN A 512 11.87 -28.81 -34.67
N TYR A 513 10.89 -27.92 -34.84
CA TYR A 513 9.49 -28.31 -34.69
C TYR A 513 8.82 -28.69 -36.03
N TRP A 514 9.20 -28.03 -37.11
CA TRP A 514 8.48 -28.20 -38.37
C TRP A 514 8.90 -29.49 -39.10
N LYS A 515 8.42 -30.61 -38.60
CA LYS A 515 8.72 -31.91 -39.18
C LYS A 515 7.58 -32.85 -38.78
N PRO A 516 7.35 -33.92 -39.56
CA PRO A 516 6.18 -34.79 -39.36
C PRO A 516 6.04 -35.38 -37.97
N SER A 517 7.14 -35.78 -37.33
CA SER A 517 7.06 -36.47 -36.04
C SER A 517 6.51 -35.55 -34.94
N THR A 518 6.67 -34.24 -35.11
CA THR A 518 6.10 -33.28 -34.18
C THR A 518 4.58 -33.45 -34.11
N PHE A 519 4.00 -33.77 -35.25
CA PHE A 519 2.55 -33.82 -35.41
C PHE A 519 2.02 -35.25 -35.55
N GLY A 520 2.78 -36.22 -35.05
CA GLY A 520 2.33 -37.60 -35.00
C GLY A 520 2.55 -38.36 -36.30
N GLY A 521 3.35 -37.80 -37.20
CA GLY A 521 3.63 -38.47 -38.45
C GLY A 521 3.06 -37.74 -39.65
N GLU A 522 3.16 -38.36 -40.82
CA GLU A 522 2.76 -37.70 -42.07
C GLU A 522 1.27 -37.38 -42.13
N VAL A 523 0.45 -38.18 -41.48
CA VAL A 523 -0.99 -37.92 -41.49
C VAL A 523 -1.29 -36.63 -40.73
N GLY A 524 -0.71 -36.49 -39.54
CA GLY A 524 -0.89 -35.28 -38.75
C GLY A 524 -0.36 -34.04 -39.44
N PHE A 525 0.81 -34.18 -40.06
CA PHE A 525 1.44 -33.10 -40.80
C PHE A 525 0.55 -32.64 -41.96
N LYS A 526 -0.05 -33.61 -42.65
CA LYS A 526 -0.87 -33.32 -43.82
C LYS A 526 -2.14 -32.53 -43.45
N ILE A 527 -2.65 -32.79 -42.24
CA ILE A 527 -3.79 -32.04 -41.73
C ILE A 527 -3.49 -30.54 -41.68
N ILE A 528 -2.30 -30.19 -41.22
CA ILE A 528 -1.89 -28.80 -41.19
C ILE A 528 -1.74 -28.24 -42.59
N ASN A 529 -1.01 -28.97 -43.43
CA ASN A 529 -0.65 -28.45 -44.74
C ASN A 529 -1.79 -28.48 -45.77
N THR A 530 -2.91 -29.11 -45.43
CA THR A 530 -4.07 -29.07 -46.32
C THR A 530 -5.26 -28.34 -45.69
N ALA A 531 -5.06 -27.66 -44.57
CA ALA A 531 -6.16 -27.00 -43.88
C ALA A 531 -6.66 -25.78 -44.66
N SER A 532 -7.96 -25.50 -44.53
CA SER A 532 -8.60 -24.34 -45.14
C SER A 532 -9.86 -24.04 -44.34
N ILE A 533 -10.40 -22.83 -44.50
CA ILE A 533 -11.64 -22.49 -43.81
C ILE A 533 -12.75 -23.42 -44.30
N GLN A 534 -12.74 -23.77 -45.59
CA GLN A 534 -13.77 -24.67 -46.12
C GLN A 534 -13.63 -26.08 -45.54
N SER A 535 -12.40 -26.56 -45.39
CA SER A 535 -12.22 -27.92 -44.89
C SER A 535 -12.54 -27.98 -43.38
N LEU A 536 -12.18 -26.92 -42.65
CA LEU A 536 -12.56 -26.82 -41.24
C LEU A 536 -14.08 -26.98 -41.07
N ILE A 537 -14.85 -26.28 -41.91
CA ILE A 537 -16.31 -26.36 -41.85
C ILE A 537 -16.80 -27.70 -42.41
N CYS A 538 -16.25 -28.13 -43.53
CA CYS A 538 -16.70 -29.36 -44.18
C CYS A 538 -16.58 -30.58 -43.26
N ASN A 539 -15.48 -30.65 -42.51
CA ASN A 539 -15.20 -31.80 -41.65
C ASN A 539 -16.01 -31.82 -40.35
N ASN A 540 -16.50 -30.67 -39.93
CA ASN A 540 -17.07 -30.57 -38.60
C ASN A 540 -18.50 -30.06 -38.56
N VAL A 541 -19.01 -29.65 -39.70
CA VAL A 541 -20.37 -29.11 -39.76
C VAL A 541 -21.22 -30.00 -40.66
N LYS A 542 -22.35 -30.44 -40.13
CA LYS A 542 -23.24 -31.37 -40.82
C LYS A 542 -23.63 -30.88 -42.21
N GLY A 543 -23.48 -31.74 -43.20
CA GLY A 543 -23.87 -31.41 -44.56
C GLY A 543 -22.76 -30.74 -45.38
N CYS A 544 -21.61 -30.51 -44.76
CA CYS A 544 -20.48 -29.83 -45.40
C CYS A 544 -20.95 -28.58 -46.15
N PRO A 545 -21.56 -27.61 -45.44
CA PRO A 545 -22.05 -26.46 -46.18
C PRO A 545 -20.92 -25.66 -46.79
N PHE A 546 -21.18 -25.05 -47.93
CA PHE A 546 -20.22 -24.15 -48.53
C PHE A 546 -19.96 -22.99 -47.58
N THR A 547 -18.72 -22.58 -47.48
CA THR A 547 -18.42 -21.34 -46.78
C THR A 547 -17.23 -20.67 -47.43
N SER A 548 -17.02 -19.42 -47.03
CA SER A 548 -16.03 -18.55 -47.64
C SER A 548 -15.95 -17.32 -46.75
N PHE A 549 -14.88 -16.55 -46.90
CA PHE A 549 -14.77 -15.31 -46.14
C PHE A 549 -15.38 -14.12 -46.90
N ASN A 550 -15.83 -14.37 -48.12
CA ASN A 550 -16.51 -13.33 -48.87
C ASN A 550 -17.89 -13.79 -49.32
N VAL A 551 -18.79 -12.83 -49.52
CA VAL A 551 -20.13 -13.16 -49.98
C VAL A 551 -20.08 -13.62 -51.42
N GLN A 552 -20.97 -14.54 -51.75
CA GLN A 552 -21.02 -15.13 -53.08
C GLN A 552 -21.99 -14.35 -53.96
N ALA B 1 8.91 -51.58 -23.56
CA ALA B 1 7.57 -51.56 -24.11
C ALA B 1 7.46 -50.52 -25.23
N ASN B 2 7.79 -49.26 -24.92
CA ASN B 2 7.92 -48.25 -25.96
C ASN B 2 8.98 -48.72 -26.95
N PRO B 3 8.62 -48.85 -28.23
CA PRO B 3 9.60 -49.32 -29.22
C PRO B 3 10.75 -48.34 -29.44
N CYS B 4 10.66 -47.15 -28.86
CA CYS B 4 11.73 -46.17 -28.96
C CYS B 4 12.69 -46.27 -27.78
N CYS B 5 12.46 -47.24 -26.91
CA CYS B 5 13.25 -47.39 -25.69
C CYS B 5 14.74 -47.60 -25.96
N SER B 6 15.08 -48.18 -27.11
CA SER B 6 16.49 -48.45 -27.39
C SER B 6 17.21 -47.26 -28.01
N ASN B 7 16.51 -46.13 -28.15
CA ASN B 7 17.09 -44.96 -28.82
C ASN B 7 17.66 -45.32 -30.18
N PRO B 8 16.83 -45.91 -31.07
CA PRO B 8 17.37 -46.45 -32.32
C PRO B 8 17.79 -45.39 -33.32
N CYS B 9 17.17 -44.22 -33.29
CA CYS B 9 17.45 -43.18 -34.27
C CYS B 9 18.77 -42.47 -33.96
N GLN B 10 19.63 -42.36 -34.97
CA GLN B 10 20.94 -41.75 -34.82
C GLN B 10 20.98 -40.35 -35.46
N ASN B 11 22.04 -39.61 -35.15
CA ASN B 11 22.30 -38.32 -35.79
C ASN B 11 21.14 -37.33 -35.62
N ARG B 12 20.53 -37.35 -34.43
CA ARG B 12 19.48 -36.42 -34.01
C ARG B 12 18.15 -36.63 -34.76
N GLY B 13 18.01 -37.79 -35.41
CA GLY B 13 16.72 -38.20 -35.91
C GLY B 13 15.75 -38.42 -34.75
N GLU B 14 14.47 -38.25 -35.02
CA GLU B 14 13.45 -38.37 -33.97
C GLU B 14 12.69 -39.69 -34.05
N CYS B 15 12.55 -40.35 -32.90
CA CYS B 15 11.85 -41.62 -32.83
C CYS B 15 10.40 -41.39 -32.47
N MET B 16 9.52 -42.04 -33.23
CA MET B 16 8.09 -41.98 -32.99
C MET B 16 7.57 -43.40 -33.08
N SER B 17 6.74 -43.81 -32.11
CA SER B 17 6.11 -45.11 -32.22
C SER B 17 5.07 -45.07 -33.35
N THR B 18 5.00 -46.13 -34.14
CA THR B 18 4.04 -46.20 -35.24
C THR B 18 3.10 -47.38 -35.01
N GLY B 19 3.09 -47.86 -33.77
CA GLY B 19 2.32 -49.03 -33.41
C GLY B 19 2.89 -49.52 -32.10
N PHE B 20 2.41 -50.65 -31.63
CA PHE B 20 2.86 -51.18 -30.33
C PHE B 20 4.31 -51.69 -30.33
N ASP B 21 4.81 -52.12 -31.48
CA ASP B 21 6.15 -52.70 -31.56
C ASP B 21 6.93 -52.22 -32.78
N GLN B 22 6.53 -51.06 -33.31
CA GLN B 22 7.22 -50.49 -34.45
C GLN B 22 7.50 -49.02 -34.22
N TYR B 23 8.56 -48.52 -34.83
CA TYR B 23 8.91 -47.12 -34.75
C TYR B 23 9.21 -46.56 -36.13
N LYS B 24 9.23 -45.24 -36.23
CA LYS B 24 9.77 -44.60 -37.43
C LYS B 24 10.73 -43.51 -36.98
N CYS B 25 11.84 -43.38 -37.68
CA CYS B 25 12.76 -42.29 -37.41
C CYS B 25 12.46 -41.16 -38.38
N ASP B 26 12.35 -39.95 -37.86
CA ASP B 26 12.19 -38.77 -38.68
C ASP B 26 13.59 -38.18 -38.89
N CYS B 27 14.11 -38.34 -40.11
CA CYS B 27 15.49 -37.96 -40.41
C CYS B 27 15.62 -36.57 -41.02
N THR B 28 14.50 -35.85 -41.05
CA THR B 28 14.44 -34.48 -41.58
C THR B 28 15.59 -33.58 -41.14
N ARG B 29 16.36 -33.10 -42.12
CA ARG B 29 17.47 -32.16 -41.92
C ARG B 29 18.60 -32.65 -41.01
N THR B 30 18.71 -33.96 -40.85
CA THR B 30 19.83 -34.53 -40.10
C THR B 30 21.09 -34.65 -40.98
N GLY B 31 20.88 -34.66 -42.29
CA GLY B 31 21.98 -34.85 -43.22
C GLY B 31 22.17 -36.33 -43.49
N PHE B 32 21.31 -37.13 -42.87
CA PHE B 32 21.32 -38.57 -43.03
C PHE B 32 19.95 -39.07 -43.46
N TYR B 33 19.92 -40.27 -44.02
CA TYR B 33 18.65 -40.92 -44.32
C TYR B 33 18.77 -42.39 -43.97
N GLY B 34 17.74 -43.16 -44.28
CA GLY B 34 17.73 -44.57 -43.93
C GLY B 34 16.92 -44.79 -42.67
N GLU B 35 16.75 -46.05 -42.29
CA GLU B 35 15.82 -46.40 -41.22
C GLU B 35 16.10 -45.74 -39.86
N ASN B 36 17.36 -45.66 -39.45
CA ASN B 36 17.69 -44.92 -38.23
C ASN B 36 18.59 -43.73 -38.52
N CYS B 37 18.46 -43.17 -39.72
CA CYS B 37 19.20 -41.98 -40.12
C CYS B 37 20.71 -42.18 -40.00
N THR B 38 21.23 -43.25 -40.62
CA THR B 38 22.66 -43.55 -40.53
C THR B 38 23.39 -43.52 -41.86
N THR B 39 22.65 -43.39 -42.96
CA THR B 39 23.25 -43.27 -44.28
C THR B 39 23.43 -41.80 -44.64
N PRO B 40 24.68 -41.35 -44.78
CA PRO B 40 24.93 -39.92 -45.03
C PRO B 40 24.65 -39.51 -46.47
N GLU B 41 24.20 -38.28 -46.65
CA GLU B 41 24.11 -37.68 -47.97
C GLU B 41 25.51 -37.29 -48.41
N PHE B 42 25.70 -36.95 -49.68
CA PHE B 42 27.05 -36.73 -50.20
C PHE B 42 27.74 -35.55 -49.52
N LEU B 43 26.99 -34.47 -49.30
CA LEU B 43 27.56 -33.30 -48.64
C LEU B 43 27.96 -33.71 -47.22
N THR B 44 27.15 -34.57 -46.60
CA THR B 44 27.41 -35.04 -45.24
C THR B 44 28.75 -35.78 -45.11
N ARG B 45 29.01 -36.71 -46.02
CA ARG B 45 30.31 -37.41 -45.99
C ARG B 45 31.48 -36.44 -46.06
N ILE B 46 31.37 -35.47 -46.97
CA ILE B 46 32.39 -34.46 -47.15
C ILE B 46 32.70 -33.76 -45.82
N LYS B 47 31.66 -33.24 -45.18
CA LYS B 47 31.82 -32.58 -43.89
C LYS B 47 32.52 -33.48 -42.88
N LEU B 48 32.11 -34.74 -42.84
CA LEU B 48 32.70 -35.71 -41.92
C LEU B 48 34.19 -35.92 -42.18
N LEU B 49 34.55 -36.02 -43.45
CA LEU B 49 35.94 -36.24 -43.85
C LEU B 49 36.85 -35.10 -43.42
N LEU B 50 36.33 -33.87 -43.47
CA LEU B 50 37.16 -32.69 -43.20
C LEU B 50 37.16 -32.29 -41.73
N LYS B 51 36.09 -32.65 -41.02
CA LYS B 51 35.88 -32.20 -39.65
C LYS B 51 36.93 -32.74 -38.68
N PRO B 52 37.66 -31.83 -38.02
CA PRO B 52 38.60 -32.26 -37.00
C PRO B 52 37.86 -32.62 -35.70
N THR B 53 38.44 -33.54 -34.92
CA THR B 53 37.89 -33.91 -33.62
C THR B 53 38.07 -32.77 -32.63
N PRO B 54 37.22 -32.72 -31.58
CA PRO B 54 37.37 -31.73 -30.50
C PRO B 54 38.77 -31.72 -29.89
N ASN B 55 39.34 -32.90 -29.67
CA ASN B 55 40.67 -33.01 -29.08
C ASN B 55 41.75 -32.40 -29.97
N THR B 56 41.57 -32.52 -31.28
CA THR B 56 42.51 -31.93 -32.23
C THR B 56 42.45 -30.41 -32.17
N VAL B 57 41.23 -29.88 -32.24
CA VAL B 57 40.99 -28.45 -32.14
C VAL B 57 41.51 -27.88 -30.82
N HIS B 58 41.32 -28.63 -29.75
CA HIS B 58 41.78 -28.21 -28.43
C HIS B 58 43.31 -28.15 -28.38
N TYR B 59 43.98 -29.10 -29.03
CA TYR B 59 45.43 -29.08 -29.12
C TYR B 59 45.91 -27.79 -29.79
N ILE B 60 45.25 -27.44 -30.89
CA ILE B 60 45.61 -26.27 -31.69
C ILE B 60 45.41 -24.98 -30.90
N LEU B 61 44.34 -24.95 -30.10
CA LEU B 61 44.01 -23.77 -29.33
C LEU B 61 44.91 -23.61 -28.11
N THR B 62 45.56 -24.69 -27.70
CA THR B 62 46.42 -24.67 -26.52
C THR B 62 47.90 -24.79 -26.86
N HIS B 63 48.23 -24.71 -28.14
CA HIS B 63 49.62 -24.67 -28.57
C HIS B 63 49.82 -23.53 -29.56
N PHE B 64 51.03 -23.39 -30.09
CA PHE B 64 51.36 -22.34 -31.05
C PHE B 64 51.11 -20.94 -30.50
N LYS B 65 51.58 -20.69 -29.28
CA LYS B 65 51.38 -19.42 -28.59
C LYS B 65 51.78 -18.21 -29.43
N GLY B 66 52.89 -18.35 -30.15
CA GLY B 66 53.40 -17.29 -31.00
C GLY B 66 52.46 -16.90 -32.12
N VAL B 67 51.85 -17.90 -32.75
CA VAL B 67 50.91 -17.67 -33.83
C VAL B 67 49.66 -16.95 -33.32
N TRP B 68 49.13 -17.43 -32.19
CA TRP B 68 47.93 -16.86 -31.61
C TRP B 68 48.10 -15.41 -31.20
N ASN B 69 49.30 -15.06 -30.74
CA ASN B 69 49.59 -13.68 -30.36
C ASN B 69 49.47 -12.76 -31.57
N ILE B 70 49.89 -13.27 -32.72
CA ILE B 70 49.76 -12.56 -33.96
C ILE B 70 48.27 -12.41 -34.25
N VAL B 71 47.57 -13.53 -34.22
CA VAL B 71 46.12 -13.58 -34.41
C VAL B 71 45.40 -12.62 -33.47
N ASN B 72 45.80 -12.64 -32.20
CA ASN B 72 45.19 -11.81 -31.16
C ASN B 72 45.32 -10.31 -31.41
N ASN B 73 46.26 -9.92 -32.27
CA ASN B 73 46.48 -8.51 -32.54
C ASN B 73 46.06 -8.08 -33.94
N ILE B 74 45.33 -8.97 -34.62
CA ILE B 74 44.69 -8.62 -35.89
C ILE B 74 43.18 -8.70 -35.71
N PRO B 75 42.56 -7.56 -35.34
CA PRO B 75 41.12 -7.44 -35.05
C PRO B 75 40.21 -8.15 -36.05
N PHE B 76 40.44 -7.96 -37.35
CA PHE B 76 39.65 -8.67 -38.35
C PHE B 76 39.73 -10.17 -38.12
N LEU B 77 40.95 -10.64 -37.88
CA LEU B 77 41.21 -12.06 -37.71
C LEU B 77 40.67 -12.57 -36.37
N ARG B 78 40.83 -11.77 -35.33
CA ARG B 78 40.34 -12.12 -34.01
C ARG B 78 38.82 -12.22 -34.01
N SER B 79 38.18 -11.26 -34.66
CA SER B 79 36.73 -11.26 -34.78
C SER B 79 36.28 -12.49 -35.57
N LEU B 80 37.02 -12.81 -36.63
CA LEU B 80 36.68 -13.95 -37.49
C LEU B 80 36.70 -15.26 -36.72
N ILE B 81 37.71 -15.43 -35.88
CA ILE B 81 37.83 -16.65 -35.12
C ILE B 81 36.80 -16.69 -33.99
N MET B 82 36.58 -15.56 -33.35
CA MET B 82 35.58 -15.53 -32.29
C MET B 82 34.18 -15.76 -32.84
N LYS B 83 33.89 -15.18 -34.00
CA LYS B 83 32.60 -15.39 -34.66
C LYS B 83 32.39 -16.87 -34.85
N TYR B 84 33.48 -17.50 -35.25
CA TYR B 84 33.54 -18.92 -35.48
C TYR B 84 33.23 -19.71 -34.22
N VAL B 85 33.97 -19.46 -33.16
CA VAL B 85 33.74 -20.09 -31.86
C VAL B 85 32.27 -20.03 -31.44
N LEU B 86 31.63 -18.89 -31.69
CA LEU B 86 30.24 -18.69 -31.33
C LEU B 86 29.27 -19.49 -32.20
N THR B 87 29.46 -19.44 -33.51
CA THR B 87 28.51 -20.04 -34.44
C THR B 87 28.73 -21.53 -34.64
N SER B 88 29.98 -21.91 -34.45
CA SER B 88 30.49 -23.18 -34.88
C SER B 88 29.79 -24.39 -34.27
N ARG B 89 29.17 -24.18 -33.12
CA ARG B 89 28.39 -25.24 -32.54
C ARG B 89 27.07 -24.70 -32.09
N SER B 90 26.60 -23.68 -32.83
CA SER B 90 25.30 -23.15 -32.54
C SER B 90 24.30 -24.25 -32.78
N TYR B 91 24.51 -24.99 -33.85
CA TYR B 91 23.52 -26.00 -34.24
C TYR B 91 23.27 -27.03 -33.13
N LEU B 92 24.11 -27.11 -32.10
CA LEU B 92 23.87 -28.12 -31.05
C LEU B 92 22.76 -27.82 -30.04
N ILE B 93 22.35 -26.58 -29.89
CA ILE B 93 21.28 -26.28 -28.94
C ILE B 93 19.93 -26.07 -29.65
N ASP B 94 18.90 -26.78 -29.20
CA ASP B 94 17.55 -26.58 -29.73
C ASP B 94 16.98 -25.25 -29.22
N SER B 95 16.67 -24.34 -30.14
CA SER B 95 16.12 -23.04 -29.78
C SER B 95 15.18 -22.56 -30.89
N PRO B 96 13.87 -22.44 -30.62
CA PRO B 96 13.07 -22.70 -29.42
C PRO B 96 13.30 -24.09 -28.80
N PRO B 97 13.18 -24.19 -27.48
CA PRO B 97 13.47 -25.43 -26.75
C PRO B 97 12.42 -26.51 -27.00
N THR B 98 12.76 -27.74 -26.69
CA THR B 98 11.90 -28.88 -27.00
C THR B 98 11.46 -29.64 -25.75
N TYR B 99 12.23 -30.67 -25.37
CA TYR B 99 11.81 -31.62 -24.34
C TYR B 99 11.97 -31.12 -22.91
N ASN B 100 11.34 -31.81 -21.96
CA ASN B 100 11.61 -31.60 -20.54
C ASN B 100 11.40 -32.91 -19.78
N VAL B 101 11.48 -32.88 -18.45
CA VAL B 101 11.44 -34.12 -17.68
C VAL B 101 10.14 -34.92 -17.90
N HIS B 102 9.05 -34.24 -18.24
CA HIS B 102 7.77 -34.93 -18.41
C HIS B 102 7.40 -35.20 -19.87
N TYR B 103 8.13 -34.61 -20.81
CA TYR B 103 7.79 -34.75 -22.22
C TYR B 103 8.96 -35.23 -23.08
N GLY B 104 8.85 -36.48 -23.56
CA GLY B 104 9.82 -37.05 -24.46
C GLY B 104 9.43 -36.83 -25.91
N TYR B 105 8.35 -36.07 -26.12
CA TYR B 105 7.92 -35.62 -27.43
C TYR B 105 7.60 -34.13 -27.32
N LYS B 106 7.67 -33.40 -28.44
CA LYS B 106 7.39 -31.98 -28.42
C LYS B 106 5.93 -31.71 -28.07
N SER B 107 5.66 -30.69 -27.26
CA SER B 107 4.29 -30.33 -26.90
C SER B 107 4.20 -28.85 -26.53
N TRP B 108 2.99 -28.29 -26.59
CA TRP B 108 2.85 -26.88 -26.20
C TRP B 108 3.15 -26.67 -24.72
N GLU B 109 2.87 -27.69 -23.90
CA GLU B 109 3.15 -27.62 -22.48
C GLU B 109 4.65 -27.50 -22.24
N ALA B 110 5.42 -28.35 -22.90
CA ALA B 110 6.87 -28.31 -22.74
C ALA B 110 7.44 -26.99 -23.27
N PHE B 111 6.92 -26.51 -24.39
CA PHE B 111 7.40 -25.23 -24.88
C PHE B 111 7.09 -24.07 -23.93
N SER B 112 5.84 -24.01 -23.47
CA SER B 112 5.32 -22.79 -22.85
C SER B 112 5.57 -22.69 -21.34
N ASN B 113 5.72 -23.83 -20.67
CA ASN B 113 5.80 -23.82 -19.23
C ASN B 113 7.23 -23.56 -18.76
N LEU B 114 7.47 -22.33 -18.32
CA LEU B 114 8.80 -21.87 -17.97
C LEU B 114 9.31 -22.42 -16.64
N SER B 115 8.46 -23.11 -15.89
CA SER B 115 8.90 -23.69 -14.61
C SER B 115 9.76 -24.93 -14.79
N TYR B 116 9.80 -25.46 -16.01
CA TYR B 116 10.67 -26.61 -16.31
C TYR B 116 12.07 -26.18 -16.72
N TYR B 117 13.07 -26.94 -16.28
CA TYR B 117 14.33 -26.98 -17.02
C TYR B 117 14.02 -27.65 -18.35
N THR B 118 14.65 -27.24 -19.44
CA THR B 118 14.46 -27.94 -20.71
C THR B 118 15.43 -29.12 -20.79
N ARG B 119 15.33 -29.94 -21.83
CA ARG B 119 16.19 -31.12 -21.94
C ARG B 119 16.82 -31.26 -23.31
N ALA B 120 18.14 -31.42 -23.31
CA ALA B 120 18.90 -31.64 -24.55
C ALA B 120 18.61 -33.02 -25.11
N LEU B 121 18.37 -33.98 -24.23
CA LEU B 121 17.88 -35.29 -24.66
C LEU B 121 16.62 -35.61 -23.89
N PRO B 122 15.61 -36.14 -24.58
CA PRO B 122 14.36 -36.52 -23.92
C PRO B 122 14.60 -37.59 -22.87
N PRO B 123 13.75 -37.62 -21.83
CA PRO B 123 13.86 -38.67 -20.81
C PRO B 123 13.60 -40.06 -21.36
N VAL B 124 14.19 -41.06 -20.72
CA VAL B 124 13.88 -42.45 -20.97
C VAL B 124 12.44 -42.69 -20.53
N ALA B 125 11.63 -43.28 -21.40
CA ALA B 125 10.21 -43.45 -21.13
C ALA B 125 10.01 -44.33 -19.90
N ASP B 126 8.90 -44.09 -19.19
CA ASP B 126 8.63 -44.79 -17.94
C ASP B 126 8.49 -46.30 -18.09
N ASP B 127 7.97 -46.75 -19.23
CA ASP B 127 7.73 -48.18 -19.41
C ASP B 127 8.87 -48.89 -20.13
N CYS B 128 10.06 -48.29 -20.13
CA CYS B 128 11.23 -48.96 -20.68
C CYS B 128 11.71 -50.02 -19.70
N PRO B 129 12.21 -51.15 -20.21
CA PRO B 129 12.59 -52.27 -19.35
C PRO B 129 13.77 -51.97 -18.41
N THR B 130 14.68 -51.07 -18.82
CA THR B 130 15.83 -50.71 -18.00
C THR B 130 15.90 -49.20 -17.79
N PRO B 131 16.66 -48.74 -16.78
CA PRO B 131 16.83 -47.31 -16.57
C PRO B 131 17.34 -46.56 -17.79
N MET B 132 18.28 -47.16 -18.53
CA MET B 132 18.86 -46.53 -19.70
C MET B 132 18.11 -46.79 -20.99
N GLY B 133 17.02 -47.57 -20.90
CA GLY B 133 16.24 -47.89 -22.07
C GLY B 133 16.09 -49.39 -22.19
N VAL B 134 17.04 -50.03 -22.86
CA VAL B 134 17.05 -51.49 -22.93
C VAL B 134 18.37 -52.12 -22.45
N LYS B 135 19.48 -51.40 -22.54
CA LYS B 135 20.77 -51.96 -22.14
C LYS B 135 20.93 -52.00 -20.61
N GLY B 136 21.88 -52.80 -20.14
CA GLY B 136 22.21 -52.83 -18.73
C GLY B 136 21.27 -53.64 -17.86
N ASN B 137 21.53 -53.63 -16.56
CA ASN B 137 20.73 -54.40 -15.62
C ASN B 137 19.41 -53.69 -15.32
N LYS B 138 18.54 -54.36 -14.60
CA LYS B 138 17.24 -53.80 -14.28
C LYS B 138 17.38 -52.57 -13.38
N GLU B 139 18.40 -52.60 -12.53
CA GLU B 139 18.71 -51.46 -11.68
C GLU B 139 20.11 -50.96 -11.96
N LEU B 140 20.30 -49.65 -11.84
CA LEU B 140 21.63 -49.06 -11.91
C LEU B 140 22.39 -49.37 -10.63
N PRO B 141 23.72 -49.33 -10.68
CA PRO B 141 24.52 -49.61 -9.46
C PRO B 141 24.19 -48.65 -8.31
N ASP B 142 24.32 -49.15 -7.08
CA ASP B 142 24.16 -48.36 -5.88
C ASP B 142 24.89 -47.02 -5.98
N SER B 143 24.16 -45.93 -5.84
CA SER B 143 24.76 -44.61 -6.00
C SER B 143 25.78 -44.31 -4.89
N LYS B 144 25.53 -44.80 -3.68
CA LYS B 144 26.50 -44.62 -2.59
C LYS B 144 27.82 -45.33 -2.94
N GLU B 145 27.74 -46.48 -3.58
CA GLU B 145 28.96 -47.20 -3.97
C GLU B 145 29.69 -46.49 -5.10
N VAL B 146 28.95 -46.00 -6.10
CA VAL B 146 29.59 -45.23 -7.17
C VAL B 146 30.32 -44.04 -6.56
N LEU B 147 29.62 -43.30 -5.70
CA LEU B 147 30.18 -42.16 -5.00
C LEU B 147 31.48 -42.50 -4.27
N GLU B 148 31.42 -43.48 -3.38
CA GLU B 148 32.57 -43.80 -2.55
C GLU B 148 33.74 -44.38 -3.34
N LYS B 149 33.45 -45.21 -4.33
CA LYS B 149 34.53 -45.87 -5.07
C LYS B 149 35.26 -44.93 -6.04
N VAL B 150 34.56 -44.01 -6.69
CA VAL B 150 35.23 -43.19 -7.70
C VAL B 150 35.05 -41.66 -7.60
N LEU B 151 34.20 -41.19 -6.70
CA LEU B 151 33.94 -39.74 -6.63
C LEU B 151 34.57 -39.06 -5.43
N LEU B 152 34.55 -39.72 -4.28
CA LEU B 152 35.02 -39.09 -3.04
C LEU B 152 36.51 -38.85 -3.04
N ARG B 153 36.89 -37.71 -2.48
CA ARG B 153 38.28 -37.31 -2.36
C ARG B 153 39.01 -38.19 -1.37
N ARG B 154 40.19 -38.67 -1.76
CA ARG B 154 41.12 -39.29 -0.81
C ARG B 154 42.08 -38.19 -0.35
N GLU B 155 43.06 -37.89 -1.19
CA GLU B 155 43.90 -36.71 -1.01
C GLU B 155 43.38 -35.60 -1.94
N PHE B 156 43.49 -34.35 -1.51
CA PHE B 156 43.12 -33.20 -2.34
C PHE B 156 43.91 -33.20 -3.64
N ILE B 157 43.21 -33.12 -4.77
CA ILE B 157 43.88 -33.03 -6.07
C ILE B 157 43.72 -31.61 -6.62
N PRO B 158 44.82 -30.84 -6.65
CA PRO B 158 44.74 -29.45 -7.11
C PRO B 158 44.47 -29.36 -8.61
N ASP B 159 43.76 -28.32 -9.05
CA ASP B 159 43.58 -28.07 -10.47
C ASP B 159 44.88 -27.67 -11.13
N PRO B 160 45.32 -28.43 -12.14
CA PRO B 160 46.58 -28.11 -12.81
C PRO B 160 46.50 -26.80 -13.62
N GLN B 161 45.30 -26.32 -13.92
CA GLN B 161 45.15 -25.05 -14.61
C GLN B 161 45.25 -23.87 -13.65
N GLY B 162 45.35 -24.18 -12.36
CA GLY B 162 45.56 -23.17 -11.35
C GLY B 162 44.34 -22.34 -10.95
N SER B 163 43.14 -22.86 -11.20
CA SER B 163 41.93 -22.17 -10.75
C SER B 163 42.01 -21.92 -9.24
N ASN B 164 41.54 -20.75 -8.82
CA ASN B 164 41.58 -20.38 -7.42
C ASN B 164 40.18 -20.27 -6.84
N MET B 165 40.09 -19.80 -5.59
CA MET B 165 38.80 -19.71 -4.92
C MET B 165 37.98 -18.52 -5.41
N MET B 166 38.65 -17.50 -5.94
CA MET B 166 37.98 -16.39 -6.61
C MET B 166 37.19 -16.95 -7.78
N PHE B 167 37.80 -17.86 -8.51
CA PHE B 167 37.14 -18.51 -9.63
C PHE B 167 35.99 -19.40 -9.15
N ALA B 168 36.29 -20.24 -8.16
CA ALA B 168 35.32 -21.20 -7.65
C ALA B 168 34.05 -20.51 -7.16
N PHE B 169 34.20 -19.45 -6.37
CA PHE B 169 33.03 -18.76 -5.85
C PHE B 169 32.36 -17.88 -6.91
N PHE B 170 33.12 -17.41 -7.90
CA PHE B 170 32.49 -16.68 -9.00
C PHE B 170 31.57 -17.63 -9.77
N ALA B 171 32.07 -18.84 -10.03
CA ALA B 171 31.28 -19.86 -10.72
C ALA B 171 30.01 -20.17 -9.95
N GLN B 172 30.15 -20.39 -8.64
CA GLN B 172 29.00 -20.69 -7.80
C GLN B 172 28.01 -19.52 -7.80
N HIS B 173 28.52 -18.31 -7.60
CA HIS B 173 27.70 -17.11 -7.55
C HIS B 173 26.98 -16.87 -8.88
N PHE B 174 27.74 -16.90 -9.98
CA PHE B 174 27.20 -16.64 -11.31
C PHE B 174 26.12 -17.64 -11.71
N THR B 175 26.41 -18.93 -11.56
CA THR B 175 25.50 -19.96 -12.04
C THR B 175 24.24 -20.06 -11.23
N HIS B 176 24.27 -19.59 -9.98
CA HIS B 176 23.10 -19.75 -9.12
C HIS B 176 22.03 -18.70 -9.35
N GLN B 177 22.21 -17.88 -10.38
CA GLN B 177 21.10 -17.06 -10.83
C GLN B 177 20.23 -17.82 -11.82
N PHE B 178 20.78 -18.82 -12.51
CA PHE B 178 19.91 -19.57 -13.43
C PHE B 178 19.79 -21.07 -13.11
N PHE B 179 20.60 -21.55 -12.17
CA PHE B 179 20.35 -22.86 -11.57
C PHE B 179 19.71 -22.65 -10.21
N LYS B 180 18.39 -22.81 -10.15
CA LYS B 180 17.64 -22.54 -8.92
C LYS B 180 16.50 -23.55 -8.82
N THR B 181 16.85 -24.80 -8.50
CA THR B 181 15.91 -25.88 -8.61
C THR B 181 14.75 -25.72 -7.62
N ASP B 182 13.54 -25.87 -8.13
CA ASP B 182 12.33 -25.76 -7.30
C ASP B 182 12.04 -27.11 -6.64
N HIS B 183 12.63 -27.33 -5.47
CA HIS B 183 12.57 -28.65 -4.85
C HIS B 183 11.17 -29.11 -4.42
N LYS B 184 10.26 -28.18 -4.13
CA LYS B 184 8.88 -28.62 -3.89
C LYS B 184 8.24 -29.24 -5.12
N ARG B 185 8.62 -28.77 -6.31
CA ARG B 185 8.08 -29.36 -7.52
C ARG B 185 8.87 -30.59 -7.96
N GLY B 186 10.20 -30.52 -7.86
CA GLY B 186 11.03 -31.64 -8.26
C GLY B 186 12.31 -31.17 -8.95
N PRO B 187 13.26 -32.09 -9.16
CA PRO B 187 14.57 -31.72 -9.72
C PRO B 187 14.51 -31.17 -11.14
N GLY B 188 13.45 -31.46 -11.88
CA GLY B 188 13.35 -30.97 -13.25
C GLY B 188 12.70 -29.60 -13.36
N PHE B 189 12.52 -28.94 -12.22
CA PHE B 189 11.87 -27.63 -12.18
C PHE B 189 12.77 -26.53 -11.66
N THR B 190 12.58 -25.32 -12.17
CA THR B 190 13.40 -24.19 -11.78
C THR B 190 12.56 -23.01 -11.27
N ARG B 191 13.16 -22.21 -10.40
CA ARG B 191 12.56 -20.95 -9.93
C ARG B 191 13.10 -19.77 -10.71
N GLY B 192 14.05 -20.02 -11.60
CA GLY B 192 14.65 -18.98 -12.41
C GLY B 192 13.92 -18.82 -13.74
N LEU B 193 12.80 -18.11 -13.71
CA LEU B 193 11.91 -18.04 -14.86
C LEU B 193 12.47 -17.16 -15.97
N GLY B 194 13.52 -16.40 -15.67
CA GLY B 194 14.22 -15.63 -16.69
C GLY B 194 15.14 -16.50 -17.54
N HIS B 195 15.46 -17.69 -17.04
CA HIS B 195 16.26 -18.68 -17.76
C HIS B 195 17.56 -18.13 -18.33
N GLY B 196 18.30 -17.39 -17.52
CA GLY B 196 19.55 -16.83 -18.00
C GLY B 196 20.16 -15.76 -17.11
N VAL B 197 20.97 -14.92 -17.73
CA VAL B 197 21.72 -13.91 -17.01
C VAL B 197 20.89 -12.63 -16.85
N ASP B 198 19.98 -12.65 -15.89
CA ASP B 198 19.16 -11.47 -15.62
C ASP B 198 19.54 -10.80 -14.32
N LEU B 199 20.54 -11.37 -13.64
CA LEU B 199 21.04 -10.87 -12.37
C LEU B 199 19.98 -10.84 -11.28
N ASN B 200 19.03 -11.78 -11.35
CA ASN B 200 18.05 -11.93 -10.27
C ASN B 200 18.72 -12.27 -8.94
N HIS B 201 19.95 -12.79 -8.99
CA HIS B 201 20.65 -13.16 -7.77
C HIS B 201 21.15 -11.92 -7.03
N ILE B 202 21.07 -10.78 -7.69
CA ILE B 202 21.36 -9.48 -7.09
C ILE B 202 20.07 -8.70 -6.85
N TYR B 203 19.18 -8.72 -7.85
CA TYR B 203 18.01 -7.85 -7.82
C TYR B 203 16.73 -8.56 -7.37
N GLY B 204 16.74 -9.89 -7.29
CA GLY B 204 15.55 -10.61 -6.88
C GLY B 204 14.76 -11.09 -8.08
N GLU B 205 14.12 -12.24 -7.93
CA GLU B 205 13.38 -12.86 -9.02
C GLU B 205 12.08 -12.11 -9.35
N THR B 206 11.42 -11.58 -8.32
CA THR B 206 10.15 -10.88 -8.48
C THR B 206 10.26 -9.40 -8.16
N LEU B 207 9.26 -8.64 -8.61
CA LEU B 207 9.24 -7.19 -8.44
C LEU B 207 9.16 -6.81 -6.96
N ASP B 208 8.32 -7.54 -6.22
CA ASP B 208 8.15 -7.29 -4.79
C ASP B 208 9.48 -7.42 -4.04
N ARG B 209 10.25 -8.45 -4.37
CA ARG B 209 11.54 -8.66 -3.72
C ARG B 209 12.51 -7.56 -4.12
N GLN B 210 12.53 -7.24 -5.42
CA GLN B 210 13.36 -6.17 -5.94
C GLN B 210 13.09 -4.85 -5.23
N HIS B 211 11.81 -4.52 -5.07
CA HIS B 211 11.44 -3.26 -4.45
C HIS B 211 11.86 -3.23 -2.97
N LYS B 212 11.84 -4.37 -2.30
CA LYS B 212 12.33 -4.42 -0.91
C LYS B 212 13.83 -4.21 -0.78
N LEU B 213 14.57 -4.57 -1.83
CA LEU B 213 16.03 -4.45 -1.83
C LEU B 213 16.51 -3.06 -2.25
N ARG B 214 15.63 -2.28 -2.85
CA ARG B 214 16.00 -0.97 -3.41
C ARG B 214 15.89 0.19 -2.41
N LEU B 215 16.74 1.18 -2.60
CA LEU B 215 16.73 2.37 -1.75
C LEU B 215 15.67 3.38 -2.24
N PHE B 216 15.35 3.33 -3.53
CA PHE B 216 14.45 4.27 -4.20
C PHE B 216 14.96 5.71 -4.12
N LYS B 217 16.27 5.83 -3.95
CA LYS B 217 16.94 7.09 -4.21
C LYS B 217 18.15 6.81 -5.09
N ASP B 218 18.29 7.60 -6.16
CA ASP B 218 19.44 7.54 -7.06
C ASP B 218 19.65 6.19 -7.75
N GLY B 219 18.59 5.39 -7.85
CA GLY B 219 18.66 4.10 -8.54
C GLY B 219 19.28 3.00 -7.70
N LYS B 220 19.65 3.33 -6.47
CA LYS B 220 20.52 2.46 -5.68
C LYS B 220 19.83 1.31 -4.95
N LEU B 221 20.63 0.32 -4.56
CA LEU B 221 20.21 -0.74 -3.67
C LEU B 221 20.50 -0.34 -2.23
N LYS B 222 19.62 -0.76 -1.32
CA LYS B 222 19.84 -0.53 0.09
C LYS B 222 21.14 -1.18 0.53
N TYR B 223 21.79 -0.58 1.52
CA TYR B 223 23.01 -1.13 2.07
C TYR B 223 23.17 -0.64 3.49
N GLN B 224 24.11 -1.23 4.21
CA GLN B 224 24.48 -0.75 5.52
C GLN B 224 25.99 -0.56 5.55
N VAL B 225 26.46 0.21 6.51
CA VAL B 225 27.88 0.38 6.70
C VAL B 225 28.28 -0.28 8.01
N ILE B 226 29.26 -1.18 7.93
CA ILE B 226 29.81 -1.84 9.11
C ILE B 226 31.31 -1.63 9.11
N GLY B 227 31.81 -0.99 10.16
CA GLY B 227 33.23 -0.68 10.27
C GLY B 227 33.76 0.08 9.09
N GLY B 228 32.97 1.04 8.59
CA GLY B 228 33.38 1.85 7.46
C GLY B 228 33.27 1.17 6.09
N GLU B 229 32.75 -0.05 6.06
CA GLU B 229 32.65 -0.80 4.81
C GLU B 229 31.20 -1.04 4.42
N VAL B 230 30.93 -1.01 3.12
CA VAL B 230 29.58 -1.22 2.61
C VAL B 230 29.24 -2.71 2.52
N TYR B 231 28.11 -3.08 3.14
CA TYR B 231 27.60 -4.44 3.08
C TYR B 231 26.12 -4.44 2.71
N PRO B 232 25.60 -5.59 2.27
CA PRO B 232 24.16 -5.69 2.03
C PRO B 232 23.35 -5.37 3.28
N PRO B 233 22.08 -4.99 3.12
CA PRO B 233 21.22 -4.70 4.26
C PRO B 233 20.76 -5.97 4.95
N THR B 234 20.01 -5.83 6.03
CA THR B 234 19.53 -6.98 6.77
C THR B 234 18.12 -7.42 6.38
N VAL B 235 17.79 -8.65 6.75
CA VAL B 235 16.44 -9.17 6.64
C VAL B 235 15.48 -8.28 7.44
N LYS B 236 15.92 -7.85 8.62
CA LYS B 236 15.12 -6.98 9.47
C LYS B 236 14.76 -5.68 8.77
N ASP B 237 15.72 -5.08 8.07
CA ASP B 237 15.53 -3.77 7.45
C ASP B 237 14.71 -3.86 6.16
N THR B 238 14.80 -4.98 5.45
CA THR B 238 14.21 -5.08 4.12
C THR B 238 12.99 -5.97 4.05
N GLN B 239 12.90 -6.90 5.00
CA GLN B 239 11.87 -7.94 5.03
C GLN B 239 11.93 -8.92 3.85
N VAL B 240 13.07 -9.03 3.18
CA VAL B 240 13.18 -10.05 2.14
C VAL B 240 13.57 -11.38 2.78
N GLU B 241 12.91 -12.44 2.34
CA GLU B 241 13.17 -13.76 2.90
C GLU B 241 14.54 -14.29 2.51
N MET B 242 15.27 -14.78 3.50
CA MET B 242 16.55 -15.43 3.27
C MET B 242 16.56 -16.77 3.98
N ILE B 243 17.38 -17.68 3.52
CA ILE B 243 17.55 -18.94 4.21
C ILE B 243 18.74 -18.84 5.17
N TYR B 244 18.42 -18.86 6.48
CA TYR B 244 19.42 -18.87 7.54
C TYR B 244 18.98 -19.84 8.63
N PRO B 245 19.93 -20.50 9.28
CA PRO B 245 19.68 -21.26 10.51
C PRO B 245 19.20 -20.32 11.61
N PRO B 246 18.34 -20.80 12.54
CA PRO B 246 17.66 -19.93 13.49
C PRO B 246 18.59 -19.24 14.48
N HIS B 247 19.84 -19.69 14.58
CA HIS B 247 20.78 -19.12 15.52
C HIS B 247 21.60 -17.96 14.94
N ILE B 248 21.38 -17.61 13.68
CA ILE B 248 22.08 -16.46 13.10
C ILE B 248 21.53 -15.17 13.68
N PRO B 249 22.40 -14.37 14.30
CA PRO B 249 21.99 -13.06 14.83
C PRO B 249 21.36 -12.20 13.74
N GLU B 250 20.39 -11.37 14.09
CA GLU B 250 19.70 -10.55 13.10
C GLU B 250 20.61 -9.58 12.35
N ASN B 251 21.62 -9.05 13.02
CA ASN B 251 22.52 -8.11 12.35
C ASN B 251 23.39 -8.82 11.33
N LEU B 252 23.34 -10.15 11.32
CA LEU B 252 24.13 -10.93 10.38
C LEU B 252 23.30 -11.62 9.33
N GLN B 253 21.98 -11.42 9.37
CA GLN B 253 21.12 -11.95 8.32
C GLN B 253 21.09 -10.99 7.14
N PHE B 254 22.14 -11.04 6.32
CA PHE B 254 22.24 -10.21 5.15
C PHE B 254 21.16 -10.58 4.12
N ALA B 255 20.59 -9.55 3.50
CA ALA B 255 19.55 -9.75 2.49
C ALA B 255 20.09 -9.41 1.11
N VAL B 256 20.02 -10.37 0.19
CA VAL B 256 20.45 -10.16 -1.18
C VAL B 256 19.46 -10.83 -2.13
N GLY B 257 19.65 -10.61 -3.43
CA GLY B 257 18.71 -11.08 -4.42
C GLY B 257 18.42 -12.57 -4.33
N GLN B 258 19.47 -13.37 -4.15
CA GLN B 258 19.36 -14.82 -4.08
C GLN B 258 19.23 -15.29 -2.64
N GLU B 259 18.14 -15.98 -2.32
CA GLU B 259 17.82 -16.31 -0.93
C GLU B 259 18.82 -17.26 -0.26
N VAL B 260 19.63 -17.98 -1.04
CA VAL B 260 20.54 -18.94 -0.43
C VAL B 260 21.97 -18.41 -0.27
N PHE B 261 22.23 -17.16 -0.67
CA PHE B 261 23.61 -16.69 -0.73
C PHE B 261 24.24 -16.41 0.64
N GLY B 262 23.44 -16.48 1.70
CA GLY B 262 23.98 -16.51 3.05
C GLY B 262 24.61 -17.85 3.40
N LEU B 263 24.45 -18.85 2.53
CA LEU B 263 25.01 -20.19 2.75
C LEU B 263 26.51 -20.16 3.02
N VAL B 264 27.23 -19.38 2.23
CA VAL B 264 28.67 -19.30 2.31
C VAL B 264 29.19 -17.90 2.13
N PRO B 265 30.17 -17.51 2.96
CA PRO B 265 30.81 -16.20 2.92
C PRO B 265 31.41 -15.89 1.55
N GLY B 266 31.75 -16.93 0.79
CA GLY B 266 32.27 -16.74 -0.56
C GLY B 266 31.21 -16.20 -1.50
N LEU B 267 29.98 -16.65 -1.34
CA LEU B 267 28.86 -16.10 -2.11
C LEU B 267 28.54 -14.68 -1.64
N MET B 268 28.52 -14.51 -0.31
CA MET B 268 28.22 -13.21 0.26
C MET B 268 29.30 -12.19 -0.14
N MET B 269 30.52 -12.66 -0.35
CA MET B 269 31.59 -11.79 -0.85
C MET B 269 31.22 -11.19 -2.21
N TYR B 270 30.83 -12.04 -3.15
CA TYR B 270 30.50 -11.56 -4.47
C TYR B 270 29.19 -10.76 -4.48
N ALA B 271 28.25 -11.13 -3.62
CA ALA B 271 27.01 -10.35 -3.49
C ALA B 271 27.32 -8.93 -3.08
N THR B 272 28.28 -8.77 -2.17
CA THR B 272 28.70 -7.47 -1.69
C THR B 272 29.40 -6.69 -2.80
N ILE B 273 30.33 -7.35 -3.48
CA ILE B 273 31.04 -6.71 -4.59
C ILE B 273 30.07 -6.20 -5.67
N TRP B 274 29.12 -7.02 -6.09
CA TRP B 274 28.18 -6.61 -7.15
C TRP B 274 27.20 -5.54 -6.69
N LEU B 275 26.81 -5.58 -5.42
CA LEU B 275 25.97 -4.54 -4.87
C LEU B 275 26.72 -3.21 -4.89
N ARG B 276 27.97 -3.21 -4.45
CA ARG B 276 28.79 -2.01 -4.54
C ARG B 276 28.91 -1.54 -5.99
N GLU B 277 29.07 -2.48 -6.92
CA GLU B 277 29.20 -2.13 -8.33
C GLU B 277 27.94 -1.44 -8.85
N HIS B 278 26.78 -1.96 -8.47
CA HIS B 278 25.52 -1.35 -8.87
C HIS B 278 25.43 0.10 -8.42
N ASN B 279 25.73 0.34 -7.14
CA ASN B 279 25.63 1.70 -6.61
C ASN B 279 26.71 2.62 -7.17
N ARG B 280 27.86 2.05 -7.53
CA ARG B 280 28.89 2.83 -8.22
C ARG B 280 28.39 3.31 -9.58
N VAL B 281 27.76 2.41 -10.33
CA VAL B 281 27.28 2.74 -11.66
C VAL B 281 26.15 3.78 -11.57
N CYS B 282 25.34 3.68 -10.52
CA CYS B 282 24.31 4.68 -10.24
C CYS B 282 24.90 6.08 -10.10
N ASP B 283 26.02 6.18 -9.37
CA ASP B 283 26.71 7.47 -9.20
C ASP B 283 27.17 8.02 -10.54
N ILE B 284 27.76 7.15 -11.35
CA ILE B 284 28.22 7.54 -12.69
C ILE B 284 27.07 8.05 -13.56
N LEU B 285 25.97 7.30 -13.59
CA LEU B 285 24.82 7.67 -14.40
C LEU B 285 24.14 8.94 -13.89
N LYS B 286 24.09 9.11 -12.58
CA LYS B 286 23.48 10.31 -12.01
C LYS B 286 24.29 11.55 -12.41
N GLN B 287 25.61 11.38 -12.42
CA GLN B 287 26.52 12.42 -12.86
C GLN B 287 26.25 12.78 -14.33
N GLU B 288 26.05 11.76 -15.15
CA GLU B 288 25.76 11.94 -16.57
C GLU B 288 24.36 12.47 -16.80
N HIS B 289 23.46 12.10 -15.92
CA HIS B 289 22.05 12.43 -16.11
C HIS B 289 21.42 12.98 -14.84
N PRO B 290 21.75 14.23 -14.49
CA PRO B 290 21.11 14.83 -13.32
C PRO B 290 19.58 14.92 -13.49
N GLU B 291 19.09 14.86 -14.73
CA GLU B 291 17.67 14.98 -15.01
C GLU B 291 16.91 13.65 -14.84
N TRP B 292 17.63 12.55 -14.64
CA TRP B 292 16.99 11.24 -14.49
C TRP B 292 16.42 11.00 -13.09
N GLY B 293 15.34 10.22 -13.03
CA GLY B 293 14.78 9.81 -11.76
C GLY B 293 15.34 8.48 -11.27
N ASP B 294 14.93 8.08 -10.07
CA ASP B 294 15.39 6.85 -9.45
C ASP B 294 15.12 5.61 -10.29
N GLU B 295 13.93 5.50 -10.88
CA GLU B 295 13.56 4.29 -11.63
C GLU B 295 14.51 4.09 -12.82
N GLN B 296 14.71 5.13 -13.63
CA GLN B 296 15.58 4.97 -14.79
C GLN B 296 17.05 4.72 -14.40
N LEU B 297 17.49 5.32 -13.29
CA LEU B 297 18.85 5.08 -12.82
C LEU B 297 19.03 3.62 -12.41
N PHE B 298 18.03 3.08 -11.73
CA PHE B 298 18.08 1.67 -11.33
C PHE B 298 18.11 0.74 -12.55
N GLN B 299 17.16 0.95 -13.47
CA GLN B 299 17.01 0.04 -14.61
C GLN B 299 18.23 0.06 -15.53
N THR B 300 18.78 1.26 -15.73
CA THR B 300 19.92 1.41 -16.61
C THR B 300 21.15 0.77 -15.96
N SER B 301 21.30 0.94 -14.65
CA SER B 301 22.41 0.32 -13.93
C SER B 301 22.34 -1.19 -14.06
N ARG B 302 21.12 -1.74 -13.89
CA ARG B 302 20.94 -3.18 -14.02
C ARG B 302 21.36 -3.68 -15.40
N LEU B 303 20.98 -2.96 -16.45
CA LEU B 303 21.36 -3.36 -17.80
C LEU B 303 22.89 -3.34 -17.98
N ILE B 304 23.53 -2.31 -17.43
CA ILE B 304 24.98 -2.22 -17.52
C ILE B 304 25.66 -3.39 -16.79
N LEU B 305 25.19 -3.70 -15.59
CA LEU B 305 25.79 -4.81 -14.83
C LEU B 305 25.56 -6.16 -15.53
N ILE B 306 24.43 -6.30 -16.21
CA ILE B 306 24.19 -7.49 -17.01
C ILE B 306 25.29 -7.58 -18.08
N GLY B 307 25.54 -6.46 -18.75
CA GLY B 307 26.62 -6.36 -19.71
C GLY B 307 27.99 -6.68 -19.13
N GLU B 308 28.32 -6.09 -17.99
CA GLU B 308 29.58 -6.36 -17.31
C GLU B 308 29.74 -7.85 -17.02
N THR B 309 28.66 -8.47 -16.56
CA THR B 309 28.69 -9.88 -16.19
C THR B 309 29.05 -10.74 -17.41
N ILE B 310 28.37 -10.51 -18.52
CA ILE B 310 28.60 -11.28 -19.74
C ILE B 310 30.04 -11.06 -20.23
N LYS B 311 30.47 -9.80 -20.19
CA LYS B 311 31.82 -9.42 -20.57
C LYS B 311 32.88 -10.18 -19.78
N ILE B 312 32.72 -10.18 -18.46
CA ILE B 312 33.67 -10.85 -17.56
C ILE B 312 33.63 -12.36 -17.73
N VAL B 313 32.43 -12.91 -17.88
CA VAL B 313 32.29 -14.35 -18.01
C VAL B 313 33.02 -14.88 -19.24
N ILE B 314 32.88 -14.18 -20.36
CA ILE B 314 33.54 -14.61 -21.58
C ILE B 314 35.05 -14.37 -21.56
N GLU B 315 35.46 -13.15 -21.27
CA GLU B 315 36.86 -12.76 -21.47
C GLU B 315 37.79 -13.03 -20.29
N ASP B 316 37.23 -13.31 -19.11
CA ASP B 316 38.06 -13.67 -17.97
C ASP B 316 37.78 -15.11 -17.53
N TYR B 317 36.50 -15.40 -17.34
CA TYR B 317 36.08 -16.66 -16.75
C TYR B 317 36.25 -17.83 -17.70
N VAL B 318 35.57 -17.74 -18.84
CA VAL B 318 35.67 -18.77 -19.86
C VAL B 318 37.10 -18.79 -20.43
N GLN B 319 37.68 -17.60 -20.56
CA GLN B 319 39.06 -17.48 -21.02
C GLN B 319 40.01 -18.30 -20.17
N HIS B 320 39.92 -18.15 -18.85
CA HIS B 320 40.77 -18.92 -17.94
C HIS B 320 40.49 -20.42 -18.03
N LEU B 321 39.22 -20.78 -18.03
CA LEU B 321 38.83 -22.19 -18.10
C LEU B 321 39.33 -22.90 -19.33
N SER B 322 39.28 -22.18 -20.44
CA SER B 322 39.59 -22.76 -21.73
C SER B 322 41.05 -23.12 -21.86
N GLY B 323 41.91 -22.31 -21.23
CA GLY B 323 43.34 -22.49 -21.36
C GLY B 323 43.81 -22.16 -22.76
N TYR B 324 42.98 -21.51 -23.55
CA TYR B 324 43.35 -21.16 -24.91
C TYR B 324 44.35 -20.01 -24.93
N HIS B 325 45.20 -19.97 -25.95
CA HIS B 325 46.07 -18.81 -26.19
C HIS B 325 45.33 -17.71 -26.94
N PHE B 326 44.31 -18.11 -27.71
CA PHE B 326 43.45 -17.15 -28.38
C PHE B 326 42.70 -16.29 -27.37
N LYS B 327 42.54 -15.01 -27.68
CA LYS B 327 41.85 -14.09 -26.80
C LYS B 327 40.35 -14.00 -27.14
N LEU B 328 39.53 -14.71 -26.34
CA LEU B 328 38.08 -14.65 -26.51
C LEU B 328 37.59 -13.22 -26.36
N LYS B 329 36.46 -12.92 -26.98
CA LYS B 329 35.96 -11.55 -27.06
C LYS B 329 34.45 -11.50 -26.88
N PHE B 330 33.99 -10.57 -26.05
CA PHE B 330 32.56 -10.29 -25.98
C PHE B 330 32.23 -9.20 -27.01
N ASP B 331 31.53 -9.59 -28.06
CA ASP B 331 31.13 -8.66 -29.11
C ASP B 331 29.89 -9.14 -29.83
N PRO B 332 28.72 -8.66 -29.38
CA PRO B 332 27.42 -8.99 -29.95
C PRO B 332 27.36 -8.74 -31.46
N GLU B 333 28.07 -7.71 -31.93
CA GLU B 333 28.01 -7.35 -33.36
C GLU B 333 28.44 -8.51 -34.25
N LEU B 334 29.24 -9.44 -33.70
CA LEU B 334 29.68 -10.61 -34.45
C LEU B 334 28.54 -11.49 -34.96
N LEU B 335 27.38 -11.42 -34.31
CA LEU B 335 26.26 -12.29 -34.65
C LEU B 335 25.21 -11.59 -35.51
N PHE B 336 25.43 -10.30 -35.80
CA PHE B 336 24.41 -9.50 -36.48
C PHE B 336 24.14 -9.91 -37.93
N ASN B 337 25.10 -10.54 -38.59
CA ASN B 337 24.83 -11.05 -39.94
C ASN B 337 24.69 -12.57 -39.93
N GLN B 338 24.46 -13.12 -38.74
CA GLN B 338 24.33 -14.56 -38.56
C GLN B 338 22.91 -14.94 -38.16
N GLN B 339 22.52 -16.18 -38.42
CA GLN B 339 21.27 -16.69 -37.91
C GLN B 339 21.45 -17.07 -36.45
N PHE B 340 20.73 -16.40 -35.57
CA PHE B 340 20.90 -16.63 -34.16
C PHE B 340 19.65 -16.21 -33.42
N GLN B 341 19.20 -17.09 -32.52
CA GLN B 341 18.00 -16.83 -31.73
C GLN B 341 18.32 -16.15 -30.42
N TYR B 342 17.84 -14.92 -30.24
CA TYR B 342 18.05 -14.22 -28.98
C TYR B 342 17.05 -14.66 -27.92
N GLN B 343 17.27 -15.87 -27.41
CA GLN B 343 16.46 -16.44 -26.36
C GLN B 343 17.21 -17.62 -25.78
N ASN B 344 16.80 -18.05 -24.59
CA ASN B 344 17.46 -19.18 -23.95
C ASN B 344 16.51 -19.84 -22.97
N ARG B 345 16.62 -21.15 -22.87
CA ARG B 345 15.90 -21.93 -21.87
C ARG B 345 16.93 -22.81 -21.20
N ILE B 346 17.02 -22.77 -19.87
CA ILE B 346 18.08 -23.50 -19.17
C ILE B 346 17.84 -25.01 -19.19
N ALA B 347 18.85 -25.76 -19.63
CA ALA B 347 18.75 -27.22 -19.73
C ALA B 347 19.13 -27.89 -18.42
N SER B 348 18.38 -28.94 -18.07
CA SER B 348 18.67 -29.72 -16.88
C SER B 348 20.09 -30.27 -16.93
N GLU B 349 20.52 -30.74 -18.11
CA GLU B 349 21.84 -31.32 -18.28
C GLU B 349 22.95 -30.31 -18.06
N PHE B 350 22.67 -29.05 -18.41
CA PHE B 350 23.60 -27.95 -18.14
C PHE B 350 23.80 -27.80 -16.64
N ASN B 351 22.70 -27.80 -15.92
CA ASN B 351 22.71 -27.80 -14.46
C ASN B 351 23.53 -28.95 -13.91
N THR B 352 23.27 -30.15 -14.39
CA THR B 352 24.01 -31.35 -14.01
C THR B 352 25.49 -31.20 -14.28
N LEU B 353 25.86 -30.87 -15.48
CA LEU B 353 27.23 -30.66 -15.84
C LEU B 353 27.99 -29.72 -14.91
N TYR B 354 27.30 -28.71 -14.41
CA TYR B 354 27.91 -27.62 -13.70
C TYR B 354 28.05 -27.87 -12.22
N HIS B 355 27.74 -29.07 -11.76
CA HIS B 355 27.99 -29.42 -10.36
C HIS B 355 29.48 -29.63 -10.11
N TRP B 356 30.20 -28.53 -9.93
CA TRP B 356 31.66 -28.56 -9.88
C TRP B 356 32.25 -28.58 -8.48
N HIS B 357 31.60 -29.31 -7.58
CA HIS B 357 32.04 -29.39 -6.20
C HIS B 357 33.48 -29.93 -5.97
N PRO B 358 34.04 -30.71 -6.92
CA PRO B 358 35.46 -31.03 -6.68
C PRO B 358 36.35 -29.79 -6.57
N LEU B 359 35.86 -28.63 -7.03
CA LEU B 359 36.58 -27.37 -6.87
C LEU B 359 36.90 -27.05 -5.42
N LEU B 360 36.01 -27.45 -4.51
CA LEU B 360 36.12 -27.04 -3.12
C LEU B 360 37.33 -27.67 -2.43
N PRO B 361 38.04 -26.86 -1.63
CA PRO B 361 39.22 -27.29 -0.87
C PRO B 361 38.81 -28.02 0.40
N ASP B 362 39.78 -28.57 1.13
CA ASP B 362 39.50 -29.25 2.37
C ASP B 362 39.20 -28.22 3.46
N THR B 363 39.86 -27.08 3.37
CA THR B 363 39.62 -25.97 4.27
C THR B 363 39.64 -24.66 3.48
N PHE B 364 38.98 -23.64 4.01
CA PHE B 364 38.95 -22.33 3.38
C PHE B 364 39.94 -21.42 4.07
N ASN B 365 40.97 -21.00 3.33
CA ASN B 365 42.12 -20.32 3.92
C ASN B 365 42.07 -18.81 3.77
N ILE B 366 41.76 -18.13 4.86
CA ILE B 366 41.67 -16.69 4.84
C ILE B 366 42.63 -16.09 5.85
N GLU B 367 43.54 -15.26 5.36
CA GLU B 367 44.61 -14.71 6.18
C GLU B 367 45.41 -15.84 6.81
N ASP B 368 45.44 -15.90 8.14
CA ASP B 368 46.20 -16.93 8.83
C ASP B 368 45.32 -18.08 9.33
N GLN B 369 44.04 -18.05 8.97
CA GLN B 369 43.10 -19.07 9.41
C GLN B 369 42.84 -20.12 8.34
N GLU B 370 42.48 -21.31 8.79
CA GLU B 370 42.05 -22.36 7.88
C GLU B 370 40.73 -22.91 8.39
N TYR B 371 39.64 -22.45 7.79
CA TYR B 371 38.31 -22.82 8.28
C TYR B 371 37.85 -24.14 7.70
N SER B 372 37.30 -24.99 8.56
CA SER B 372 36.61 -26.19 8.12
C SER B 372 35.28 -25.81 7.46
N PHE B 373 34.67 -26.77 6.76
CA PHE B 373 33.34 -26.58 6.19
C PHE B 373 32.35 -26.15 7.27
N LYS B 374 32.42 -26.83 8.42
CA LYS B 374 31.57 -26.56 9.56
C LYS B 374 31.70 -25.12 10.06
N GLN B 375 32.92 -24.62 10.03
CA GLN B 375 33.20 -23.25 10.49
C GLN B 375 32.77 -22.22 9.46
N PHE B 376 32.88 -22.61 8.19
CA PHE B 376 32.68 -21.69 7.07
C PHE B 376 31.21 -21.47 6.75
N LEU B 377 30.44 -22.56 6.72
CA LEU B 377 29.06 -22.54 6.26
C LEU B 377 28.20 -21.64 7.14
N TYR B 378 27.38 -20.80 6.51
CA TYR B 378 26.44 -19.94 7.20
C TYR B 378 27.13 -19.09 8.29
N ASN B 379 28.33 -18.63 8.00
CA ASN B 379 29.06 -17.81 8.97
C ASN B 379 29.61 -16.50 8.38
N ASN B 380 28.73 -15.51 8.24
CA ASN B 380 29.14 -14.23 7.68
C ASN B 380 30.00 -13.39 8.61
N SER B 381 30.10 -13.80 9.87
CA SER B 381 30.97 -13.09 10.79
C SER B 381 32.41 -13.21 10.31
N ILE B 382 32.70 -14.27 9.55
CA ILE B 382 34.01 -14.46 8.96
C ILE B 382 34.32 -13.36 7.95
N LEU B 383 33.34 -13.04 7.10
CA LEU B 383 33.49 -11.97 6.13
C LEU B 383 33.72 -10.66 6.85
N LEU B 384 32.93 -10.40 7.88
CA LEU B 384 33.07 -9.17 8.66
C LEU B 384 34.40 -9.11 9.39
N GLU B 385 34.82 -10.24 9.94
CA GLU B 385 36.05 -10.30 10.71
C GLU B 385 37.25 -9.91 9.84
N HIS B 386 37.35 -10.49 8.65
CA HIS B 386 38.53 -10.27 7.81
C HIS B 386 38.38 -9.11 6.83
N GLY B 387 37.16 -8.89 6.35
CA GLY B 387 36.91 -7.85 5.36
C GLY B 387 37.09 -8.35 3.93
N LEU B 388 36.56 -7.59 2.98
CA LEU B 388 36.59 -7.99 1.58
C LEU B 388 38.00 -8.04 1.01
N THR B 389 38.82 -7.07 1.38
CA THR B 389 40.16 -6.97 0.83
C THR B 389 40.94 -8.24 1.12
N GLN B 390 40.89 -8.68 2.38
CA GLN B 390 41.61 -9.89 2.80
C GLN B 390 41.00 -11.13 2.16
N PHE B 391 39.68 -11.13 1.99
CA PHE B 391 39.00 -12.22 1.29
C PHE B 391 39.55 -12.38 -0.12
N VAL B 392 39.56 -11.29 -0.87
CA VAL B 392 40.09 -11.29 -2.22
C VAL B 392 41.56 -11.73 -2.26
N GLU B 393 42.38 -11.17 -1.37
CA GLU B 393 43.80 -11.52 -1.37
C GLU B 393 44.00 -12.99 -1.10
N SER B 394 43.25 -13.50 -0.12
CA SER B 394 43.38 -14.90 0.29
C SER B 394 42.86 -15.87 -0.76
N PHE B 395 41.67 -15.58 -1.30
CA PHE B 395 41.05 -16.49 -2.25
C PHE B 395 41.75 -16.47 -3.61
N THR B 396 42.41 -15.36 -3.92
CA THR B 396 43.18 -15.26 -5.15
C THR B 396 44.37 -16.22 -5.10
N ARG B 397 44.88 -16.44 -3.89
CA ARG B 397 46.05 -17.30 -3.70
C ARG B 397 45.73 -18.77 -3.44
N GLN B 398 44.50 -19.09 -3.02
CA GLN B 398 44.20 -20.48 -2.67
C GLN B 398 43.75 -21.25 -3.90
N ILE B 399 44.41 -22.38 -4.13
CA ILE B 399 44.12 -23.18 -5.32
C ILE B 399 42.86 -24.03 -5.13
N ALA B 400 42.14 -24.25 -6.23
CA ALA B 400 40.94 -25.06 -6.23
C ALA B 400 41.25 -26.48 -6.70
N GLY B 401 40.29 -27.38 -6.53
CA GLY B 401 40.49 -28.77 -6.89
C GLY B 401 40.19 -29.06 -8.35
N ARG B 402 40.82 -30.10 -8.88
CA ARG B 402 40.55 -30.59 -10.23
C ARG B 402 39.16 -31.21 -10.28
N VAL B 403 38.41 -30.97 -11.35
CA VAL B 403 37.03 -31.45 -11.44
C VAL B 403 36.93 -32.82 -12.12
N ALA B 404 37.61 -33.00 -13.24
CA ALA B 404 37.69 -34.32 -13.87
C ALA B 404 38.83 -35.13 -13.23
N GLY B 405 39.02 -36.37 -13.67
CA GLY B 405 40.14 -37.18 -13.20
C GLY B 405 39.85 -38.07 -12.00
N GLY B 406 38.66 -37.91 -11.43
CA GLY B 406 38.18 -38.83 -10.42
C GLY B 406 38.56 -38.51 -8.98
N ARG B 407 37.71 -39.00 -8.07
CA ARG B 407 38.03 -39.01 -6.65
C ARG B 407 38.49 -37.66 -6.08
N ASN B 408 37.67 -36.63 -6.25
CA ASN B 408 38.05 -35.33 -5.72
C ASN B 408 36.87 -34.53 -5.17
N VAL B 409 35.77 -35.22 -4.93
CA VAL B 409 34.63 -34.63 -4.23
C VAL B 409 34.89 -34.67 -2.73
N PRO B 410 34.95 -33.49 -2.08
CA PRO B 410 35.16 -33.48 -0.63
C PRO B 410 34.02 -34.15 0.11
N ILE B 411 34.33 -34.93 1.14
CA ILE B 411 33.32 -35.71 1.84
C ILE B 411 32.27 -34.81 2.50
N ALA B 412 32.68 -33.57 2.82
CA ALA B 412 31.77 -32.61 3.41
C ALA B 412 30.50 -32.39 2.56
N VAL B 413 30.62 -32.52 1.23
CA VAL B 413 29.44 -32.37 0.37
C VAL B 413 29.11 -33.68 -0.36
N GLN B 414 29.37 -34.82 0.29
CA GLN B 414 29.11 -36.12 -0.33
C GLN B 414 27.62 -36.33 -0.65
N ALA B 415 26.75 -35.79 0.20
CA ALA B 415 25.32 -35.92 -0.01
C ALA B 415 24.86 -35.18 -1.26
N VAL B 416 25.57 -34.11 -1.60
CA VAL B 416 25.26 -33.35 -2.80
C VAL B 416 25.61 -34.15 -4.04
N ALA B 417 26.78 -34.79 -4.02
CA ALA B 417 27.21 -35.59 -5.16
C ALA B 417 26.29 -36.78 -5.34
N LYS B 418 25.89 -37.39 -4.22
CA LYS B 418 24.98 -38.53 -4.29
C LYS B 418 23.63 -38.11 -4.86
N ALA B 419 23.16 -36.94 -4.44
CA ALA B 419 21.88 -36.40 -4.92
C ALA B 419 21.93 -36.12 -6.42
N SER B 420 23.09 -35.68 -6.92
CA SER B 420 23.25 -35.48 -8.36
C SER B 420 23.05 -36.79 -9.09
N ILE B 421 23.61 -37.88 -8.55
CA ILE B 421 23.41 -39.19 -9.16
C ILE B 421 21.94 -39.61 -9.10
N ASP B 422 21.37 -39.54 -7.90
CA ASP B 422 20.00 -39.98 -7.67
C ASP B 422 18.98 -39.14 -8.43
N GLN B 423 19.20 -37.84 -8.55
CA GLN B 423 18.23 -37.00 -9.24
C GLN B 423 18.37 -37.11 -10.76
N SER B 424 19.58 -37.36 -11.24
CA SER B 424 19.78 -37.70 -12.66
C SER B 424 18.91 -38.88 -13.06
N ARG B 425 18.92 -39.90 -12.20
CA ARG B 425 18.13 -41.11 -12.44
C ARG B 425 16.64 -40.82 -12.32
N GLU B 426 16.28 -40.05 -11.30
CA GLU B 426 14.89 -39.68 -11.09
C GLU B 426 14.33 -38.97 -12.32
N MET B 427 15.19 -38.18 -12.97
CA MET B 427 14.81 -37.43 -14.17
C MET B 427 15.01 -38.25 -15.45
N LYS B 428 15.31 -39.54 -15.28
CA LYS B 428 15.41 -40.49 -16.39
C LYS B 428 16.39 -40.04 -17.47
N TYR B 429 17.57 -39.56 -17.06
CA TYR B 429 18.63 -39.21 -18.00
C TYR B 429 19.04 -40.43 -18.83
N GLN B 430 19.22 -40.22 -20.13
CA GLN B 430 19.86 -41.23 -20.95
C GLN B 430 21.33 -41.37 -20.56
N SER B 431 22.03 -42.33 -21.15
CA SER B 431 23.39 -42.67 -20.74
C SER B 431 24.43 -41.67 -21.21
N LEU B 432 25.62 -41.78 -20.63
CA LEU B 432 26.79 -41.00 -21.05
C LEU B 432 26.98 -41.01 -22.56
N ASN B 433 27.01 -42.20 -23.14
CA ASN B 433 27.30 -42.34 -24.57
C ASN B 433 26.19 -41.79 -25.45
N GLU B 434 24.95 -41.83 -24.98
CA GLU B 434 23.88 -41.19 -25.73
C GLU B 434 24.11 -39.69 -25.76
N TYR B 435 24.51 -39.11 -24.63
CA TYR B 435 24.79 -37.68 -24.58
C TYR B 435 26.01 -37.32 -25.41
N ARG B 436 27.02 -38.20 -25.43
CA ARG B 436 28.19 -37.93 -26.25
C ARG B 436 27.80 -37.88 -27.72
N LYS B 437 27.01 -38.87 -28.16
CA LYS B 437 26.52 -38.87 -29.54
C LYS B 437 25.66 -37.66 -29.86
N ARG B 438 24.82 -37.26 -28.92
CA ARG B 438 23.95 -36.10 -29.09
C ARG B 438 24.78 -34.83 -29.37
N PHE B 439 26.00 -34.78 -28.86
CA PHE B 439 26.86 -33.61 -29.06
C PHE B 439 28.05 -33.92 -29.98
N SER B 440 27.82 -34.86 -30.91
CA SER B 440 28.77 -35.18 -31.98
C SER B 440 30.11 -35.71 -31.47
N LEU B 441 30.07 -36.43 -30.34
CA LEU B 441 31.28 -37.05 -29.81
C LEU B 441 31.20 -38.56 -29.98
N LYS B 442 32.37 -39.18 -30.14
CA LYS B 442 32.46 -40.62 -30.29
C LYS B 442 32.13 -41.28 -28.96
N PRO B 443 31.27 -42.33 -29.00
CA PRO B 443 30.98 -43.09 -27.78
C PRO B 443 32.25 -43.70 -27.21
N TYR B 444 32.38 -43.73 -25.89
CA TYR B 444 33.47 -44.48 -25.26
C TYR B 444 33.22 -45.97 -25.44
N THR B 445 34.30 -46.72 -25.68
CA THR B 445 34.22 -48.15 -25.99
C THR B 445 34.64 -49.05 -24.82
N SER B 446 35.13 -48.42 -23.75
CA SER B 446 35.47 -49.14 -22.53
C SER B 446 35.60 -48.13 -21.39
N PHE B 447 35.61 -48.62 -20.16
CA PHE B 447 35.75 -47.74 -19.01
C PHE B 447 37.17 -47.19 -18.90
N GLU B 448 38.13 -47.97 -19.42
CA GLU B 448 39.52 -47.52 -19.41
C GLU B 448 39.75 -46.36 -20.37
N GLU B 449 39.02 -46.32 -21.46
CA GLU B 449 39.08 -45.19 -22.35
C GLU B 449 38.46 -43.93 -21.74
N LEU B 450 37.44 -44.12 -20.93
CA LEU B 450 36.77 -43.02 -20.25
C LEU B 450 37.73 -42.39 -19.27
N THR B 451 38.30 -43.19 -18.40
CA THR B 451 39.16 -42.68 -17.34
C THR B 451 40.60 -42.47 -17.73
N GLY B 452 41.06 -43.22 -18.70
CA GLY B 452 42.43 -43.15 -19.14
C GLY B 452 43.34 -43.79 -18.12
N GLU B 453 42.78 -44.64 -17.27
CA GLU B 453 43.53 -45.25 -16.18
C GLU B 453 43.30 -46.76 -16.10
N LYS B 454 43.26 -47.29 -14.88
CA LYS B 454 43.08 -48.73 -14.70
C LYS B 454 42.26 -49.09 -13.46
N GLU B 455 42.46 -48.37 -12.36
CA GLU B 455 41.81 -48.71 -11.12
C GLU B 455 40.35 -48.25 -11.04
N MET B 456 40.08 -47.02 -11.42
CA MET B 456 38.71 -46.54 -11.37
C MET B 456 37.89 -47.22 -12.45
N ALA B 457 38.50 -47.40 -13.60
CA ALA B 457 37.92 -48.12 -14.71
C ALA B 457 37.38 -49.46 -14.31
N ALA B 458 38.20 -50.16 -13.54
CA ALA B 458 37.84 -51.46 -13.07
C ALA B 458 36.73 -51.47 -12.09
N GLU B 459 36.71 -50.52 -11.16
CA GLU B 459 35.65 -50.48 -10.20
C GLU B 459 34.34 -50.16 -10.91
N LEU B 460 34.43 -49.34 -11.92
CA LEU B 460 33.29 -48.91 -12.70
C LEU B 460 32.77 -50.08 -13.50
N LYS B 461 33.67 -50.84 -14.09
CA LYS B 461 33.25 -51.97 -14.90
C LYS B 461 32.49 -52.98 -14.04
N ALA B 462 32.98 -53.23 -12.83
CA ALA B 462 32.29 -54.13 -11.92
C ALA B 462 30.89 -53.61 -11.59
N LEU B 463 30.77 -52.29 -11.47
CA LEU B 463 29.50 -51.70 -11.10
C LEU B 463 28.49 -51.62 -12.26
N TYR B 464 28.94 -51.18 -13.43
CA TYR B 464 28.03 -50.89 -14.55
C TYR B 464 28.00 -51.98 -15.64
N SER B 465 29.06 -52.78 -15.70
CA SER B 465 29.22 -53.87 -16.69
C SER B 465 29.39 -53.40 -18.13
N ASP B 466 28.50 -52.55 -18.61
CA ASP B 466 28.50 -52.09 -20.00
C ASP B 466 28.79 -50.60 -20.06
N ILE B 467 29.78 -50.21 -20.87
CA ILE B 467 30.16 -48.81 -21.00
C ILE B 467 29.00 -47.95 -21.51
N ASP B 468 28.10 -48.59 -22.27
CA ASP B 468 26.94 -47.90 -22.84
C ASP B 468 25.85 -47.65 -21.79
N VAL B 469 26.11 -48.03 -20.55
CA VAL B 469 25.15 -47.87 -19.48
C VAL B 469 25.74 -46.92 -18.42
N MET B 470 26.99 -46.53 -18.64
CA MET B 470 27.63 -45.54 -17.78
C MET B 470 26.81 -44.24 -17.74
N GLU B 471 26.68 -43.64 -16.56
CA GLU B 471 25.84 -42.46 -16.38
C GLU B 471 26.60 -41.17 -16.64
N LEU B 472 25.87 -40.13 -17.06
CA LEU B 472 26.48 -38.87 -17.45
C LEU B 472 27.21 -38.20 -16.31
N TYR B 473 26.56 -38.00 -15.18
CA TYR B 473 27.16 -37.19 -14.12
C TYR B 473 28.45 -37.77 -13.51
N PRO B 474 28.45 -39.05 -13.07
CA PRO B 474 29.73 -39.57 -12.52
C PRO B 474 30.84 -39.66 -13.57
N ALA B 475 30.48 -39.88 -14.82
CA ALA B 475 31.43 -39.94 -15.93
C ALA B 475 32.19 -38.63 -16.07
N LEU B 476 31.51 -37.51 -15.89
CA LEU B 476 32.16 -36.20 -15.98
C LEU B 476 33.26 -36.04 -14.95
N LEU B 477 33.06 -36.58 -13.76
CA LEU B 477 34.01 -36.37 -12.68
C LEU B 477 35.13 -37.39 -12.69
N VAL B 478 34.97 -38.52 -13.38
CA VAL B 478 36.05 -39.51 -13.46
C VAL B 478 36.75 -39.50 -14.82
N GLU B 479 36.24 -38.70 -15.75
CA GLU B 479 36.76 -38.65 -17.11
C GLU B 479 38.22 -38.24 -17.16
N LYS B 480 38.97 -38.85 -18.07
CA LYS B 480 40.34 -38.44 -18.35
C LYS B 480 40.38 -36.95 -18.65
N PRO B 481 41.10 -36.19 -17.84
CA PRO B 481 41.19 -34.76 -18.16
C PRO B 481 41.97 -34.54 -19.44
N ARG B 482 41.70 -33.43 -20.11
CA ARG B 482 42.60 -32.93 -21.15
C ARG B 482 43.97 -32.67 -20.51
N PRO B 483 45.06 -32.64 -21.30
CA PRO B 483 46.39 -32.57 -20.69
C PRO B 483 46.60 -31.38 -19.76
N ASP B 484 46.89 -31.66 -18.49
CA ASP B 484 47.05 -30.62 -17.48
C ASP B 484 45.85 -29.66 -17.43
N ALA B 485 44.67 -30.20 -17.71
CA ALA B 485 43.44 -29.41 -17.69
C ALA B 485 42.52 -29.82 -16.54
N ILE B 486 41.54 -28.96 -16.27
CA ILE B 486 40.58 -29.19 -15.18
C ILE B 486 39.44 -30.13 -15.59
N PHE B 487 39.12 -30.16 -16.88
CA PHE B 487 37.99 -30.93 -17.40
C PHE B 487 38.42 -31.95 -18.43
N GLY B 488 37.55 -32.92 -18.69
CA GLY B 488 37.70 -33.80 -19.84
C GLY B 488 36.87 -33.31 -21.01
N GLU B 489 36.93 -34.07 -22.11
CA GLU B 489 36.26 -33.71 -23.35
C GLU B 489 34.74 -33.52 -23.21
N THR B 490 34.10 -34.44 -22.49
CA THR B 490 32.64 -34.42 -22.39
C THR B 490 32.13 -33.16 -21.69
N MET B 491 32.82 -32.72 -20.64
CA MET B 491 32.44 -31.51 -19.93
C MET B 491 32.47 -30.30 -20.85
N VAL B 492 33.59 -30.16 -21.57
CA VAL B 492 33.79 -29.04 -22.46
C VAL B 492 32.81 -29.01 -23.63
N GLU B 493 32.68 -30.13 -24.33
CA GLU B 493 31.88 -30.19 -25.55
C GLU B 493 30.37 -30.12 -25.32
N LEU B 494 29.91 -30.54 -24.15
CA LEU B 494 28.50 -30.38 -23.81
C LEU B 494 28.23 -29.02 -23.21
N GLY B 495 29.13 -28.58 -22.34
CA GLY B 495 28.92 -27.36 -21.56
C GLY B 495 29.07 -26.10 -22.38
N ALA B 496 30.07 -26.06 -23.25
CA ALA B 496 30.37 -24.84 -24.01
C ALA B 496 29.18 -24.32 -24.83
N PRO B 497 28.44 -25.21 -25.53
CA PRO B 497 27.30 -24.68 -26.29
C PRO B 497 26.20 -24.07 -25.41
N PHE B 498 25.86 -24.72 -24.30
CA PHE B 498 24.89 -24.16 -23.36
C PHE B 498 25.37 -22.81 -22.84
N SER B 499 26.66 -22.74 -22.52
CA SER B 499 27.24 -21.55 -21.92
C SER B 499 27.18 -20.33 -22.83
N LEU B 500 27.64 -20.48 -24.07
CA LEU B 500 27.67 -19.36 -25.01
C LEU B 500 26.27 -18.92 -25.41
N LYS B 501 25.38 -19.89 -25.56
CA LYS B 501 23.98 -19.62 -25.84
C LYS B 501 23.32 -18.81 -24.71
N GLY B 502 23.59 -19.19 -23.47
CA GLY B 502 23.07 -18.49 -22.31
C GLY B 502 23.61 -17.07 -22.18
N LEU B 503 24.81 -16.84 -22.73
CA LEU B 503 25.42 -15.52 -22.68
C LEU B 503 25.01 -14.64 -23.87
N MET B 504 25.17 -15.16 -25.07
CA MET B 504 24.89 -14.39 -26.27
C MET B 504 23.40 -14.27 -26.56
N GLY B 505 22.60 -15.22 -26.04
CA GLY B 505 21.17 -15.22 -26.26
C GLY B 505 20.41 -14.10 -25.54
N ASN B 506 21.09 -13.45 -24.59
CA ASN B 506 20.52 -12.36 -23.82
C ASN B 506 20.06 -11.21 -24.72
N PRO B 507 18.89 -10.62 -24.42
CA PRO B 507 18.38 -9.52 -25.24
C PRO B 507 19.31 -8.30 -25.35
N ILE B 508 20.17 -8.05 -24.37
CA ILE B 508 21.03 -6.87 -24.49
C ILE B 508 22.04 -7.06 -25.62
N CYS B 509 22.20 -8.30 -26.08
CA CYS B 509 23.10 -8.60 -27.19
C CYS B 509 22.44 -8.47 -28.55
N SER B 510 21.13 -8.27 -28.57
CA SER B 510 20.40 -8.12 -29.82
C SER B 510 20.64 -6.73 -30.40
N PRO B 511 20.54 -6.60 -31.74
CA PRO B 511 20.88 -5.34 -32.41
C PRO B 511 20.08 -4.13 -31.90
N GLN B 512 18.83 -4.32 -31.49
CA GLN B 512 18.04 -3.18 -31.03
C GLN B 512 18.43 -2.73 -29.64
N TYR B 513 19.08 -3.62 -28.88
CA TYR B 513 19.55 -3.27 -27.55
C TYR B 513 21.00 -2.83 -27.52
N TRP B 514 21.83 -3.41 -28.38
CA TRP B 514 23.27 -3.20 -28.27
C TRP B 514 23.67 -1.88 -28.92
N LYS B 515 23.37 -0.80 -28.22
CA LYS B 515 23.69 0.54 -28.67
C LYS B 515 23.86 1.41 -27.41
N PRO B 516 24.62 2.50 -27.51
CA PRO B 516 24.95 3.31 -26.32
C PRO B 516 23.75 3.84 -25.54
N SER B 517 22.68 4.24 -26.21
CA SER B 517 21.56 4.87 -25.50
C SER B 517 20.86 3.88 -24.55
N THR B 518 20.96 2.58 -24.84
CA THR B 518 20.40 1.56 -23.96
C THR B 518 21.02 1.66 -22.57
N PHE B 519 22.28 2.05 -22.53
CA PHE B 519 23.05 2.04 -21.29
C PHE B 519 23.34 3.45 -20.81
N GLY B 520 22.52 4.40 -21.24
CA GLY B 520 22.63 5.77 -20.74
C GLY B 520 23.66 6.61 -21.48
N GLY B 521 24.12 6.13 -22.62
CA GLY B 521 25.11 6.85 -23.41
C GLY B 521 26.43 6.13 -23.46
N GLU B 522 27.43 6.77 -24.07
CA GLU B 522 28.72 6.15 -24.32
C GLU B 522 29.45 5.82 -23.02
N VAL B 523 29.18 6.58 -21.96
CA VAL B 523 29.83 6.31 -20.69
C VAL B 523 29.34 4.98 -20.09
N GLY B 524 28.04 4.76 -20.11
CA GLY B 524 27.50 3.49 -19.64
C GLY B 524 27.99 2.33 -20.48
N PHE B 525 28.00 2.53 -21.79
CA PHE B 525 28.44 1.55 -22.77
C PHE B 525 29.89 1.14 -22.51
N LYS B 526 30.71 2.12 -22.19
CA LYS B 526 32.14 1.90 -21.98
C LYS B 526 32.37 1.06 -20.72
N ILE B 527 31.49 1.22 -19.72
CA ILE B 527 31.58 0.41 -18.50
C ILE B 527 31.46 -1.08 -18.84
N ILE B 528 30.53 -1.41 -19.74
CA ILE B 528 30.39 -2.80 -20.17
C ILE B 528 31.61 -3.23 -20.97
N ASN B 529 31.97 -2.44 -21.98
CA ASN B 529 32.98 -2.86 -22.93
C ASN B 529 34.41 -2.82 -22.39
N THR B 530 34.61 -2.27 -21.19
CA THR B 530 35.93 -2.29 -20.57
C THR B 530 35.96 -3.10 -19.27
N ALA B 531 34.89 -3.81 -18.98
CA ALA B 531 34.79 -4.55 -17.72
C ALA B 531 35.75 -5.75 -17.67
N SER B 532 36.21 -6.08 -16.47
CA SER B 532 37.05 -7.24 -16.23
C SER B 532 36.93 -7.64 -14.78
N ILE B 533 37.31 -8.85 -14.44
CA ILE B 533 37.26 -9.29 -13.05
C ILE B 533 38.20 -8.41 -12.20
N GLN B 534 39.32 -7.99 -12.77
CA GLN B 534 40.24 -7.12 -12.03
C GLN B 534 39.66 -5.73 -11.76
N SER B 535 38.98 -5.16 -12.75
CA SER B 535 38.41 -3.82 -12.57
C SER B 535 37.18 -3.88 -11.67
N LEU B 536 36.42 -4.96 -11.76
CA LEU B 536 35.31 -5.18 -10.83
C LEU B 536 35.81 -5.10 -9.39
N ILE B 537 36.90 -5.80 -9.10
CA ILE B 537 37.46 -5.80 -7.75
C ILE B 537 38.13 -4.46 -7.46
N CYS B 538 38.89 -3.93 -8.41
CA CYS B 538 39.63 -2.70 -8.17
C CYS B 538 38.72 -1.54 -7.78
N ASN B 539 37.57 -1.47 -8.43
CA ASN B 539 36.62 -0.38 -8.20
C ASN B 539 35.79 -0.54 -6.93
N ASN B 540 35.69 -1.75 -6.40
CA ASN B 540 34.75 -2.00 -5.31
C ASN B 540 35.35 -2.59 -4.04
N VAL B 541 36.63 -2.89 -4.08
CA VAL B 541 37.29 -3.45 -2.90
C VAL B 541 38.39 -2.49 -2.46
N LYS B 542 38.34 -2.13 -1.17
CA LYS B 542 39.29 -1.19 -0.60
C LYS B 542 40.73 -1.62 -0.86
N GLY B 543 41.53 -0.69 -1.37
CA GLY B 543 42.93 -0.92 -1.65
C GLY B 543 43.20 -1.45 -3.04
N CYS B 544 42.13 -1.71 -3.80
CA CYS B 544 42.27 -2.25 -5.15
C CYS B 544 43.24 -3.43 -5.19
N PRO B 545 42.94 -4.50 -4.45
CA PRO B 545 43.89 -5.61 -4.45
C PRO B 545 43.95 -6.27 -5.82
N PHE B 546 45.13 -6.79 -6.17
CA PHE B 546 45.26 -7.59 -7.38
C PHE B 546 44.36 -8.82 -7.31
N THR B 547 43.73 -9.17 -8.42
CA THR B 547 43.03 -10.44 -8.46
C THR B 547 43.04 -11.07 -9.84
N SER B 548 42.63 -12.33 -9.90
CA SER B 548 42.75 -13.17 -11.08
C SER B 548 41.95 -14.44 -10.79
N PHE B 549 41.65 -15.22 -11.82
CA PHE B 549 40.99 -16.51 -11.61
C PHE B 549 42.01 -17.64 -11.46
N ASN B 550 43.29 -17.33 -11.57
CA ASN B 550 44.33 -18.34 -11.34
C ASN B 550 45.36 -17.95 -10.29
N VAL B 551 45.91 -18.95 -9.59
CA VAL B 551 46.96 -18.72 -8.60
C VAL B 551 48.31 -18.40 -9.26
N ALA C 1 -11.36 8.22 60.24
CA ALA C 1 -12.54 9.02 60.53
C ALA C 1 -13.58 8.86 59.41
N ASN C 2 -13.19 9.16 58.18
CA ASN C 2 -14.02 8.87 57.02
C ASN C 2 -14.35 7.38 57.02
N PRO C 3 -15.65 7.04 57.03
CA PRO C 3 -16.05 5.63 57.06
C PRO C 3 -15.63 4.87 55.80
N CYS C 4 -15.13 5.58 54.79
CA CYS C 4 -14.62 4.93 53.59
C CYS C 4 -13.11 4.68 53.66
N CYS C 5 -12.50 4.99 54.80
CA CYS C 5 -11.05 4.88 54.95
C CYS C 5 -10.53 3.44 54.75
N SER C 6 -11.37 2.45 55.05
CA SER C 6 -10.95 1.06 54.91
C SER C 6 -11.10 0.52 53.49
N ASN C 7 -11.52 1.37 52.55
CA ASN C 7 -11.80 0.96 51.18
C ASN C 7 -12.77 -0.22 51.11
N PRO C 8 -13.96 -0.08 51.72
CA PRO C 8 -14.86 -1.23 51.90
C PRO C 8 -15.47 -1.74 50.61
N CYS C 9 -15.67 -0.88 49.62
CA CYS C 9 -16.33 -1.32 48.39
C CYS C 9 -15.40 -2.10 47.48
N GLN C 10 -15.87 -3.26 47.02
CA GLN C 10 -15.09 -4.12 46.15
C GLN C 10 -15.58 -4.03 44.72
N ASN C 11 -14.77 -4.58 43.81
CA ASN C 11 -15.14 -4.72 42.40
C ASN C 11 -15.51 -3.39 41.74
N ARG C 12 -14.78 -2.33 42.12
CA ARG C 12 -14.91 -0.97 41.57
C ARG C 12 -16.22 -0.28 41.94
N GLY C 13 -16.92 -0.82 42.94
CA GLY C 13 -18.03 -0.12 43.54
C GLY C 13 -17.46 1.15 44.18
N GLU C 14 -18.27 2.20 44.30
CA GLU C 14 -17.72 3.43 44.80
C GLU C 14 -18.23 3.74 46.20
N CYS C 15 -17.33 4.14 47.10
CA CYS C 15 -17.75 4.36 48.48
C CYS C 15 -18.21 5.80 48.74
N MET C 16 -19.32 5.95 49.44
CA MET C 16 -19.80 7.27 49.82
C MET C 16 -20.20 7.23 51.29
N SER C 17 -19.78 8.23 52.06
CA SER C 17 -20.23 8.32 53.45
C SER C 17 -21.71 8.69 53.45
N THR C 18 -22.47 8.09 54.36
CA THR C 18 -23.89 8.42 54.48
C THR C 18 -24.17 8.98 55.86
N GLY C 19 -23.12 9.40 56.53
CA GLY C 19 -23.22 9.90 57.89
C GLY C 19 -21.82 9.88 58.45
N PHE C 20 -21.68 10.20 59.73
CA PHE C 20 -20.35 10.27 60.34
C PHE C 20 -19.65 8.91 60.48
N ASP C 21 -20.42 7.83 60.55
CA ASP C 21 -19.83 6.51 60.81
C ASP C 21 -20.44 5.45 59.92
N GLN C 22 -21.07 5.86 58.82
CA GLN C 22 -21.70 4.89 57.93
C GLN C 22 -21.33 5.19 56.49
N TYR C 23 -21.32 4.16 55.66
CA TYR C 23 -21.04 4.32 54.24
C TYR C 23 -22.09 3.59 53.42
N LYS C 24 -22.12 3.90 52.14
CA LYS C 24 -22.87 3.10 51.17
C LYS C 24 -21.99 2.85 49.96
N CYS C 25 -22.07 1.64 49.43
CA CYS C 25 -21.39 1.31 48.19
C CYS C 25 -22.34 1.43 47.02
N ASP C 26 -21.89 2.11 45.97
CA ASP C 26 -22.63 2.22 44.73
C ASP C 26 -22.13 1.14 43.78
N CYS C 27 -22.94 0.11 43.56
CA CYS C 27 -22.52 -1.06 42.80
C CYS C 27 -22.91 -0.97 41.34
N THR C 28 -23.44 0.18 40.93
CA THR C 28 -23.88 0.41 39.54
C THR C 28 -22.91 -0.10 38.47
N ARG C 29 -23.42 -1.02 37.64
CA ARG C 29 -22.68 -1.57 36.50
C ARG C 29 -21.36 -2.24 36.88
N THR C 30 -21.21 -2.67 38.13
CA THR C 30 -20.02 -3.42 38.52
C THR C 30 -20.15 -4.90 38.18
N GLY C 31 -21.39 -5.35 38.00
CA GLY C 31 -21.66 -6.76 37.77
C GLY C 31 -21.86 -7.48 39.09
N PHE C 32 -21.77 -6.72 40.18
CA PHE C 32 -21.96 -7.24 41.53
C PHE C 32 -23.00 -6.44 42.28
N TYR C 33 -23.54 -7.00 43.35
CA TYR C 33 -24.40 -6.23 44.25
C TYR C 33 -24.09 -6.59 45.70
N GLY C 34 -24.87 -6.04 46.63
CA GLY C 34 -24.65 -6.27 48.04
C GLY C 34 -23.91 -5.13 48.71
N GLU C 35 -23.75 -5.23 50.03
CA GLU C 35 -23.24 -4.12 50.83
C GLU C 35 -21.86 -3.60 50.41
N ASN C 36 -20.95 -4.47 50.01
CA ASN C 36 -19.70 -3.98 49.44
C ASN C 36 -19.48 -4.46 48.01
N CYS C 37 -20.57 -4.72 47.30
CA CYS C 37 -20.53 -5.15 45.90
C CYS C 37 -19.70 -6.42 45.71
N THR C 38 -19.98 -7.45 46.50
CA THR C 38 -19.23 -8.71 46.40
C THR C 38 -20.10 -9.88 45.98
N THR C 39 -21.40 -9.65 45.84
CA THR C 39 -22.30 -10.69 45.35
C THR C 39 -22.46 -10.58 43.84
N PRO C 40 -21.96 -11.58 43.11
CA PRO C 40 -21.99 -11.51 41.64
C PRO C 40 -23.36 -11.81 41.06
N GLU C 41 -23.70 -11.14 39.97
CA GLU C 41 -24.87 -11.50 39.18
C GLU C 41 -24.55 -12.76 38.41
N PHE C 42 -25.57 -13.39 37.81
CA PHE C 42 -25.39 -14.69 37.21
C PHE C 42 -24.41 -14.67 36.04
N LEU C 43 -24.56 -13.68 35.17
CA LEU C 43 -23.70 -13.58 34.00
C LEU C 43 -22.27 -13.35 34.49
N THR C 44 -22.13 -12.60 35.57
CA THR C 44 -20.84 -12.35 36.21
C THR C 44 -20.20 -13.66 36.65
N ARG C 45 -21.00 -14.53 37.27
CA ARG C 45 -20.53 -15.83 37.71
C ARG C 45 -19.87 -16.61 36.59
N ILE C 46 -20.53 -16.63 35.44
CA ILE C 46 -20.06 -17.33 34.25
C ILE C 46 -18.72 -16.80 33.75
N LYS C 47 -18.64 -15.49 33.53
CA LYS C 47 -17.38 -14.88 33.10
C LYS C 47 -16.24 -15.21 34.02
N LEU C 48 -16.50 -15.13 35.31
CA LEU C 48 -15.48 -15.40 36.30
C LEU C 48 -14.94 -16.81 36.10
N LEU C 49 -15.83 -17.74 35.80
CA LEU C 49 -15.44 -19.11 35.54
C LEU C 49 -14.56 -19.16 34.29
N LEU C 50 -14.94 -18.34 33.31
CA LEU C 50 -14.34 -18.42 31.98
C LEU C 50 -13.27 -17.39 31.72
N LYS C 51 -12.62 -16.91 32.76
CA LYS C 51 -11.61 -15.90 32.54
C LYS C 51 -10.27 -16.49 32.92
N PRO C 52 -9.33 -16.63 31.97
CA PRO C 52 -8.03 -17.12 32.40
C PRO C 52 -7.26 -16.06 33.16
N THR C 53 -6.33 -16.50 34.00
CA THR C 53 -5.47 -15.56 34.70
C THR C 53 -4.51 -14.89 33.71
N PRO C 54 -4.04 -13.68 34.03
CA PRO C 54 -3.01 -13.00 33.22
C PRO C 54 -1.77 -13.87 32.98
N ASN C 55 -1.32 -14.57 34.02
CA ASN C 55 -0.15 -15.42 33.89
C ASN C 55 -0.38 -16.54 32.88
N THR C 56 -1.62 -17.03 32.84
CA THR C 56 -2.00 -18.06 31.87
C THR C 56 -1.95 -17.52 30.45
N VAL C 57 -2.56 -16.36 30.24
CA VAL C 57 -2.55 -15.70 28.94
C VAL C 57 -1.11 -15.40 28.52
N HIS C 58 -0.28 -14.99 29.46
CA HIS C 58 1.12 -14.70 29.17
C HIS C 58 1.85 -15.93 28.69
N TYR C 59 1.56 -17.07 29.31
CA TYR C 59 2.14 -18.34 28.90
C TYR C 59 1.78 -18.66 27.46
N ILE C 60 0.50 -18.47 27.14
CA ILE C 60 0.01 -18.79 25.81
C ILE C 60 0.65 -17.90 24.76
N LEU C 61 0.84 -16.64 25.12
CA LEU C 61 1.40 -15.68 24.18
C LEU C 61 2.90 -15.85 23.99
N THR C 62 3.57 -16.51 24.94
CA THR C 62 5.03 -16.66 24.88
C THR C 62 5.46 -18.09 24.57
N HIS C 63 4.50 -18.94 24.23
CA HIS C 63 4.81 -20.28 23.79
C HIS C 63 4.07 -20.56 22.50
N PHE C 64 4.21 -21.79 21.99
CA PHE C 64 3.58 -22.20 20.74
C PHE C 64 4.02 -21.32 19.57
N LYS C 65 5.33 -21.09 19.48
CA LYS C 65 5.93 -20.24 18.45
C LYS C 65 5.47 -20.61 17.05
N GLY C 66 5.35 -21.92 16.81
CA GLY C 66 4.90 -22.42 15.52
C GLY C 66 3.48 -22.02 15.15
N VAL C 67 2.57 -22.10 16.11
CA VAL C 67 1.18 -21.74 15.90
C VAL C 67 1.04 -20.24 15.62
N TRP C 68 1.75 -19.44 16.41
CA TRP C 68 1.71 -17.99 16.26
C TRP C 68 2.24 -17.57 14.90
N ASN C 69 3.19 -18.32 14.35
CA ASN C 69 3.72 -18.00 13.04
C ASN C 69 2.66 -18.17 11.94
N ILE C 70 1.77 -19.15 12.10
CA ILE C 70 0.64 -19.27 11.19
C ILE C 70 -0.31 -18.08 11.36
N VAL C 71 -0.73 -17.82 12.59
CA VAL C 71 -1.61 -16.68 12.90
C VAL C 71 -1.06 -15.35 12.38
N ASN C 72 0.24 -15.13 12.59
CA ASN C 72 0.87 -13.88 12.16
C ASN C 72 0.81 -13.66 10.65
N ASN C 73 0.51 -14.72 9.91
CA ASN C 73 0.41 -14.64 8.46
C ASN C 73 -1.01 -14.75 7.92
N ILE C 74 -1.97 -14.73 8.83
CA ILE C 74 -3.39 -14.67 8.47
C ILE C 74 -3.98 -13.34 8.93
N PRO C 75 -3.97 -12.34 8.04
CA PRO C 75 -4.42 -10.97 8.30
C PRO C 75 -5.73 -10.89 9.07
N PHE C 76 -6.75 -11.64 8.66
CA PHE C 76 -8.02 -11.63 9.37
C PHE C 76 -7.80 -12.00 10.83
N LEU C 77 -7.04 -13.07 11.04
CA LEU C 77 -6.80 -13.59 12.38
C LEU C 77 -5.87 -12.67 13.15
N ARG C 78 -4.85 -12.14 12.48
CA ARG C 78 -3.92 -11.22 13.13
C ARG C 78 -4.65 -9.97 13.60
N SER C 79 -5.51 -9.44 12.72
CA SER C 79 -6.33 -8.28 13.05
C SER C 79 -7.29 -8.60 14.18
N LEU C 80 -7.90 -9.78 14.10
CA LEU C 80 -8.88 -10.19 15.11
C LEU C 80 -8.23 -10.27 16.47
N ILE C 81 -7.03 -10.84 16.52
CA ILE C 81 -6.32 -11.02 17.78
C ILE C 81 -5.82 -9.67 18.30
N MET C 82 -5.34 -8.80 17.40
CA MET C 82 -4.91 -7.49 17.85
C MET C 82 -6.10 -6.66 18.37
N LYS C 83 -7.24 -6.75 17.70
CA LYS C 83 -8.45 -6.02 18.13
C LYS C 83 -8.77 -6.36 19.57
N TYR C 84 -8.62 -7.65 19.83
CA TYR C 84 -8.83 -8.23 21.13
C TYR C 84 -7.92 -7.64 22.19
N VAL C 85 -6.61 -7.69 21.94
CA VAL C 85 -5.60 -7.08 22.81
C VAL C 85 -5.95 -5.64 23.18
N LEU C 86 -6.43 -4.88 22.20
CA LEU C 86 -6.79 -3.48 22.42
C LEU C 86 -8.03 -3.33 23.29
N THR C 87 -9.06 -4.11 22.97
CA THR C 87 -10.36 -3.95 23.63
C THR C 87 -10.43 -4.70 24.94
N SER C 88 -9.68 -5.80 25.02
CA SER C 88 -9.65 -6.62 26.23
C SER C 88 -9.67 -5.75 27.48
N ARG C 89 -8.60 -5.08 27.79
CA ARG C 89 -8.63 -4.33 29.02
C ARG C 89 -8.84 -2.85 28.81
N SER C 90 -9.90 -2.57 28.09
CA SER C 90 -10.30 -1.21 27.72
C SER C 90 -11.24 -0.61 28.76
N TYR C 91 -11.80 -1.50 29.54
CA TYR C 91 -12.75 -1.16 30.56
C TYR C 91 -12.05 -0.79 31.84
N LEU C 92 -10.75 -1.01 31.91
CA LEU C 92 -10.02 -0.77 33.14
C LEU C 92 -9.56 0.68 33.31
N ILE C 93 -9.64 1.47 32.27
CA ILE C 93 -9.30 2.87 32.35
C ILE C 93 -10.53 3.74 32.33
N ASP C 94 -10.68 4.62 33.29
CA ASP C 94 -11.78 5.56 33.31
C ASP C 94 -11.56 6.65 32.25
N SER C 95 -12.49 6.75 31.30
CA SER C 95 -12.40 7.78 30.27
C SER C 95 -13.81 8.19 29.85
N PRO C 96 -14.22 9.45 30.13
CA PRO C 96 -13.58 10.58 30.80
C PRO C 96 -12.99 10.27 32.18
N PRO C 97 -11.88 10.94 32.54
CA PRO C 97 -11.15 10.68 33.79
C PRO C 97 -11.92 11.17 35.01
N THR C 98 -11.53 10.66 36.17
CA THR C 98 -12.25 10.91 37.40
C THR C 98 -11.37 11.61 38.45
N TYR C 99 -10.72 10.82 39.29
CA TYR C 99 -10.07 11.36 40.49
C TYR C 99 -8.73 12.02 40.19
N ASN C 100 -8.22 12.76 41.17
CA ASN C 100 -6.84 13.24 41.14
C ASN C 100 -6.33 13.36 42.58
N VAL C 101 -5.14 13.93 42.78
CA VAL C 101 -4.53 13.92 44.12
C VAL C 101 -5.35 14.66 45.18
N HIS C 102 -6.15 15.63 44.74
CA HIS C 102 -6.94 16.43 45.67
C HIS C 102 -8.41 16.03 45.74
N TYR C 103 -8.85 15.17 44.83
CA TYR C 103 -10.25 14.78 44.84
C TYR C 103 -10.45 13.26 44.85
N GLY C 104 -10.97 12.78 45.98
CA GLY C 104 -11.33 11.38 46.15
C GLY C 104 -12.78 11.10 45.80
N TYR C 105 -13.45 12.13 45.28
CA TYR C 105 -14.78 12.01 44.72
C TYR C 105 -14.78 12.75 43.38
N LYS C 106 -15.69 12.39 42.49
CA LYS C 106 -15.77 13.07 41.20
C LYS C 106 -16.21 14.52 41.39
N SER C 107 -15.60 15.43 40.63
CA SER C 107 -15.96 16.85 40.70
C SER C 107 -15.62 17.53 39.39
N TRP C 108 -16.25 18.67 39.11
CA TRP C 108 -15.94 19.37 37.88
C TRP C 108 -14.49 19.85 37.88
N GLU C 109 -13.98 20.19 39.06
CA GLU C 109 -12.60 20.63 39.18
C GLU C 109 -11.64 19.51 38.75
N ALA C 110 -11.87 18.30 39.26
CA ALA C 110 -11.02 17.16 38.92
C ALA C 110 -11.16 16.80 37.44
N PHE C 111 -12.37 16.87 36.90
CA PHE C 111 -12.52 16.61 35.47
C PHE C 111 -11.82 17.65 34.59
N SER C 112 -12.04 18.94 34.88
CA SER C 112 -11.69 20.00 33.93
C SER C 112 -10.27 20.53 34.05
N ASN C 113 -9.64 20.37 35.21
CA ASN C 113 -8.33 20.99 35.43
C ASN C 113 -7.22 20.10 34.88
N LEU C 114 -6.69 20.50 33.73
CA LEU C 114 -5.72 19.68 33.00
C LEU C 114 -4.32 19.71 33.62
N SER C 115 -4.10 20.57 34.62
CA SER C 115 -2.79 20.64 35.27
C SER C 115 -2.54 19.46 36.22
N TYR C 116 -3.59 18.71 36.54
CA TYR C 116 -3.44 17.51 37.37
C TYR C 116 -3.15 16.26 36.55
N TYR C 117 -2.30 15.39 37.09
CA TYR C 117 -2.36 13.99 36.69
C TYR C 117 -3.68 13.45 37.22
N THR C 118 -4.31 12.55 36.47
CA THR C 118 -5.51 11.90 36.97
C THR C 118 -5.08 10.70 37.85
N ARG C 119 -6.05 10.01 38.46
CA ARG C 119 -5.74 8.88 39.35
C ARG C 119 -6.63 7.67 39.08
N ALA C 120 -6.00 6.51 38.93
CA ALA C 120 -6.72 5.25 38.72
C ALA C 120 -7.45 4.83 39.99
N LEU C 121 -6.84 5.14 41.14
CA LEU C 121 -7.50 4.98 42.43
C LEU C 121 -7.45 6.31 43.17
N PRO C 122 -8.55 6.70 43.82
CA PRO C 122 -8.57 7.95 44.60
C PRO C 122 -7.56 7.91 45.74
N PRO C 123 -7.09 9.07 46.19
CA PRO C 123 -6.18 9.13 47.34
C PRO C 123 -6.84 8.68 48.64
N VAL C 124 -6.03 8.14 49.53
CA VAL C 124 -6.46 7.89 50.91
C VAL C 124 -6.79 9.23 51.55
N ALA C 125 -7.98 9.34 52.14
CA ALA C 125 -8.42 10.62 52.70
C ALA C 125 -7.49 11.10 53.81
N ASP C 126 -7.38 12.40 53.96
CA ASP C 126 -6.47 13.01 54.92
C ASP C 126 -6.77 12.61 56.36
N ASP C 127 -8.03 12.35 56.69
CA ASP C 127 -8.33 12.03 58.08
C ASP C 127 -8.41 10.52 58.36
N CYS C 128 -7.82 9.71 57.50
CA CYS C 128 -7.77 8.27 57.75
C CYS C 128 -6.70 8.00 58.81
N PRO C 129 -6.95 7.03 59.71
CA PRO C 129 -6.00 6.80 60.81
C PRO C 129 -4.62 6.31 60.36
N THR C 130 -4.53 5.62 59.22
CA THR C 130 -3.22 5.17 58.73
C THR C 130 -2.98 5.59 57.29
N PRO C 131 -1.71 5.61 56.85
CA PRO C 131 -1.38 5.97 55.47
C PRO C 131 -2.15 5.16 54.43
N MET C 132 -2.33 3.86 54.67
CA MET C 132 -3.06 3.03 53.71
C MET C 132 -4.58 3.03 53.96
N GLY C 133 -5.02 3.76 54.99
CA GLY C 133 -6.43 3.82 55.31
C GLY C 133 -6.67 3.48 56.78
N VAL C 134 -6.85 2.20 57.09
CA VAL C 134 -6.97 1.75 58.48
C VAL C 134 -5.94 0.67 58.84
N LYS C 135 -5.44 -0.06 57.85
CA LYS C 135 -4.46 -1.12 58.10
C LYS C 135 -3.06 -0.56 58.34
N GLY C 136 -2.20 -1.38 58.95
CA GLY C 136 -0.81 -1.02 59.14
C GLY C 136 -0.56 -0.10 60.31
N ASN C 137 0.69 0.29 60.48
CA ASN C 137 1.07 1.18 61.58
C ASN C 137 0.73 2.62 61.25
N LYS C 138 0.92 3.50 62.22
CA LYS C 138 0.60 4.91 62.06
C LYS C 138 1.44 5.55 60.95
N GLU C 139 2.68 5.07 60.82
CA GLU C 139 3.57 5.51 59.76
C GLU C 139 4.12 4.33 58.96
N LEU C 140 4.35 4.57 57.68
CA LEU C 140 4.97 3.57 56.80
C LEU C 140 6.45 3.44 57.16
N PRO C 141 7.07 2.29 56.83
CA PRO C 141 8.49 2.12 57.16
C PRO C 141 9.37 3.19 56.52
N ASP C 142 10.46 3.53 57.20
CA ASP C 142 11.50 4.42 56.70
C ASP C 142 11.82 4.10 55.25
N SER C 143 11.63 5.08 54.37
CA SER C 143 11.83 4.87 52.94
C SER C 143 13.29 4.57 52.60
N LYS C 144 14.22 5.16 53.35
CA LYS C 144 15.64 4.90 53.13
C LYS C 144 15.96 3.42 53.38
N GLU C 145 15.29 2.84 54.36
CA GLU C 145 15.44 1.44 54.73
C GLU C 145 14.88 0.50 53.66
N VAL C 146 13.69 0.81 53.15
CA VAL C 146 13.13 0.06 52.04
C VAL C 146 14.08 0.12 50.85
N LEU C 147 14.48 1.33 50.51
CA LEU C 147 15.41 1.58 49.43
C LEU C 147 16.68 0.72 49.57
N GLU C 148 17.35 0.87 50.70
CA GLU C 148 18.64 0.22 50.90
C GLU C 148 18.55 -1.30 50.98
N LYS C 149 17.50 -1.81 51.64
CA LYS C 149 17.40 -3.24 51.84
C LYS C 149 16.97 -4.01 50.59
N VAL C 150 16.04 -3.48 49.80
CA VAL C 150 15.53 -4.26 48.67
C VAL C 150 15.58 -3.59 47.29
N LEU C 151 15.96 -2.32 47.21
CA LEU C 151 15.97 -1.67 45.90
C LEU C 151 17.36 -1.44 45.32
N LEU C 152 18.32 -1.05 46.16
CA LEU C 152 19.63 -0.67 45.65
C LEU C 152 20.41 -1.85 45.06
N ARG C 153 21.07 -1.58 43.95
CA ARG C 153 21.86 -2.58 43.23
C ARG C 153 23.12 -2.99 44.00
N ARG C 154 23.35 -4.30 44.10
CA ARG C 154 24.63 -4.79 44.60
C ARG C 154 25.49 -5.05 43.38
N GLU C 155 25.24 -6.18 42.73
CA GLU C 155 25.83 -6.46 41.42
C GLU C 155 24.79 -6.19 40.34
N PHE C 156 25.23 -5.68 39.19
CA PHE C 156 24.34 -5.42 38.07
C PHE C 156 23.60 -6.70 37.67
N ILE C 157 22.28 -6.61 37.58
CA ILE C 157 21.46 -7.73 37.10
C ILE C 157 20.93 -7.43 35.71
N PRO C 158 21.45 -8.13 34.68
CA PRO C 158 21.01 -7.87 33.31
C PRO C 158 19.57 -8.29 33.03
N ASP C 159 18.92 -7.58 32.13
CA ASP C 159 17.59 -7.97 31.67
C ASP C 159 17.69 -9.27 30.88
N PRO C 160 16.96 -10.30 31.31
CA PRO C 160 16.99 -11.56 30.56
C PRO C 160 16.28 -11.45 29.19
N GLN C 161 15.49 -10.41 28.97
CA GLN C 161 14.88 -10.20 27.65
C GLN C 161 15.84 -9.48 26.71
N GLY C 162 17.02 -9.12 27.22
CA GLY C 162 18.06 -8.57 26.40
C GLY C 162 17.87 -7.12 25.98
N SER C 163 17.03 -6.37 26.72
CA SER C 163 16.86 -4.94 26.45
C SER C 163 18.21 -4.24 26.44
N ASN C 164 18.38 -3.31 25.52
CA ASN C 164 19.64 -2.58 25.42
C ASN C 164 19.45 -1.10 25.73
N MET C 165 20.51 -0.31 25.54
CA MET C 165 20.45 1.12 25.84
C MET C 165 19.65 1.90 24.79
N MET C 166 19.54 1.38 23.58
CA MET C 166 18.65 1.97 22.59
C MET C 166 17.23 1.93 23.12
N PHE C 167 16.86 0.80 23.73
CA PHE C 167 15.55 0.68 24.33
C PHE C 167 15.38 1.59 25.53
N ALA C 168 16.35 1.56 26.44
CA ALA C 168 16.27 2.33 27.67
C ALA C 168 16.11 3.83 27.40
N PHE C 169 16.90 4.36 26.47
CA PHE C 169 16.80 5.78 26.16
C PHE C 169 15.59 6.11 25.29
N PHE C 170 15.12 5.16 24.48
CA PHE C 170 13.87 5.39 23.76
C PHE C 170 12.74 5.56 24.77
N ALA C 171 12.73 4.68 25.77
CA ALA C 171 11.73 4.73 26.82
C ALA C 171 11.74 6.06 27.56
N GLN C 172 12.94 6.50 27.97
CA GLN C 172 13.09 7.78 28.67
C GLN C 172 12.62 8.93 27.78
N HIS C 173 13.09 8.94 26.53
CA HIS C 173 12.77 10.01 25.58
C HIS C 173 11.26 10.06 25.29
N PHE C 174 10.69 8.91 24.94
CA PHE C 174 9.27 8.82 24.61
C PHE C 174 8.35 9.23 25.77
N THR C 175 8.60 8.71 26.97
CA THR C 175 7.71 8.95 28.09
C THR C 175 7.80 10.36 28.63
N HIS C 176 8.92 11.03 28.40
CA HIS C 176 9.11 12.35 28.98
C HIS C 176 8.43 13.45 28.18
N GLN C 177 7.62 13.06 27.21
CA GLN C 177 6.71 14.03 26.62
C GLN C 177 5.40 14.09 27.42
N PHE C 178 5.05 13.02 28.14
CA PHE C 178 3.81 13.09 28.92
C PHE C 178 3.97 12.88 30.43
N PHE C 179 5.17 12.50 30.87
CA PHE C 179 5.53 12.60 32.29
C PHE C 179 6.42 13.82 32.45
N LYS C 180 5.85 14.92 32.92
CA LYS C 180 6.56 16.19 33.04
C LYS C 180 6.07 16.89 34.30
N THR C 181 6.50 16.37 35.45
CA THR C 181 5.94 16.81 36.72
C THR C 181 6.25 18.26 37.00
N ASP C 182 5.22 19.01 37.37
CA ASP C 182 5.34 20.42 37.69
C ASP C 182 5.73 20.56 39.16
N HIS C 183 7.02 20.50 39.45
CA HIS C 183 7.50 20.46 40.83
C HIS C 183 7.19 21.74 41.59
N LYS C 184 6.98 22.85 40.89
CA LYS C 184 6.53 24.07 41.57
C LYS C 184 5.14 23.90 42.17
N ARG C 185 4.27 23.14 41.52
CA ARG C 185 2.93 22.89 42.07
C ARG C 185 2.92 21.68 43.01
N GLY C 186 3.61 20.61 42.62
CA GLY C 186 3.67 19.40 43.41
C GLY C 186 3.65 18.15 42.54
N PRO C 187 3.93 16.98 43.15
CA PRO C 187 4.09 15.73 42.40
C PRO C 187 2.83 15.25 41.68
N GLY C 188 1.66 15.72 42.10
CA GLY C 188 0.43 15.33 41.44
C GLY C 188 0.06 16.25 40.28
N PHE C 189 0.98 17.12 39.89
CA PHE C 189 0.72 18.08 38.82
C PHE C 189 1.65 17.88 37.63
N THR C 190 1.14 18.17 36.43
CA THR C 190 1.93 17.98 35.21
C THR C 190 2.02 19.26 34.37
N ARG C 191 3.11 19.36 33.60
CA ARG C 191 3.27 20.46 32.65
C ARG C 191 2.85 19.99 31.26
N GLY C 192 2.55 18.70 31.13
CA GLY C 192 2.18 18.14 29.84
C GLY C 192 0.69 18.19 29.58
N LEU C 193 0.19 19.36 29.19
CA LEU C 193 -1.25 19.59 29.12
C LEU C 193 -1.92 18.88 27.94
N GLY C 194 -1.11 18.37 27.02
CA GLY C 194 -1.62 17.53 25.94
C GLY C 194 -1.97 16.13 26.43
N HIS C 195 -1.42 15.75 27.58
CA HIS C 195 -1.73 14.46 28.21
C HIS C 195 -1.58 13.27 27.27
N GLY C 196 -0.48 13.23 26.52
CA GLY C 196 -0.28 12.14 25.59
C GLY C 196 0.82 12.35 24.55
N VAL C 197 0.69 11.64 23.44
CA VAL C 197 1.73 11.64 22.43
C VAL C 197 1.50 12.78 21.45
N ASP C 198 1.88 13.99 21.87
CA ASP C 198 1.73 15.14 20.99
C ASP C 198 3.09 15.60 20.46
N LEU C 199 4.15 14.91 20.89
CA LEU C 199 5.54 15.21 20.50
C LEU C 199 5.97 16.62 20.90
N ASN C 200 5.43 17.11 22.01
CA ASN C 200 5.89 18.36 22.59
C ASN C 200 7.36 18.30 22.97
N HIS C 201 7.89 17.10 23.15
CA HIS C 201 9.31 16.95 23.50
C HIS C 201 10.21 17.22 22.30
N ILE C 202 9.62 17.34 21.12
CA ILE C 202 10.34 17.74 19.93
C ILE C 202 9.97 19.20 19.54
N TYR C 203 8.68 19.49 19.59
CA TYR C 203 8.15 20.74 19.06
C TYR C 203 7.92 21.81 20.11
N GLY C 204 7.94 21.43 21.38
CA GLY C 204 7.68 22.39 22.44
C GLY C 204 6.24 22.34 22.91
N GLU C 205 6.06 22.59 24.21
CA GLU C 205 4.74 22.56 24.83
C GLU C 205 3.90 23.78 24.41
N THR C 206 4.56 24.92 24.24
CA THR C 206 3.85 26.14 23.88
C THR C 206 4.18 26.60 22.47
N LEU C 207 3.30 27.43 21.94
CA LEU C 207 3.44 27.95 20.59
C LEU C 207 4.69 28.82 20.48
N ASP C 208 4.92 29.62 21.51
CA ASP C 208 6.07 30.50 21.60
C ASP C 208 7.38 29.72 21.47
N ARG C 209 7.45 28.60 22.17
CA ARG C 209 8.65 27.77 22.13
C ARG C 209 8.76 27.10 20.75
N GLN C 210 7.65 26.59 20.23
CA GLN C 210 7.64 25.98 18.90
C GLN C 210 8.17 26.93 17.83
N HIS C 211 7.70 28.17 17.86
CA HIS C 211 8.10 29.13 16.85
C HIS C 211 9.59 29.48 16.96
N LYS C 212 10.14 29.50 18.17
CA LYS C 212 11.58 29.72 18.32
C LYS C 212 12.42 28.56 17.79
N LEU C 213 11.85 27.36 17.78
CA LEU C 213 12.54 26.16 17.29
C LEU C 213 12.40 25.96 15.77
N ARG C 214 11.45 26.65 15.16
CA ARG C 214 11.15 26.46 13.73
C ARG C 214 11.98 27.34 12.82
N LEU C 215 12.26 26.83 11.63
CA LEU C 215 13.02 27.56 10.64
C LEU C 215 12.14 28.54 9.87
N PHE C 216 10.85 28.20 9.77
CA PHE C 216 9.87 28.95 8.98
C PHE C 216 10.22 28.96 7.50
N LYS C 217 11.02 27.98 7.09
CA LYS C 217 11.19 27.66 5.68
C LYS C 217 10.96 26.16 5.52
N ASP C 218 10.16 25.79 4.53
CA ASP C 218 9.91 24.40 4.16
C ASP C 218 9.35 23.51 5.28
N GLY C 219 8.72 24.13 6.27
CA GLY C 219 8.13 23.39 7.38
C GLY C 219 9.14 22.94 8.43
N LYS C 220 10.41 23.28 8.21
CA LYS C 220 11.48 22.65 8.99
C LYS C 220 11.74 23.24 10.37
N LEU C 221 12.41 22.44 11.18
CA LEU C 221 12.96 22.87 12.47
C LEU C 221 14.37 23.40 12.25
N LYS C 222 14.75 24.42 13.03
CA LYS C 222 16.12 24.93 12.99
C LYS C 222 17.12 23.84 13.37
N TYR C 223 18.31 23.92 12.78
CA TYR C 223 19.38 22.99 13.08
C TYR C 223 20.71 23.66 12.80
N GLN C 224 21.78 23.02 13.25
CA GLN C 224 23.11 23.46 12.86
C GLN C 224 23.87 22.27 12.29
N VAL C 225 24.95 22.55 11.56
CA VAL C 225 25.79 21.50 11.01
C VAL C 225 27.14 21.54 11.70
N ILE C 226 27.53 20.43 12.30
CA ILE C 226 28.82 20.31 12.98
C ILE C 226 29.58 19.13 12.41
N GLY C 227 30.75 19.41 11.83
CA GLY C 227 31.55 18.39 11.16
C GLY C 227 30.75 17.64 10.11
N GLY C 228 29.93 18.35 9.34
CA GLY C 228 29.12 17.72 8.33
C GLY C 228 27.89 16.99 8.86
N GLU C 229 27.64 17.10 10.16
CA GLU C 229 26.52 16.40 10.78
C GLU C 229 25.46 17.34 11.33
N VAL C 230 24.20 16.94 11.18
CA VAL C 230 23.10 17.77 11.65
C VAL C 230 22.80 17.55 13.14
N TYR C 231 22.79 18.66 13.88
CA TYR C 231 22.47 18.67 15.30
C TYR C 231 21.45 19.76 15.63
N PRO C 232 20.83 19.70 16.80
CA PRO C 232 19.94 20.79 17.20
C PRO C 232 20.68 22.12 17.30
N PRO C 233 19.93 23.24 17.18
CA PRO C 233 20.58 24.55 17.36
C PRO C 233 20.84 24.80 18.84
N THR C 234 21.47 25.93 19.16
CA THR C 234 21.83 26.26 20.53
C THR C 234 20.80 27.15 21.21
N VAL C 235 20.89 27.19 22.53
CA VAL C 235 20.11 28.13 23.33
C VAL C 235 20.37 29.58 22.90
N LYS C 236 21.64 29.92 22.70
CA LYS C 236 22.00 31.28 22.28
C LYS C 236 21.35 31.65 20.96
N ASP C 237 21.30 30.70 20.02
CA ASP C 237 20.82 30.96 18.68
C ASP C 237 19.30 31.00 18.54
N THR C 238 18.60 30.45 19.52
CA THR C 238 17.13 30.37 19.45
C THR C 238 16.38 31.11 20.58
N GLN C 239 17.08 31.35 21.69
CA GLN C 239 16.47 31.83 22.94
C GLN C 239 15.49 30.82 23.54
N VAL C 240 15.65 29.56 23.19
CA VAL C 240 14.85 28.53 23.80
C VAL C 240 15.48 28.13 25.14
N GLU C 241 14.69 28.21 26.21
CA GLU C 241 15.17 27.85 27.55
C GLU C 241 15.46 26.37 27.63
N MET C 242 16.64 26.05 28.13
CA MET C 242 17.03 24.67 28.41
C MET C 242 17.64 24.60 29.82
N ILE C 243 17.59 23.41 30.42
CA ILE C 243 18.23 23.20 31.71
C ILE C 243 19.66 22.69 31.53
N TYR C 244 20.64 23.54 31.85
CA TYR C 244 22.04 23.18 31.80
C TYR C 244 22.76 23.77 33.01
N PRO C 245 23.77 23.06 33.55
CA PRO C 245 24.67 23.64 34.54
C PRO C 245 25.43 24.81 33.95
N PRO C 246 25.80 25.81 34.77
CA PRO C 246 26.31 27.05 34.19
C PRO C 246 27.64 26.92 33.46
N HIS C 247 28.34 25.81 33.66
CA HIS C 247 29.65 25.63 33.04
C HIS C 247 29.60 24.96 31.67
N ILE C 248 28.41 24.58 31.21
CA ILE C 248 28.29 24.01 29.87
C ILE C 248 28.56 25.10 28.85
N PRO C 249 29.53 24.86 27.94
CA PRO C 249 29.84 25.81 26.86
C PRO C 249 28.59 26.14 26.04
N GLU C 250 28.49 27.37 25.54
CA GLU C 250 27.32 27.79 24.78
C GLU C 250 27.11 26.94 23.54
N ASN C 251 28.21 26.56 22.90
CA ASN C 251 28.13 25.76 21.67
C ASN C 251 27.70 24.32 21.95
N LEU C 252 27.58 23.96 23.23
CA LEU C 252 27.10 22.64 23.62
C LEU C 252 25.72 22.69 24.29
N GLN C 253 25.14 23.87 24.42
CA GLN C 253 23.79 23.97 24.96
C GLN C 253 22.73 23.80 23.87
N PHE C 254 22.52 22.57 23.43
CA PHE C 254 21.55 22.27 22.39
C PHE C 254 20.12 22.58 22.84
N ALA C 255 19.32 23.15 21.95
CA ALA C 255 17.94 23.51 22.27
C ALA C 255 16.97 22.59 21.55
N VAL C 256 16.13 21.92 22.31
CA VAL C 256 15.13 21.01 21.75
C VAL C 256 13.78 21.20 22.47
N GLY C 257 12.77 20.48 22.03
CA GLY C 257 11.41 20.68 22.54
C GLY C 257 11.28 20.56 24.04
N GLN C 258 11.92 19.54 24.61
CA GLN C 258 11.87 19.26 26.03
C GLN C 258 13.07 19.88 26.74
N GLU C 259 12.82 20.76 27.71
CA GLU C 259 13.91 21.51 28.35
C GLU C 259 14.89 20.65 29.17
N VAL C 260 14.52 19.43 29.52
CA VAL C 260 15.45 18.60 30.34
C VAL C 260 16.30 17.66 29.50
N PHE C 261 16.15 17.68 28.18
CA PHE C 261 16.81 16.67 27.35
C PHE C 261 18.32 16.87 27.18
N GLY C 262 18.85 17.98 27.68
CA GLY C 262 20.28 18.11 27.81
C GLY C 262 20.86 17.26 28.96
N LEU C 263 19.99 16.63 29.74
CA LEU C 263 20.38 15.83 30.92
C LEU C 263 21.39 14.73 30.59
N VAL C 264 21.12 13.96 29.55
CA VAL C 264 22.01 12.86 29.15
C VAL C 264 22.09 12.77 27.64
N PRO C 265 23.28 12.45 27.14
CA PRO C 265 23.53 12.33 25.70
C PRO C 265 22.58 11.36 25.02
N GLY C 266 22.07 10.37 25.77
CA GLY C 266 21.13 9.41 25.23
C GLY C 266 19.80 10.06 24.83
N LEU C 267 19.37 11.03 25.61
CA LEU C 267 18.18 11.81 25.24
C LEU C 267 18.49 12.70 24.04
N MET C 268 19.64 13.37 24.09
CA MET C 268 20.03 14.25 22.99
C MET C 268 20.21 13.47 21.68
N MET C 269 20.63 12.22 21.79
CA MET C 269 20.72 11.34 20.62
C MET C 269 19.36 11.21 19.93
N TYR C 270 18.33 10.87 20.69
CA TYR C 270 17.01 10.68 20.11
C TYR C 270 16.39 12.00 19.67
N ALA C 271 16.67 13.06 20.43
CA ALA C 271 16.20 14.39 20.04
C ALA C 271 16.75 14.75 18.67
N THR C 272 18.01 14.40 18.45
CA THR C 272 18.68 14.69 17.18
C THR C 272 18.08 13.83 16.04
N ILE C 273 17.91 12.54 16.30
CA ILE C 273 17.32 11.64 15.32
C ILE C 273 15.94 12.12 14.87
N TRP C 274 15.08 12.46 15.82
CA TRP C 274 13.72 12.89 15.51
C TRP C 274 13.69 14.25 14.83
N LEU C 275 14.63 15.12 15.19
CA LEU C 275 14.76 16.42 14.51
C LEU C 275 15.09 16.19 13.03
N ARG C 276 16.06 15.33 12.77
CA ARG C 276 16.38 14.94 11.39
C ARG C 276 15.19 14.31 10.67
N GLU C 277 14.44 13.47 11.36
CA GLU C 277 13.28 12.81 10.77
C GLU C 277 12.23 13.86 10.36
N HIS C 278 11.97 14.84 11.22
CA HIS C 278 11.04 15.90 10.88
C HIS C 278 11.44 16.59 9.58
N ASN C 279 12.71 16.99 9.49
CA ASN C 279 13.18 17.71 8.32
C ASN C 279 13.22 16.81 7.09
N ARG C 280 13.44 15.52 7.32
CA ARG C 280 13.38 14.55 6.23
C ARG C 280 11.96 14.50 5.66
N VAL C 281 10.98 14.40 6.54
CA VAL C 281 9.58 14.31 6.13
C VAL C 281 9.15 15.61 5.44
N CYS C 282 9.68 16.74 5.89
CA CYS C 282 9.46 18.02 5.22
C CYS C 282 9.92 17.97 3.76
N ASP C 283 11.09 17.40 3.52
CA ASP C 283 11.62 17.28 2.16
C ASP C 283 10.69 16.46 1.26
N ILE C 284 10.22 15.33 1.80
CA ILE C 284 9.33 14.44 1.07
C ILE C 284 8.01 15.15 0.72
N LEU C 285 7.41 15.83 1.69
CA LEU C 285 6.14 16.51 1.46
C LEU C 285 6.30 17.68 0.48
N LYS C 286 7.44 18.37 0.57
CA LYS C 286 7.72 19.48 -0.35
C LYS C 286 7.85 18.97 -1.79
N GLN C 287 8.47 17.82 -1.96
CA GLN C 287 8.55 17.18 -3.27
C GLN C 287 7.17 16.83 -3.80
N GLU C 288 6.30 16.33 -2.92
CA GLU C 288 4.94 15.97 -3.33
C GLU C 288 4.04 17.20 -3.50
N HIS C 289 4.34 18.26 -2.75
CA HIS C 289 3.48 19.44 -2.72
C HIS C 289 4.28 20.72 -2.88
N PRO C 290 4.76 21.00 -4.11
CA PRO C 290 5.49 22.26 -4.30
C PRO C 290 4.60 23.47 -4.02
N GLU C 291 3.29 23.29 -4.03
CA GLU C 291 2.35 24.40 -3.84
C GLU C 291 2.14 24.74 -2.37
N TRP C 292 2.63 23.89 -1.46
CA TRP C 292 2.43 24.10 -0.03
C TRP C 292 3.39 25.13 0.55
N GLY C 293 2.91 25.82 1.59
CA GLY C 293 3.74 26.75 2.33
C GLY C 293 4.37 26.08 3.55
N ASP C 294 5.21 26.85 4.23
CA ASP C 294 5.95 26.38 5.40
C ASP C 294 5.02 25.86 6.51
N GLU C 295 3.95 26.59 6.81
CA GLU C 295 3.07 26.24 7.90
C GLU C 295 2.45 24.85 7.68
N GLN C 296 1.91 24.61 6.49
CA GLN C 296 1.28 23.31 6.22
C GLN C 296 2.33 22.19 6.18
N LEU C 297 3.52 22.48 5.68
CA LEU C 297 4.59 21.49 5.67
C LEU C 297 4.96 21.12 7.11
N PHE C 298 5.05 22.12 7.97
CA PHE C 298 5.38 21.84 9.37
C PHE C 298 4.30 21.00 10.04
N GLN C 299 3.05 21.43 9.93
CA GLN C 299 1.95 20.77 10.65
C GLN C 299 1.74 19.34 10.17
N THR C 300 1.84 19.13 8.87
CA THR C 300 1.61 17.81 8.29
C THR C 300 2.75 16.87 8.71
N SER C 301 3.97 17.37 8.71
CA SER C 301 5.12 16.57 9.15
C SER C 301 4.94 16.12 10.59
N ARG C 302 4.52 17.04 11.45
CA ARG C 302 4.27 16.73 12.85
C ARG C 302 3.23 15.61 13.00
N LEU C 303 2.14 15.69 12.23
CA LEU C 303 1.12 14.64 12.28
C LEU C 303 1.73 13.30 11.86
N ILE C 304 2.56 13.35 10.82
CA ILE C 304 3.23 12.15 10.35
C ILE C 304 4.15 11.58 11.43
N LEU C 305 4.94 12.42 12.09
CA LEU C 305 5.85 11.94 13.13
C LEU C 305 5.09 11.40 14.35
N ILE C 306 3.94 11.99 14.68
CA ILE C 306 3.10 11.44 15.73
C ILE C 306 2.69 10.01 15.34
N GLY C 307 2.26 9.84 14.09
CA GLY C 307 1.93 8.51 13.57
C GLY C 307 3.09 7.53 13.64
N GLU C 308 4.27 7.95 13.20
CA GLU C 308 5.46 7.11 13.27
C GLU C 308 5.76 6.67 14.70
N THR C 309 5.61 7.61 15.62
CA THR C 309 5.91 7.36 17.02
C THR C 309 5.00 6.24 17.54
N ILE C 310 3.69 6.36 17.31
CA ILE C 310 2.75 5.36 17.78
C ILE C 310 3.01 4.00 17.13
N LYS C 311 3.28 4.03 15.83
CA LYS C 311 3.63 2.83 15.07
C LYS C 311 4.83 2.10 15.67
N ILE C 312 5.90 2.84 15.92
CA ILE C 312 7.12 2.25 16.46
C ILE C 312 6.94 1.76 17.88
N VAL C 313 6.23 2.55 18.69
CA VAL C 313 6.03 2.18 20.08
C VAL C 313 5.26 0.86 20.17
N ILE C 314 4.24 0.70 19.33
CA ILE C 314 3.46 -0.52 19.37
C ILE C 314 4.19 -1.73 18.77
N GLU C 315 4.72 -1.58 17.55
CA GLU C 315 5.20 -2.74 16.81
C GLU C 315 6.67 -3.12 17.05
N ASP C 316 7.45 -2.23 17.67
CA ASP C 316 8.83 -2.55 18.02
C ASP C 316 9.04 -2.56 19.54
N TYR C 317 8.59 -1.49 20.16
CA TYR C 317 8.85 -1.21 21.57
C TYR C 317 8.02 -2.09 22.48
N VAL C 318 6.70 -2.01 22.35
CA VAL C 318 5.81 -2.89 23.12
C VAL C 318 6.04 -4.34 22.68
N GLN C 319 6.29 -4.53 21.40
CA GLN C 319 6.58 -5.87 20.89
C GLN C 319 7.73 -6.52 21.64
N HIS C 320 8.84 -5.79 21.76
CA HIS C 320 10.01 -6.28 22.47
C HIS C 320 9.72 -6.55 23.94
N LEU C 321 9.09 -5.60 24.61
CA LEU C 321 8.80 -5.73 26.03
C LEU C 321 7.93 -6.95 26.33
N SER C 322 6.96 -7.20 25.45
CA SER C 322 5.98 -8.25 25.66
C SER C 322 6.58 -9.64 25.57
N GLY C 323 7.58 -9.80 24.69
CA GLY C 323 8.16 -11.11 24.46
C GLY C 323 7.20 -12.06 23.75
N TYR C 324 6.11 -11.52 23.21
CA TYR C 324 5.11 -12.34 22.53
C TYR C 324 5.64 -12.84 21.19
N HIS C 325 5.18 -14.01 20.79
CA HIS C 325 5.43 -14.50 19.43
C HIS C 325 4.42 -13.87 18.47
N PHE C 326 3.24 -13.53 18.98
CA PHE C 326 2.27 -12.78 18.18
C PHE C 326 2.84 -11.41 17.82
N LYS C 327 2.68 -11.00 16.57
CA LYS C 327 3.21 -9.71 16.13
C LYS C 327 2.17 -8.61 16.25
N LEU C 328 2.32 -7.78 17.28
CA LEU C 328 1.42 -6.66 17.52
C LEU C 328 1.33 -5.75 16.29
N LYS C 329 0.22 -5.03 16.19
CA LYS C 329 -0.04 -4.26 14.97
C LYS C 329 -0.63 -2.90 15.33
N PHE C 330 -0.10 -1.85 14.71
CA PHE C 330 -0.71 -0.54 14.81
C PHE C 330 -1.73 -0.41 13.69
N ASP C 331 -3.00 -0.40 14.05
CA ASP C 331 -4.06 -0.28 13.06
C ASP C 331 -5.31 0.34 13.67
N PRO C 332 -5.44 1.67 13.56
CA PRO C 332 -6.59 2.40 14.10
C PRO C 332 -7.94 1.82 13.66
N GLU C 333 -8.01 1.31 12.43
CA GLU C 333 -9.27 0.77 11.89
C GLU C 333 -9.84 -0.36 12.74
N LEU C 334 -8.99 -1.03 13.51
CA LEU C 334 -9.44 -2.11 14.38
C LEU C 334 -10.49 -1.65 15.39
N LEU C 335 -10.50 -0.36 15.70
CA LEU C 335 -11.41 0.17 16.72
C LEU C 335 -12.65 0.88 16.16
N PHE C 336 -12.75 0.99 14.84
CA PHE C 336 -13.82 1.79 14.24
C PHE C 336 -15.22 1.23 14.48
N ASN C 337 -15.32 -0.07 14.70
CA ASN C 337 -16.62 -0.67 15.02
C ASN C 337 -16.72 -1.03 16.49
N GLN C 338 -15.87 -0.42 17.31
CA GLN C 338 -15.84 -0.66 18.74
C GLN C 338 -16.22 0.59 19.51
N GLN C 339 -16.65 0.42 20.75
CA GLN C 339 -16.84 1.55 21.64
C GLN C 339 -15.47 1.94 22.19
N PHE C 340 -15.05 3.16 21.91
CA PHE C 340 -13.74 3.62 22.34
C PHE C 340 -13.69 5.15 22.36
N GLN C 341 -13.17 5.69 23.46
CA GLN C 341 -13.05 7.14 23.64
C GLN C 341 -11.70 7.66 23.16
N TYR C 342 -11.72 8.50 22.12
CA TYR C 342 -10.49 9.10 21.61
C TYR C 342 -10.08 10.30 22.46
N GLN C 343 -9.57 9.99 23.64
CA GLN C 343 -9.06 10.98 24.58
C GLN C 343 -8.24 10.25 25.62
N ASN C 344 -7.41 10.97 26.34
CA ASN C 344 -6.59 10.37 27.38
C ASN C 344 -6.19 11.45 28.37
N ARG C 345 -6.10 11.05 29.63
CA ARG C 345 -5.58 11.90 30.69
C ARG C 345 -4.50 11.07 31.37
N ILE C 346 -3.30 11.62 31.52
CA ILE C 346 -2.18 10.84 32.07
C ILE C 346 -2.34 10.59 33.56
N ALA C 347 -2.30 9.32 33.96
CA ALA C 347 -2.47 8.94 35.36
C ALA C 347 -1.16 9.01 36.13
N SER C 348 -1.24 9.49 37.38
CA SER C 348 -0.11 9.54 38.27
C SER C 348 0.51 8.15 38.47
N GLU C 349 -0.34 7.14 38.60
CA GLU C 349 0.14 5.78 38.80
C GLU C 349 0.89 5.25 37.58
N PHE C 350 0.47 5.65 36.38
CA PHE C 350 1.19 5.30 35.16
C PHE C 350 2.61 5.87 35.22
N ASN C 351 2.72 7.14 35.63
CA ASN C 351 4.00 7.79 35.85
C ASN C 351 4.87 6.99 36.81
N THR C 352 4.29 6.67 37.96
CA THR C 352 5.02 5.94 39.00
C THR C 352 5.56 4.62 38.49
N LEU C 353 4.71 3.83 37.85
CA LEU C 353 5.14 2.51 37.39
C LEU C 353 6.21 2.59 36.28
N TYR C 354 6.28 3.71 35.58
CA TYR C 354 7.23 3.86 34.48
C TYR C 354 8.61 4.34 34.94
N HIS C 355 8.81 4.44 36.25
CA HIS C 355 10.13 4.75 36.79
C HIS C 355 11.06 3.55 36.64
N TRP C 356 11.60 3.36 35.44
CA TRP C 356 12.38 2.17 35.12
C TRP C 356 13.89 2.35 35.24
N HIS C 357 14.33 3.08 36.26
CA HIS C 357 15.75 3.32 36.45
C HIS C 357 16.65 2.07 36.64
N PRO C 358 16.10 0.92 37.11
CA PRO C 358 16.99 -0.25 37.11
C PRO C 358 17.52 -0.63 35.72
N LEU C 359 16.90 -0.10 34.67
CA LEU C 359 17.38 -0.31 33.30
C LEU C 359 18.83 0.17 33.14
N LEU C 360 19.17 1.23 33.85
CA LEU C 360 20.46 1.89 33.66
C LEU C 360 21.64 1.05 34.12
N PRO C 361 22.73 1.05 33.33
CA PRO C 361 23.96 0.34 33.66
C PRO C 361 24.79 1.13 34.66
N ASP C 362 25.88 0.55 35.13
CA ASP C 362 26.77 1.23 36.06
C ASP C 362 27.63 2.25 35.33
N THR C 363 27.93 1.95 34.07
CA THR C 363 28.68 2.84 33.20
C THR C 363 28.07 2.82 31.81
N PHE C 364 28.29 3.88 31.05
CA PHE C 364 27.77 3.93 29.69
C PHE C 364 28.90 3.68 28.70
N ASN C 365 28.77 2.60 27.95
CA ASN C 365 29.87 2.14 27.12
C ASN C 365 29.69 2.58 25.67
N ILE C 366 30.49 3.57 25.26
CA ILE C 366 30.46 4.07 23.90
C ILE C 366 31.81 3.91 23.24
N GLU C 367 31.81 3.20 22.12
CA GLU C 367 33.02 2.85 21.41
C GLU C 367 33.94 2.13 22.40
N ASP C 368 35.14 2.62 22.63
CA ASP C 368 36.04 1.94 23.57
C ASP C 368 36.07 2.62 24.96
N GLN C 369 35.18 3.57 25.16
CA GLN C 369 35.10 4.31 26.43
C GLN C 369 34.01 3.76 27.35
N GLU C 370 34.21 3.93 28.65
CA GLU C 370 33.18 3.60 29.63
C GLU C 370 32.97 4.79 30.56
N TYR C 371 31.90 5.54 30.33
CA TYR C 371 31.66 6.75 31.11
C TYR C 371 30.88 6.47 32.39
N SER C 372 31.34 7.06 33.48
CA SER C 372 30.59 7.06 34.74
C SER C 372 29.36 7.96 34.60
N PHE C 373 28.42 7.84 35.54
CA PHE C 373 27.28 8.77 35.57
C PHE C 373 27.75 10.21 35.61
N LYS C 374 28.74 10.48 36.45
CA LYS C 374 29.31 11.81 36.60
C LYS C 374 29.86 12.35 35.28
N GLN C 375 30.46 11.47 34.49
CA GLN C 375 31.03 11.85 33.20
C GLN C 375 29.99 12.00 32.10
N PHE C 376 28.93 11.20 32.22
CA PHE C 376 27.92 11.10 31.18
C PHE C 376 26.92 12.25 31.26
N LEU C 377 26.48 12.60 32.46
CA LEU C 377 25.40 13.57 32.64
C LEU C 377 25.74 14.97 32.13
N TYR C 378 24.78 15.55 31.40
CA TYR C 378 24.92 16.88 30.86
C TYR C 378 26.21 17.04 30.08
N ASN C 379 26.63 15.98 29.39
CA ASN C 379 27.86 16.06 28.64
C ASN C 379 27.61 15.75 27.18
N ASN C 380 27.12 16.75 26.45
CA ASN C 380 26.84 16.58 25.03
C ASN C 380 28.12 16.48 24.19
N SER C 381 29.26 16.79 24.77
CA SER C 381 30.51 16.69 24.01
C SER C 381 30.79 15.23 23.67
N ILE C 382 30.28 14.33 24.51
CA ILE C 382 30.40 12.90 24.26
C ILE C 382 29.69 12.54 22.96
N LEU C 383 28.50 13.11 22.76
CA LEU C 383 27.74 12.89 21.54
C LEU C 383 28.47 13.45 20.31
N LEU C 384 29.00 14.66 20.42
CA LEU C 384 29.72 15.27 19.30
C LEU C 384 30.99 14.49 18.99
N GLU C 385 31.69 14.08 20.04
CA GLU C 385 32.93 13.34 19.89
C GLU C 385 32.77 12.02 19.14
N HIS C 386 31.77 11.23 19.51
CA HIS C 386 31.60 9.90 18.94
C HIS C 386 30.68 9.92 17.71
N GLY C 387 29.70 10.82 17.73
CA GLY C 387 28.75 10.91 16.63
C GLY C 387 27.59 9.96 16.81
N LEU C 388 26.50 10.21 16.08
CA LEU C 388 25.27 9.42 16.19
C LEU C 388 25.43 7.96 15.81
N THR C 389 26.18 7.71 14.76
CA THR C 389 26.36 6.36 14.24
C THR C 389 26.97 5.46 15.30
N GLN C 390 28.05 5.94 15.93
CA GLN C 390 28.73 5.17 16.96
C GLN C 390 27.83 5.04 18.19
N PHE C 391 27.06 6.08 18.50
CA PHE C 391 26.09 6.01 19.59
C PHE C 391 25.11 4.87 19.36
N VAL C 392 24.49 4.86 18.19
CA VAL C 392 23.53 3.81 17.87
C VAL C 392 24.21 2.44 17.96
N GLU C 393 25.39 2.30 17.36
CA GLU C 393 26.09 1.03 17.38
C GLU C 393 26.43 0.56 18.80
N SER C 394 26.91 1.48 19.63
CA SER C 394 27.30 1.14 21.00
C SER C 394 26.08 0.84 21.88
N PHE C 395 25.06 1.66 21.78
CA PHE C 395 23.87 1.48 22.61
C PHE C 395 23.09 0.23 22.21
N THR C 396 23.21 -0.17 20.95
CA THR C 396 22.57 -1.39 20.49
C THR C 396 23.24 -2.61 21.13
N ARG C 397 24.53 -2.49 21.41
CA ARG C 397 25.30 -3.61 21.97
C ARG C 397 25.27 -3.69 23.49
N GLN C 398 24.97 -2.59 24.17
CA GLN C 398 25.06 -2.59 25.63
C GLN C 398 23.76 -3.00 26.28
N ILE C 399 23.82 -4.00 27.15
CA ILE C 399 22.61 -4.53 27.76
C ILE C 399 22.14 -3.65 28.93
N ALA C 400 20.83 -3.61 29.11
CA ALA C 400 20.20 -2.84 30.17
C ALA C 400 19.88 -3.76 31.35
N GLY C 401 19.50 -3.18 32.49
CA GLY C 401 19.22 -3.97 33.67
C GLY C 401 17.78 -4.47 33.78
N ARG C 402 17.61 -5.56 34.53
CA ARG C 402 16.28 -6.08 34.84
CA ARG C 402 16.28 -6.09 34.85
C ARG C 402 15.56 -5.16 35.81
N VAL C 403 14.27 -4.92 35.57
CA VAL C 403 13.52 -3.95 36.36
C VAL C 403 12.82 -4.56 37.58
N ALA C 404 12.12 -5.68 37.41
CA ALA C 404 11.56 -6.40 38.55
C ALA C 404 12.64 -7.31 39.13
N GLY C 405 12.31 -8.05 40.19
CA GLY C 405 13.25 -9.01 40.76
C GLY C 405 14.13 -8.50 41.89
N GLY C 406 14.07 -7.19 42.13
CA GLY C 406 14.70 -6.60 43.30
C GLY C 406 16.14 -6.19 43.15
N ARG C 407 16.55 -5.24 43.99
CA ARG C 407 17.95 -4.86 44.17
C ARG C 407 18.69 -4.58 42.86
N ASN C 408 18.14 -3.70 42.04
CA ASN C 408 18.82 -3.38 40.79
C ASN C 408 18.73 -1.91 40.44
N VAL C 409 18.40 -1.09 41.44
CA VAL C 409 18.45 0.36 41.26
C VAL C 409 19.88 0.84 41.41
N PRO C 410 20.43 1.46 40.36
CA PRO C 410 21.81 1.96 40.44
C PRO C 410 21.97 3.00 41.53
N ILE C 411 23.07 2.91 42.26
CA ILE C 411 23.32 3.77 43.41
C ILE C 411 23.40 5.23 43.00
N ALA C 412 23.86 5.49 41.78
CA ALA C 412 23.95 6.85 41.27
C ALA C 412 22.62 7.59 41.32
N VAL C 413 21.51 6.86 41.18
CA VAL C 413 20.19 7.49 41.22
C VAL C 413 19.37 7.04 42.42
N GLN C 414 20.02 6.73 43.55
CA GLN C 414 19.29 6.28 44.72
C GLN C 414 18.31 7.37 45.20
N ALA C 415 18.70 8.63 45.04
CA ALA C 415 17.86 9.72 45.48
C ALA C 415 16.56 9.79 44.68
N VAL C 416 16.60 9.35 43.42
CA VAL C 416 15.41 9.32 42.57
C VAL C 416 14.45 8.23 43.05
N ALA C 417 14.99 7.06 43.36
CA ALA C 417 14.17 5.95 43.82
C ALA C 417 13.52 6.28 45.15
N LYS C 418 14.26 6.94 46.04
CA LYS C 418 13.71 7.33 47.33
C LYS C 418 12.57 8.33 47.16
N ALA C 419 12.74 9.25 46.21
CA ALA C 419 11.72 10.26 45.92
C ALA C 419 10.44 9.62 45.38
N SER C 420 10.58 8.57 44.57
CA SER C 420 9.43 7.85 44.06
C SER C 420 8.63 7.31 45.22
N ILE C 421 9.33 6.77 46.21
CA ILE C 421 8.68 6.24 47.40
C ILE C 421 8.00 7.38 48.16
N ASP C 422 8.78 8.42 48.48
CA ASP C 422 8.28 9.51 49.31
C ASP C 422 7.14 10.29 48.65
N GLN C 423 7.19 10.44 47.34
CA GLN C 423 6.16 11.22 46.66
C GLN C 423 4.88 10.40 46.45
N SER C 424 5.01 9.08 46.27
CA SER C 424 3.85 8.18 46.30
C SER C 424 3.06 8.39 47.58
N ARG C 425 3.78 8.43 48.69
CA ARG C 425 3.17 8.61 50.00
C ARG C 425 2.57 10.01 50.13
N GLU C 426 3.30 11.00 49.64
CA GLU C 426 2.82 12.37 49.67
C GLU C 426 1.49 12.50 48.92
N MET C 427 1.36 11.74 47.84
CA MET C 427 0.16 11.75 47.01
C MET C 427 -0.91 10.78 47.54
N LYS C 428 -0.63 10.20 48.70
CA LYS C 428 -1.58 9.34 49.39
C LYS C 428 -2.07 8.15 48.55
N TYR C 429 -1.14 7.49 47.86
CA TYR C 429 -1.43 6.27 47.12
C TYR C 429 -2.02 5.17 48.02
N GLN C 430 -3.03 4.47 47.54
CA GLN C 430 -3.48 3.24 48.21
C GLN C 430 -2.43 2.13 48.06
N SER C 431 -2.67 0.99 48.71
CA SER C 431 -1.70 -0.08 48.81
C SER C 431 -1.53 -0.84 47.50
N LEU C 432 -0.46 -1.61 47.41
CA LEU C 432 -0.22 -2.53 46.31
C LEU C 432 -1.45 -3.40 46.02
N ASN C 433 -1.99 -4.02 47.05
CA ASN C 433 -3.10 -4.94 46.88
C ASN C 433 -4.38 -4.24 46.44
N GLU C 434 -4.58 -2.98 46.86
CA GLU C 434 -5.75 -2.23 46.36
C GLU C 434 -5.62 -2.01 44.85
N TYR C 435 -4.42 -1.66 44.39
CA TYR C 435 -4.19 -1.46 42.97
C TYR C 435 -4.31 -2.76 42.18
N ARG C 436 -3.90 -3.89 42.78
CA ARG C 436 -4.04 -5.18 42.12
C ARG C 436 -5.53 -5.50 41.94
N LYS C 437 -6.32 -5.30 42.99
CA LYS C 437 -7.76 -5.53 42.88
C LYS C 437 -8.38 -4.60 41.83
N ARG C 438 -7.93 -3.34 41.82
CA ARG C 438 -8.44 -2.35 40.87
C ARG C 438 -8.19 -2.81 39.43
N PHE C 439 -7.15 -3.60 39.22
CA PHE C 439 -6.87 -4.08 37.86
C PHE C 439 -7.14 -5.57 37.69
N SER C 440 -8.08 -6.07 38.48
CA SER C 440 -8.58 -7.44 38.38
C SER C 440 -7.52 -8.49 38.65
N LEU C 441 -6.59 -8.19 39.54
CA LEU C 441 -5.57 -9.16 39.94
C LEU C 441 -5.85 -9.59 41.37
N LYS C 442 -5.50 -10.83 41.70
CA LYS C 442 -5.68 -11.32 43.05
C LYS C 442 -4.66 -10.67 43.97
N PRO C 443 -5.11 -10.25 45.16
CA PRO C 443 -4.20 -9.70 46.17
C PRO C 443 -3.11 -10.71 46.54
N TYR C 444 -1.89 -10.24 46.78
CA TYR C 444 -0.84 -11.10 47.32
C TYR C 444 -1.15 -11.42 48.77
N THR C 445 -0.86 -12.66 49.18
CA THR C 445 -1.19 -13.08 50.54
C THR C 445 0.06 -13.18 51.42
N SER C 446 1.24 -12.93 50.86
CA SER C 446 2.47 -12.91 51.64
C SER C 446 3.57 -12.20 50.87
N PHE C 447 4.63 -11.79 51.56
CA PHE C 447 5.72 -11.12 50.90
C PHE C 447 6.49 -12.12 50.04
N GLU C 448 6.51 -13.39 50.45
CA GLU C 448 7.12 -14.42 49.62
C GLU C 448 6.30 -14.67 48.35
N GLU C 449 4.98 -14.57 48.40
CA GLU C 449 4.30 -14.71 47.12
C GLU C 449 4.67 -13.54 46.19
N LEU C 450 4.85 -12.35 46.76
CA LEU C 450 5.20 -11.17 46.00
C LEU C 450 6.56 -11.29 45.30
N THR C 451 7.58 -11.70 46.03
CA THR C 451 8.93 -11.73 45.48
C THR C 451 9.32 -13.06 44.84
N GLY C 452 8.62 -14.13 45.20
CA GLY C 452 8.96 -15.46 44.70
C GLY C 452 10.24 -15.98 45.33
N GLU C 453 10.65 -15.37 46.44
CA GLU C 453 11.94 -15.67 47.06
C GLU C 453 11.81 -15.49 48.60
N LYS C 454 12.90 -15.65 49.35
CA LYS C 454 12.85 -15.68 50.80
C LYS C 454 13.45 -14.45 51.51
N GLU C 455 14.59 -14.00 51.01
CA GLU C 455 15.41 -13.01 51.70
C GLU C 455 14.81 -11.60 51.68
N MET C 456 14.51 -11.10 50.49
CA MET C 456 13.88 -9.78 50.36
C MET C 456 12.51 -9.81 51.02
N ALA C 457 11.79 -10.90 50.84
CA ALA C 457 10.48 -11.10 51.46
C ALA C 457 10.55 -10.92 52.96
N ALA C 458 11.58 -11.50 53.58
CA ALA C 458 11.76 -11.40 55.02
C ALA C 458 12.11 -9.98 55.45
N GLU C 459 12.93 -9.30 54.65
CA GLU C 459 13.25 -7.88 54.90
C GLU C 459 11.97 -7.05 54.84
N LEU C 460 11.14 -7.32 53.83
CA LEU C 460 9.90 -6.55 53.65
C LEU C 460 8.90 -6.85 54.76
N LYS C 461 8.82 -8.11 55.19
CA LYS C 461 7.89 -8.47 56.24
C LYS C 461 8.25 -7.76 57.55
N ALA C 462 9.54 -7.68 57.85
CA ALA C 462 9.99 -6.98 59.05
C ALA C 462 9.65 -5.49 58.98
N LEU C 463 9.72 -4.91 57.79
CA LEU C 463 9.44 -3.48 57.63
C LEU C 463 7.95 -3.16 57.63
N TYR C 464 7.16 -3.94 56.90
CA TYR C 464 5.75 -3.61 56.65
C TYR C 464 4.75 -4.40 57.52
N SER C 465 5.19 -5.55 58.04
CA SER C 465 4.38 -6.46 58.85
C SER C 465 3.24 -7.14 58.08
N ASP C 466 2.42 -6.33 57.41
CA ASP C 466 1.22 -6.79 56.74
C ASP C 466 1.37 -6.62 55.22
N ILE C 467 1.14 -7.69 54.46
CA ILE C 467 1.24 -7.63 53.00
C ILE C 467 0.23 -6.62 52.42
N ASP C 468 -0.87 -6.42 53.13
CA ASP C 468 -1.90 -5.48 52.68
C ASP C 468 -1.50 -4.02 52.88
N VAL C 469 -0.29 -3.80 53.38
CA VAL C 469 0.20 -2.45 53.63
C VAL C 469 1.42 -2.19 52.73
N MET C 470 1.84 -3.22 52.00
CA MET C 470 2.92 -3.08 51.03
C MET C 470 2.60 -2.01 49.97
N GLU C 471 3.58 -1.19 49.63
CA GLU C 471 3.39 -0.07 48.70
C GLU C 471 3.60 -0.45 47.24
N LEU C 472 2.93 0.28 46.36
CA LEU C 472 2.95 -0.01 44.93
C LEU C 472 4.35 0.07 44.30
N TYR C 473 5.03 1.21 44.48
CA TYR C 473 6.27 1.42 43.75
C TYR C 473 7.38 0.41 44.11
N PRO C 474 7.68 0.22 45.41
CA PRO C 474 8.74 -0.76 45.71
C PRO C 474 8.36 -2.20 45.31
N ALA C 475 7.08 -2.53 45.40
CA ALA C 475 6.61 -3.86 45.01
C ALA C 475 6.90 -4.15 43.54
N LEU C 476 6.73 -3.14 42.69
CA LEU C 476 6.99 -3.30 41.27
C LEU C 476 8.44 -3.70 40.98
N LEU C 477 9.36 -3.15 41.76
CA LEU C 477 10.78 -3.38 41.55
C LEU C 477 11.31 -4.62 42.26
N VAL C 478 10.56 -5.15 43.24
CA VAL C 478 10.99 -6.39 43.91
C VAL C 478 10.13 -7.58 43.51
N GLU C 479 9.13 -7.34 42.68
CA GLU C 479 8.19 -8.39 42.29
C GLU C 479 8.90 -9.53 41.54
N LYS C 480 8.44 -10.75 41.80
CA LYS C 480 8.85 -11.90 41.03
C LYS C 480 8.61 -11.67 39.55
N PRO C 481 9.68 -11.68 38.75
CA PRO C 481 9.48 -11.50 37.31
C PRO C 481 8.72 -12.67 36.71
N ARG C 482 8.02 -12.45 35.60
CA ARG C 482 7.60 -13.56 34.75
C ARG C 482 8.85 -14.31 34.29
N PRO C 483 8.72 -15.59 33.89
CA PRO C 483 9.92 -16.38 33.62
C PRO C 483 10.84 -15.74 32.58
N ASP C 484 12.07 -15.44 33.00
CA ASP C 484 13.06 -14.78 32.14
C ASP C 484 12.50 -13.49 31.51
N ALA C 485 11.66 -12.79 32.26
CA ALA C 485 11.11 -11.54 31.78
C ALA C 485 11.69 -10.37 32.55
N ILE C 486 11.50 -9.16 32.00
CA ILE C 486 12.03 -7.95 32.60
C ILE C 486 11.12 -7.45 33.73
N PHE C 487 9.83 -7.79 33.63
CA PHE C 487 8.78 -7.32 34.54
C PHE C 487 8.04 -8.44 35.24
N GLY C 488 7.38 -8.10 36.34
CA GLY C 488 6.42 -9.00 36.96
C GLY C 488 5.00 -8.70 36.52
N GLU C 489 4.06 -9.48 37.05
CA GLU C 489 2.65 -9.37 36.66
C GLU C 489 2.05 -7.98 36.89
N THR C 490 2.34 -7.36 38.03
CA THR C 490 1.72 -6.09 38.38
C THR C 490 2.10 -4.97 37.41
N MET C 491 3.37 -4.93 37.02
CA MET C 491 3.83 -3.92 36.06
C MET C 491 3.08 -4.02 34.74
N VAL C 492 3.00 -5.23 34.21
CA VAL C 492 2.34 -5.46 32.93
C VAL C 492 0.85 -5.13 33.00
N GLU C 493 0.18 -5.70 33.98
CA GLU C 493 -1.29 -5.62 34.04
C GLU C 493 -1.81 -4.21 34.38
N LEU C 494 -1.02 -3.41 35.08
CA LEU C 494 -1.43 -2.02 35.35
C LEU C 494 -1.00 -1.09 34.22
N GLY C 495 0.21 -1.28 33.71
CA GLY C 495 0.78 -0.40 32.71
C GLY C 495 0.20 -0.58 31.32
N ALA C 496 -0.02 -1.82 30.92
CA ALA C 496 -0.46 -2.10 29.57
C ALA C 496 -1.77 -1.37 29.20
N PRO C 497 -2.78 -1.34 30.10
CA PRO C 497 -3.98 -0.57 29.74
C PRO C 497 -3.73 0.93 29.60
N PHE C 498 -2.96 1.52 30.51
CA PHE C 498 -2.61 2.93 30.38
C PHE C 498 -1.89 3.20 29.06
N SER C 499 -0.97 2.30 28.73
CA SER C 499 -0.12 2.46 27.58
C SER C 499 -0.91 2.46 26.27
N LEU C 500 -1.73 1.45 26.04
CA LEU C 500 -2.47 1.35 24.78
C LEU C 500 -3.50 2.48 24.69
N LYS C 501 -4.08 2.85 25.83
CA LYS C 501 -5.01 3.96 25.87
C LYS C 501 -4.33 5.26 25.41
N GLY C 502 -3.11 5.49 25.90
CA GLY C 502 -2.37 6.68 25.51
C GLY C 502 -1.99 6.68 24.04
N LEU C 503 -1.86 5.50 23.45
CA LEU C 503 -1.49 5.37 22.04
C LEU C 503 -2.70 5.45 21.10
N MET C 504 -3.70 4.61 21.35
CA MET C 504 -4.86 4.58 20.45
C MET C 504 -5.82 5.73 20.68
N GLY C 505 -5.76 6.34 21.88
CA GLY C 505 -6.62 7.46 22.23
C GLY C 505 -6.30 8.76 21.50
N ASN C 506 -5.16 8.78 20.81
CA ASN C 506 -4.73 9.95 20.05
C ASN C 506 -5.74 10.28 18.92
N PRO C 507 -6.05 11.57 18.72
CA PRO C 507 -7.01 11.93 17.67
C PRO C 507 -6.63 11.46 16.26
N ILE C 508 -5.35 11.26 15.97
CA ILE C 508 -4.98 10.85 14.62
C ILE C 508 -5.45 9.42 14.35
N CYS C 509 -5.80 8.69 15.41
CA CYS C 509 -6.33 7.35 15.27
C CYS C 509 -7.84 7.34 15.05
N SER C 510 -8.48 8.49 15.21
CA SER C 510 -9.93 8.58 15.03
C SER C 510 -10.29 8.55 13.53
N PRO C 511 -11.50 8.07 13.21
CA PRO C 511 -11.90 7.89 11.79
C PRO C 511 -11.78 9.14 10.93
N GLN C 512 -12.05 10.32 11.47
CA GLN C 512 -11.97 11.51 10.61
C GLN C 512 -10.52 11.94 10.37
N TYR C 513 -9.59 11.50 11.21
CA TYR C 513 -8.18 11.80 10.99
C TYR C 513 -7.43 10.70 10.24
N TRP C 514 -7.81 9.45 10.44
CA TRP C 514 -7.03 8.34 9.89
C TRP C 514 -7.34 8.10 8.43
N LYS C 515 -6.83 8.99 7.58
CA LYS C 515 -7.02 8.90 6.14
C LYS C 515 -5.83 9.59 5.48
N PRO C 516 -5.56 9.26 4.21
CA PRO C 516 -4.34 9.77 3.55
C PRO C 516 -4.22 11.29 3.52
N SER C 517 -5.32 12.00 3.29
CA SER C 517 -5.22 13.45 3.10
C SER C 517 -4.78 14.17 4.37
N THR C 518 -5.04 13.56 5.53
CA THR C 518 -4.57 14.13 6.79
C THR C 518 -3.05 14.28 6.77
N PHE C 519 -2.38 13.32 6.13
CA PHE C 519 -0.93 13.24 6.15
C PHE C 519 -0.30 13.61 4.80
N GLY C 520 -1.04 14.38 3.99
CA GLY C 520 -0.50 14.90 2.75
C GLY C 520 -0.60 13.96 1.57
N GLY C 521 -1.41 12.90 1.72
CA GLY C 521 -1.61 11.95 0.65
C GLY C 521 -1.03 10.59 0.99
N GLU C 522 -1.06 9.68 0.02
CA GLU C 522 -0.63 8.30 0.25
C GLU C 522 0.84 8.18 0.61
N VAL C 523 1.67 9.10 0.12
CA VAL C 523 3.09 9.06 0.43
C VAL C 523 3.31 9.35 1.91
N GLY C 524 2.66 10.39 2.42
CA GLY C 524 2.75 10.71 3.84
C GLY C 524 2.18 9.61 4.70
N PHE C 525 1.04 9.06 4.28
CA PHE C 525 0.38 7.97 4.98
C PHE C 525 1.31 6.76 5.10
N LYS C 526 2.02 6.48 4.01
CA LYS C 526 2.91 5.32 3.95
C LYS C 526 4.09 5.45 4.91
N ILE C 527 4.56 6.67 5.13
CA ILE C 527 5.64 6.91 6.09
C ILE C 527 5.26 6.40 7.48
N ILE C 528 4.02 6.65 7.88
CA ILE C 528 3.53 6.18 9.16
C ILE C 528 3.42 4.66 9.19
N ASN C 529 2.77 4.11 8.18
CA ASN C 529 2.42 2.69 8.20
C ASN C 529 3.60 1.77 7.90
N THR C 530 4.74 2.34 7.54
CA THR C 530 5.94 1.53 7.37
C THR C 530 7.04 1.87 8.37
N ALA C 531 6.75 2.71 9.37
CA ALA C 531 7.78 3.15 10.31
C ALA C 531 8.24 1.99 11.21
N SER C 532 9.50 2.06 11.62
CA SER C 532 10.10 1.10 12.53
C SER C 532 11.30 1.75 13.19
N ILE C 533 11.77 1.21 14.30
CA ILE C 533 12.94 1.77 14.94
C ILE C 533 14.14 1.67 13.99
N GLN C 534 14.22 0.59 13.21
CA GLN C 534 15.33 0.43 12.27
C GLN C 534 15.28 1.47 11.14
N SER C 535 14.10 1.75 10.59
CA SER C 535 14.04 2.69 9.47
C SER C 535 14.26 4.12 9.98
N LEU C 536 13.76 4.41 11.17
CA LEU C 536 14.03 5.70 11.81
C LEU C 536 15.53 5.97 11.86
N ILE C 537 16.29 4.97 12.29
CA ILE C 537 17.75 5.09 12.34
C ILE C 537 18.34 5.06 10.95
N CYS C 538 17.85 4.15 10.12
CA CYS C 538 18.41 3.98 8.78
C CYS C 538 18.30 5.26 7.93
N ASN C 539 17.18 5.95 8.02
CA ASN C 539 16.95 7.15 7.21
C ASN C 539 17.71 8.38 7.72
N ASN C 540 18.09 8.39 9.00
CA ASN C 540 18.60 9.61 9.61
C ASN C 540 19.99 9.49 10.24
N VAL C 541 20.53 8.29 10.28
CA VAL C 541 21.85 8.10 10.86
C VAL C 541 22.80 7.59 9.80
N LYS C 542 23.93 8.29 9.64
CA LYS C 542 24.89 8.01 8.60
C LYS C 542 25.31 6.55 8.60
N GLY C 543 25.25 5.92 7.43
CA GLY C 543 25.68 4.54 7.28
C GLY C 543 24.61 3.50 7.54
N CYS C 544 23.41 3.96 7.92
CA CYS C 544 22.29 3.08 8.25
C CYS C 544 22.73 1.93 9.17
N PRO C 545 23.23 2.28 10.37
CA PRO C 545 23.73 1.21 11.25
C PRO C 545 22.59 0.30 11.67
N PHE C 546 22.88 -0.98 11.87
CA PHE C 546 21.88 -1.91 12.41
C PHE C 546 21.44 -1.43 13.78
N THR C 547 20.16 -1.52 14.07
CA THR C 547 19.76 -1.28 15.44
C THR C 547 18.56 -2.13 15.81
N SER C 548 18.28 -2.16 17.10
CA SER C 548 17.28 -3.05 17.66
C SER C 548 17.07 -2.67 19.11
N PHE C 549 15.96 -3.10 19.68
CA PHE C 549 15.72 -2.84 21.10
C PHE C 549 16.31 -3.96 21.98
N ASN C 550 16.88 -4.99 21.35
CA ASN C 550 17.57 -6.04 22.10
C ASN C 550 19.00 -6.26 21.62
N VAL C 551 19.85 -6.75 22.52
CA VAL C 551 21.23 -7.07 22.17
C VAL C 551 21.22 -8.31 21.26
N GLN C 552 22.17 -8.38 20.35
CA GLN C 552 22.20 -9.46 19.35
C GLN C 552 23.01 -10.67 19.82
N ALA D 1 -6.72 30.46 -6.77
CA ALA D 1 -5.38 29.91 -6.89
C ALA D 1 -5.32 28.49 -6.35
N ASN D 2 -5.69 28.31 -5.09
CA ASN D 2 -5.85 26.98 -4.52
C ASN D 2 -6.84 26.18 -5.35
N PRO D 3 -6.42 25.03 -5.88
CA PRO D 3 -7.32 24.23 -6.72
C PRO D 3 -8.50 23.66 -5.96
N CYS D 4 -8.50 23.80 -4.63
CA CYS D 4 -9.63 23.37 -3.84
C CYS D 4 -10.61 24.51 -3.57
N CYS D 5 -10.34 25.67 -4.17
CA CYS D 5 -11.18 26.86 -3.94
C CYS D 5 -12.64 26.67 -4.36
N SER D 6 -12.89 25.82 -5.35
CA SER D 6 -14.25 25.61 -5.82
C SER D 6 -15.02 24.57 -5.00
N ASN D 7 -14.38 24.05 -3.95
CA ASN D 7 -14.96 22.97 -3.15
C ASN D 7 -15.42 21.80 -4.00
N PRO D 8 -14.51 21.21 -4.79
CA PRO D 8 -14.94 20.21 -5.77
C PRO D 8 -15.39 18.88 -5.15
N CYS D 9 -14.83 18.50 -4.01
CA CYS D 9 -15.16 17.21 -3.40
C CYS D 9 -16.52 17.23 -2.75
N GLN D 10 -17.33 16.22 -3.04
CA GLN D 10 -18.69 16.15 -2.52
C GLN D 10 -18.82 15.08 -1.45
N ASN D 11 -19.94 15.11 -0.73
CA ASN D 11 -20.27 14.05 0.21
C ASN D 11 -19.22 13.83 1.30
N ARG D 12 -18.66 14.94 1.77
CA ARG D 12 -17.70 15.01 2.87
C ARG D 12 -16.34 14.39 2.52
N GLY D 13 -16.12 14.18 1.22
CA GLY D 13 -14.80 13.86 0.71
C GLY D 13 -13.89 15.05 0.95
N GLU D 14 -12.59 14.83 1.09
CA GLU D 14 -11.67 15.89 1.51
CA GLU D 14 -11.74 15.93 1.45
C GLU D 14 -10.71 16.29 0.39
N CYS D 15 -10.62 17.60 0.13
CA CYS D 15 -9.81 18.11 -0.97
C CYS D 15 -8.40 18.45 -0.52
N MET D 16 -7.44 18.01 -1.33
CA MET D 16 -6.03 18.27 -1.10
C MET D 16 -5.42 18.69 -2.42
N SER D 17 -4.63 19.77 -2.43
CA SER D 17 -3.92 20.13 -3.64
C SER D 17 -2.85 19.07 -3.89
N THR D 18 -2.65 18.70 -5.15
CA THR D 18 -1.64 17.71 -5.49
C THR D 18 -0.61 18.34 -6.43
N GLY D 19 -0.62 19.66 -6.47
CA GLY D 19 0.21 20.44 -7.37
C GLY D 19 -0.38 21.84 -7.41
N PHE D 20 0.16 22.71 -8.25
CA PHE D 20 -0.30 24.10 -8.29
C PHE D 20 -1.72 24.28 -8.86
N ASP D 21 -2.14 23.37 -9.73
CA ASP D 21 -3.48 23.45 -10.34
C ASP D 21 -4.20 22.12 -10.40
N GLN D 22 -3.85 21.21 -9.50
CA GLN D 22 -4.52 19.92 -9.48
C GLN D 22 -4.92 19.61 -8.05
N TYR D 23 -6.00 18.84 -7.89
CA TYR D 23 -6.45 18.44 -6.57
C TYR D 23 -6.70 16.94 -6.55
N LYS D 24 -6.82 16.38 -5.36
CA LYS D 24 -7.35 15.03 -5.23
C LYS D 24 -8.38 15.02 -4.13
N CYS D 25 -9.45 14.28 -4.34
CA CYS D 25 -10.45 14.11 -3.31
C CYS D 25 -10.18 12.80 -2.57
N ASP D 26 -10.21 12.88 -1.25
CA ASP D 26 -10.06 11.69 -0.42
C ASP D 26 -11.46 11.22 -0.04
N CYS D 27 -11.88 10.11 -0.63
CA CYS D 27 -13.25 9.64 -0.48
C CYS D 27 -13.40 8.61 0.62
N THR D 28 -12.33 8.40 1.38
CA THR D 28 -12.31 7.44 2.49
C THR D 28 -13.55 7.48 3.37
N ARG D 29 -14.26 6.36 3.41
CA ARG D 29 -15.44 6.18 4.26
C ARG D 29 -16.58 7.17 3.98
N THR D 30 -16.60 7.77 2.79
CA THR D 30 -17.72 8.63 2.43
C THR D 30 -18.91 7.81 1.92
N GLY D 31 -18.63 6.60 1.44
CA GLY D 31 -19.68 5.77 0.84
C GLY D 31 -19.77 6.07 -0.65
N PHE D 32 -18.91 6.97 -1.11
CA PHE D 32 -18.86 7.34 -2.51
C PHE D 32 -17.44 7.16 -3.03
N TYR D 33 -17.29 7.06 -4.34
CA TYR D 33 -15.97 7.06 -4.93
C TYR D 33 -15.99 7.92 -6.18
N GLY D 34 -14.85 7.95 -6.88
CA GLY D 34 -14.74 8.79 -8.07
C GLY D 34 -14.02 10.09 -7.79
N GLU D 35 -13.78 10.86 -8.86
CA GLU D 35 -12.91 12.03 -8.79
C GLU D 35 -13.29 13.07 -7.73
N ASN D 36 -14.58 13.37 -7.58
CA ASN D 36 -15.02 14.24 -6.49
C ASN D 36 -15.97 13.54 -5.52
N CYS D 37 -15.83 12.21 -5.40
CA CYS D 37 -16.66 11.43 -4.48
C CYS D 37 -18.16 11.57 -4.75
N THR D 38 -18.56 11.35 -6.00
CA THR D 38 -19.97 11.47 -6.37
C THR D 38 -20.60 10.16 -6.86
N THR D 39 -19.82 9.11 -7.02
CA THR D 39 -20.37 7.81 -7.38
C THR D 39 -20.64 6.94 -6.16
N PRO D 40 -21.93 6.64 -5.89
CA PRO D 40 -22.25 5.86 -4.68
C PRO D 40 -21.95 4.37 -4.83
N GLU D 41 -21.57 3.74 -3.74
CA GLU D 41 -21.47 2.28 -3.66
C GLU D 41 -22.87 1.69 -3.57
N PHE D 42 -23.00 0.37 -3.72
CA PHE D 42 -24.34 -0.23 -3.77
C PHE D 42 -25.13 -0.01 -2.50
N LEU D 43 -24.47 -0.19 -1.35
CA LEU D 43 -25.14 0.01 -0.07
C LEU D 43 -25.58 1.47 0.09
N THR D 44 -24.78 2.38 -0.44
CA THR D 44 -25.10 3.80 -0.36
C THR D 44 -26.41 4.12 -1.09
N ARG D 45 -26.57 3.59 -2.29
CA ARG D 45 -27.76 3.81 -3.09
C ARG D 45 -29.03 3.39 -2.35
N ILE D 46 -28.97 2.23 -1.70
CA ILE D 46 -30.10 1.70 -0.93
C ILE D 46 -30.57 2.66 0.14
N LYS D 47 -29.67 3.05 1.04
CA LYS D 47 -30.00 4.00 2.11
C LYS D 47 -30.53 5.30 1.53
N LEU D 48 -29.91 5.77 0.45
CA LEU D 48 -30.34 6.98 -0.22
C LEU D 48 -31.80 6.82 -0.65
N LEU D 49 -32.11 5.66 -1.23
CA LEU D 49 -33.46 5.36 -1.67
C LEU D 49 -34.45 5.30 -0.51
N LEU D 50 -34.00 4.81 0.65
CA LEU D 50 -34.90 4.59 1.78
C LEU D 50 -35.03 5.78 2.73
N LYS D 51 -34.03 6.66 2.75
CA LYS D 51 -33.99 7.74 3.72
C LYS D 51 -35.05 8.81 3.44
N PRO D 52 -35.89 9.08 4.45
CA PRO D 52 -36.88 10.17 4.32
C PRO D 52 -36.22 11.53 4.46
N THR D 53 -36.79 12.56 3.85
CA THR D 53 -36.28 13.91 3.97
C THR D 53 -36.55 14.44 5.38
N PRO D 54 -35.73 15.40 5.85
CA PRO D 54 -35.99 16.04 7.14
C PRO D 54 -37.39 16.60 7.27
N ASN D 55 -37.89 17.25 6.21
CA ASN D 55 -39.23 17.81 6.21
C ASN D 55 -40.31 16.74 6.35
N THR D 56 -40.03 15.55 5.81
CA THR D 56 -40.94 14.41 5.95
C THR D 56 -41.00 13.95 7.40
N VAL D 57 -39.83 13.75 7.99
CA VAL D 57 -39.73 13.36 9.40
C VAL D 57 -40.37 14.41 10.30
N HIS D 58 -40.18 15.68 9.95
CA HIS D 58 -40.75 16.76 10.73
C HIS D 58 -42.27 16.71 10.71
N TYR D 59 -42.84 16.38 9.56
CA TYR D 59 -44.28 16.21 9.45
C TYR D 59 -44.76 15.09 10.37
N ILE D 60 -44.04 13.98 10.36
CA ILE D 60 -44.40 12.81 11.15
C ILE D 60 -44.34 13.10 12.64
N LEU D 61 -43.32 13.86 13.04
CA LEU D 61 -43.14 14.19 14.45
C LEU D 61 -44.13 15.25 14.94
N THR D 62 -44.72 16.00 14.01
CA THR D 62 -45.62 17.09 14.41
C THR D 62 -47.07 16.78 14.06
N HIS D 63 -47.35 15.54 13.66
CA HIS D 63 -48.72 15.11 13.44
C HIS D 63 -48.97 13.77 14.13
N PHE D 64 -50.18 13.24 13.98
CA PHE D 64 -50.58 11.97 14.60
C PHE D 64 -50.46 12.01 16.12
N LYS D 65 -51.00 13.06 16.75
CA LYS D 65 -50.89 13.23 18.20
C LYS D 65 -51.36 12.01 18.99
N GLY D 66 -52.43 11.38 18.52
CA GLY D 66 -52.99 10.22 19.19
C GLY D 66 -51.99 9.08 19.25
N VAL D 67 -51.28 8.86 18.16
CA VAL D 67 -50.27 7.82 18.10
C VAL D 67 -49.09 8.12 19.02
N TRP D 68 -48.59 9.35 18.98
CA TRP D 68 -47.46 9.73 19.81
C TRP D 68 -47.78 9.64 21.28
N ASN D 69 -49.04 9.92 21.61
CA ASN D 69 -49.47 9.87 22.99
C ASN D 69 -49.39 8.44 23.52
N ILE D 70 -49.64 7.48 22.63
CA ILE D 70 -49.48 6.07 22.97
C ILE D 70 -48.00 5.75 23.19
N VAL D 71 -47.18 6.13 22.22
CA VAL D 71 -45.74 5.93 22.28
C VAL D 71 -45.16 6.52 23.57
N ASN D 72 -45.59 7.74 23.90
CA ASN D 72 -45.09 8.46 25.05
C ASN D 72 -45.31 7.72 26.38
N ASN D 73 -46.21 6.74 26.39
CA ASN D 73 -46.53 6.01 27.60
C ASN D 73 -46.02 4.58 27.58
N ILE D 74 -45.24 4.24 26.57
CA ILE D 74 -44.59 2.93 26.51
C ILE D 74 -43.07 3.12 26.56
N PRO D 75 -42.47 3.06 27.76
CA PRO D 75 -41.04 3.31 28.00
C PRO D 75 -40.08 2.65 27.01
N PHE D 76 -40.24 1.36 26.70
CA PHE D 76 -39.40 0.71 25.71
C PHE D 76 -39.41 1.47 24.40
N LEU D 77 -40.62 1.82 23.98
CA LEU D 77 -40.81 2.46 22.69
C LEU D 77 -40.29 3.90 22.74
N ARG D 78 -40.58 4.60 23.84
CA ARG D 78 -40.10 5.97 24.00
C ARG D 78 -38.58 6.00 24.05
N SER D 79 -37.99 5.07 24.80
CA SER D 79 -36.54 4.95 24.87
C SER D 79 -35.95 4.62 23.51
N LEU D 80 -36.59 3.72 22.78
CA LEU D 80 -36.10 3.32 21.47
C LEU D 80 -36.08 4.52 20.53
N ILE D 81 -37.13 5.31 20.56
CA ILE D 81 -37.26 6.45 19.68
C ILE D 81 -36.31 7.60 20.04
N MET D 82 -36.19 7.91 21.31
CA MET D 82 -35.22 8.89 21.75
C MET D 82 -33.81 8.47 21.39
N LYS D 83 -33.49 7.21 21.59
CA LYS D 83 -32.21 6.71 21.14
C LYS D 83 -31.96 7.04 19.69
N TYR D 84 -32.97 6.81 18.85
CA TYR D 84 -32.85 7.08 17.42
C TYR D 84 -32.54 8.55 17.17
N VAL D 85 -33.21 9.43 17.90
CA VAL D 85 -33.02 10.87 17.74
C VAL D 85 -31.59 11.28 18.07
N LEU D 86 -31.04 10.70 19.14
CA LEU D 86 -29.67 11.00 19.56
C LEU D 86 -28.62 10.51 18.58
N THR D 87 -28.76 9.27 18.15
CA THR D 87 -27.72 8.61 17.34
C THR D 87 -27.82 8.95 15.88
N SER D 88 -29.04 9.24 15.48
CA SER D 88 -29.43 9.27 14.10
C SER D 88 -28.65 10.29 13.26
N ARG D 89 -28.10 11.29 13.93
CA ARG D 89 -27.23 12.25 13.27
C ARG D 89 -26.04 12.54 14.17
N SER D 90 -25.36 11.48 14.47
CA SER D 90 -24.17 11.52 15.19
C SER D 90 -23.17 11.77 14.15
N TYR D 91 -23.22 10.98 13.10
CA TYR D 91 -22.26 11.03 12.04
C TYR D 91 -21.97 12.43 11.55
N LEU D 92 -22.81 13.40 11.89
CA LEU D 92 -22.66 14.73 11.33
C LEU D 92 -21.66 15.67 12.02
N ILE D 93 -21.35 15.42 13.28
CA ILE D 93 -20.36 16.19 13.98
C ILE D 93 -19.01 15.49 14.01
N ASP D 94 -17.96 16.19 13.65
CA ASP D 94 -16.61 15.65 13.78
C ASP D 94 -16.16 15.66 15.24
N SER D 95 -15.86 14.49 15.78
CA SER D 95 -15.39 14.36 17.16
C SER D 95 -14.41 13.20 17.26
N PRO D 96 -13.12 13.49 17.56
CA PRO D 96 -12.41 14.74 17.82
C PRO D 96 -12.57 15.78 16.72
N PRO D 97 -12.52 17.07 17.08
CA PRO D 97 -12.74 18.16 16.12
C PRO D 97 -11.58 18.31 15.14
N THR D 98 -11.85 19.02 14.06
CA THR D 98 -10.91 19.14 12.96
C THR D 98 -10.52 20.60 12.74
N TYR D 99 -11.25 21.28 11.85
CA TYR D 99 -10.86 22.60 11.37
C TYR D 99 -11.12 23.75 12.33
N ASN D 100 -10.49 24.89 12.06
CA ASN D 100 -10.86 26.14 12.73
C ASN D 100 -10.59 27.30 11.78
N VAL D 101 -10.74 28.54 12.23
CA VAL D 101 -10.66 29.69 11.31
C VAL D 101 -9.32 29.81 10.59
N HIS D 102 -8.25 29.31 11.20
CA HIS D 102 -6.91 29.44 10.61
C HIS D 102 -6.42 28.18 9.90
N TYR D 103 -7.14 27.07 10.08
CA TYR D 103 -6.71 25.82 9.48
C TYR D 103 -7.79 25.16 8.65
N GLY D 104 -7.58 25.14 7.33
CA GLY D 104 -8.45 24.46 6.40
C GLY D 104 -7.99 23.05 6.11
N TYR D 105 -6.96 22.62 6.83
CA TYR D 105 -6.50 21.23 6.82
C TYR D 105 -6.30 20.82 8.28
N LYS D 106 -6.37 19.52 8.57
CA LYS D 106 -6.20 19.05 9.93
C LYS D 106 -4.77 19.29 10.40
N SER D 107 -4.61 19.70 11.65
CA SER D 107 -3.28 19.98 12.21
C SER D 107 -3.29 19.82 13.74
N TRP D 108 -2.13 19.59 14.35
CA TRP D 108 -2.10 19.47 15.81
C TRP D 108 -2.47 20.79 16.46
N GLU D 109 -2.14 21.89 15.80
CA GLU D 109 -2.49 23.20 16.33
C GLU D 109 -4.01 23.35 16.43
N ALA D 110 -4.70 23.00 15.35
CA ALA D 110 -6.16 23.12 15.35
C ALA D 110 -6.79 22.13 16.33
N PHE D 111 -6.26 20.92 16.43
CA PHE D 111 -6.82 19.98 17.40
C PHE D 111 -6.63 20.47 18.83
N SER D 112 -5.40 20.89 19.15
CA SER D 112 -4.99 21.05 20.54
C SER D 112 -5.30 22.42 21.16
N ASN D 113 -5.42 23.44 20.33
CA ASN D 113 -5.58 24.80 20.84
C ASN D 113 -7.05 25.10 21.15
N LEU D 114 -7.37 25.09 22.43
CA LEU D 114 -8.74 25.23 22.90
C LEU D 114 -9.29 26.65 22.82
N SER D 115 -8.44 27.62 22.52
CA SER D 115 -8.92 29.00 22.41
C SER D 115 -9.71 29.26 21.12
N TYR D 116 -9.65 28.33 20.18
CA TYR D 116 -10.44 28.44 18.94
C TYR D 116 -11.82 27.83 19.08
N TYR D 117 -12.83 28.46 18.47
CA TYR D 117 -14.02 27.73 18.07
C TYR D 117 -13.59 26.77 16.98
N THR D 118 -14.18 25.57 16.95
CA THR D 118 -13.88 24.66 15.84
C THR D 118 -14.79 24.99 14.65
N ARG D 119 -14.59 24.32 13.53
CA ARG D 119 -15.36 24.63 12.32
C ARG D 119 -15.92 23.37 11.66
N ALA D 120 -17.22 23.38 11.42
CA ALA D 120 -17.88 22.25 10.75
C ALA D 120 -17.48 22.18 9.28
N LEU D 121 -17.23 23.34 8.67
CA LEU D 121 -16.65 23.41 7.34
C LEU D 121 -15.39 24.27 7.39
N PRO D 122 -14.33 23.86 6.71
CA PRO D 122 -13.11 24.67 6.69
C PRO D 122 -13.36 26.02 6.06
N PRO D 123 -12.57 27.04 6.45
CA PRO D 123 -12.67 28.36 5.83
C PRO D 123 -12.27 28.35 4.36
N VAL D 124 -12.84 29.27 3.59
CA VAL D 124 -12.39 29.50 2.23
C VAL D 124 -10.96 30.02 2.28
N ALA D 125 -10.05 29.43 1.50
CA ALA D 125 -8.64 29.80 1.58
C ALA D 125 -8.43 31.25 1.18
N ASP D 126 -7.39 31.87 1.74
CA ASP D 126 -7.16 33.30 1.55
C ASP D 126 -6.91 33.69 0.10
N ASP D 127 -6.32 32.80 -0.69
CA ASP D 127 -6.00 33.15 -2.07
C ASP D 127 -7.06 32.68 -3.07
N CYS D 128 -8.28 32.44 -2.60
CA CYS D 128 -9.37 32.10 -3.52
C CYS D 128 -9.83 33.38 -4.20
N PRO D 129 -10.20 33.28 -5.49
CA PRO D 129 -10.55 34.49 -6.25
C PRO D 129 -11.81 35.22 -5.74
N THR D 130 -12.75 34.49 -5.14
CA THR D 130 -13.96 35.12 -4.61
C THR D 130 -14.18 34.76 -3.14
N PRO D 131 -15.02 35.52 -2.43
CA PRO D 131 -15.32 35.21 -1.02
C PRO D 131 -15.82 33.78 -0.80
N MET D 132 -16.68 33.30 -1.68
CA MET D 132 -17.23 31.96 -1.53
C MET D 132 -16.37 30.87 -2.18
N GLY D 133 -15.26 31.27 -2.78
CA GLY D 133 -14.38 30.32 -3.43
C GLY D 133 -14.08 30.73 -4.86
N VAL D 134 -14.92 30.31 -5.80
CA VAL D 134 -14.78 30.74 -7.18
C VAL D 134 -16.06 31.39 -7.74
N LYS D 135 -17.21 31.06 -7.15
CA LYS D 135 -18.49 31.60 -7.61
C LYS D 135 -18.75 33.02 -7.11
N GLY D 136 -19.68 33.70 -7.76
CA GLY D 136 -20.13 35.02 -7.33
C GLY D 136 -19.17 36.12 -7.70
N ASN D 137 -19.51 37.33 -7.31
CA ASN D 137 -18.67 38.48 -7.61
C ASN D 137 -17.49 38.57 -6.67
N LYS D 138 -16.60 39.50 -6.98
CA LYS D 138 -15.38 39.70 -6.22
C LYS D 138 -15.66 40.16 -4.79
N GLU D 139 -16.76 40.88 -4.62
CA GLU D 139 -17.20 41.26 -3.29
C GLU D 139 -18.62 40.77 -3.03
N LEU D 140 -18.90 40.37 -1.79
CA LEU D 140 -20.26 40.04 -1.37
C LEU D 140 -21.06 41.33 -1.27
N PRO D 141 -22.40 41.23 -1.32
CA PRO D 141 -23.23 42.44 -1.21
C PRO D 141 -22.96 43.21 0.09
N ASP D 142 -23.10 44.53 0.02
CA ASP D 142 -23.03 45.41 1.18
C ASP D 142 -23.89 44.86 2.31
N SER D 143 -23.26 44.59 3.46
CA SER D 143 -23.97 43.98 4.59
C SER D 143 -25.08 44.87 5.15
N LYS D 144 -24.86 46.18 5.12
CA LYS D 144 -25.87 47.12 5.58
C LYS D 144 -27.15 47.00 4.75
N GLU D 145 -26.98 46.82 3.45
CA GLU D 145 -28.10 46.67 2.53
C GLU D 145 -28.83 45.35 2.73
N VAL D 146 -28.07 44.27 2.90
CA VAL D 146 -28.65 42.97 3.22
C VAL D 146 -29.49 43.11 4.48
N LEU D 147 -28.85 43.68 5.51
CA LEU D 147 -29.50 43.92 6.78
C LEU D 147 -30.83 44.66 6.60
N GLU D 148 -30.78 45.83 5.98
CA GLU D 148 -31.94 46.68 5.86
C GLU D 148 -33.02 46.10 4.95
N LYS D 149 -32.63 45.45 3.86
CA LYS D 149 -33.63 44.97 2.91
C LYS D 149 -34.38 43.71 3.40
N VAL D 150 -33.71 42.78 4.07
CA VAL D 150 -34.39 41.54 4.46
C VAL D 150 -34.30 41.10 5.93
N LEU D 151 -33.51 41.77 6.76
CA LEU D 151 -33.35 41.34 8.15
C LEU D 151 -34.07 42.24 9.16
N LEU D 152 -34.03 43.54 8.96
CA LEU D 152 -34.61 44.47 9.95
C LEU D 152 -36.13 44.36 10.04
N ARG D 153 -36.62 44.46 11.27
CA ARG D 153 -38.05 44.39 11.56
C ARG D 153 -38.81 45.60 11.04
N ARG D 154 -39.93 45.34 10.36
CA ARG D 154 -40.90 46.39 10.02
C ARG D 154 -41.96 46.40 11.12
N GLU D 155 -42.93 45.50 11.04
CA GLU D 155 -43.77 45.22 12.20
C GLU D 155 -43.33 43.94 12.91
N PHE D 156 -43.53 43.93 14.22
CA PHE D 156 -43.19 42.77 15.05
C PHE D 156 -43.93 41.53 14.55
N ILE D 157 -43.18 40.47 14.29
CA ILE D 157 -43.75 39.18 13.89
C ILE D 157 -43.66 38.19 15.05
N PRO D 158 -44.81 37.84 15.66
CA PRO D 158 -44.80 36.92 16.80
C PRO D 158 -44.43 35.51 16.40
N ASP D 159 -43.78 34.79 17.29
CA ASP D 159 -43.50 33.38 17.07
C ASP D 159 -44.81 32.60 17.09
N PRO D 160 -45.13 31.93 15.98
CA PRO D 160 -46.38 31.15 15.94
C PRO D 160 -46.33 29.95 16.88
N GLN D 161 -45.14 29.56 17.34
CA GLN D 161 -45.03 28.47 18.31
C GLN D 161 -45.25 28.99 19.73
N GLY D 162 -45.41 30.30 19.87
CA GLY D 162 -45.74 30.88 21.16
C GLY D 162 -44.60 30.96 22.17
N SER D 163 -43.35 30.91 21.70
CA SER D 163 -42.20 31.12 22.59
C SER D 163 -42.40 32.43 23.35
N ASN D 164 -42.03 32.44 24.63
CA ASN D 164 -42.18 33.64 25.44
C ASN D 164 -40.83 34.17 25.87
N MET D 165 -40.84 35.20 26.70
CA MET D 165 -39.58 35.81 27.13
C MET D 165 -38.84 34.96 28.16
N MET D 166 -39.56 34.09 28.88
CA MET D 166 -38.87 33.11 29.74
C MET D 166 -37.96 32.25 28.87
N PHE D 167 -38.48 31.87 27.71
CA PHE D 167 -37.69 31.09 26.75
C PHE D 167 -36.55 31.91 26.17
N ALA D 168 -36.83 33.13 25.71
CA ALA D 168 -35.82 33.94 25.05
C ALA D 168 -34.62 34.18 25.97
N PHE D 169 -34.89 34.55 27.21
CA PHE D 169 -33.81 34.80 28.15
C PHE D 169 -33.13 33.52 28.66
N PHE D 170 -33.87 32.41 28.70
CA PHE D 170 -33.23 31.14 29.05
C PHE D 170 -32.21 30.80 27.97
N ALA D 171 -32.61 30.96 26.71
CA ALA D 171 -31.73 30.70 25.58
C ALA D 171 -30.49 31.57 25.66
N GLN D 172 -30.67 32.86 25.91
CA GLN D 172 -29.53 33.77 26.03
C GLN D 172 -28.64 33.37 27.21
N HIS D 173 -29.25 33.12 28.36
CA HIS D 173 -28.51 32.76 29.56
C HIS D 173 -27.72 31.43 29.38
N PHE D 174 -28.42 30.39 28.95
CA PHE D 174 -27.81 29.07 28.76
C PHE D 174 -26.66 29.07 27.74
N THR D 175 -26.87 29.69 26.58
CA THR D 175 -25.86 29.64 25.53
C THR D 175 -24.64 30.49 25.83
N HIS D 176 -24.79 31.50 26.70
CA HIS D 176 -23.66 32.40 26.92
C HIS D 176 -22.64 31.84 27.91
N GLN D 177 -22.80 30.58 28.28
CA GLN D 177 -21.72 29.89 28.96
C GLN D 177 -20.76 29.28 27.96
N PHE D 178 -21.21 28.98 26.74
CA PHE D 178 -20.26 28.40 25.79
C PHE D 178 -20.06 29.21 24.51
N PHE D 179 -20.89 30.24 24.29
CA PHE D 179 -20.59 31.27 23.29
C PHE D 179 -20.05 32.49 24.02
N LYS D 180 -18.74 32.65 24.01
CA LYS D 180 -18.06 33.71 24.74
C LYS D 180 -16.86 34.17 23.94
N THR D 181 -17.15 34.89 22.86
CA THR D 181 -16.14 35.22 21.88
C THR D 181 -15.07 36.13 22.46
N ASP D 182 -13.82 35.75 22.24
CA ASP D 182 -12.67 36.51 22.73
C ASP D 182 -12.38 37.62 21.72
N HIS D 183 -13.06 38.74 21.87
CA HIS D 183 -13.02 39.81 20.86
C HIS D 183 -11.62 40.43 20.68
N LYS D 184 -10.75 40.38 21.69
CA LYS D 184 -9.37 40.83 21.48
C LYS D 184 -8.61 39.96 20.48
N ARG D 185 -8.88 38.66 20.49
CA ARG D 185 -8.19 37.76 19.58
C ARG D 185 -8.85 37.73 18.21
N GLY D 186 -10.17 37.72 18.19
CA GLY D 186 -10.91 37.67 16.94
C GLY D 186 -12.17 36.84 17.08
N PRO D 187 -13.05 36.92 16.07
CA PRO D 187 -14.36 36.26 16.14
C PRO D 187 -14.27 34.72 16.15
N GLY D 188 -13.16 34.16 15.71
CA GLY D 188 -12.99 32.72 15.68
C GLY D 188 -12.42 32.17 16.97
N PHE D 189 -12.34 33.01 18.01
CA PHE D 189 -11.78 32.63 19.30
C PHE D 189 -12.80 32.70 20.43
N THR D 190 -12.65 31.80 21.40
CA THR D 190 -13.56 31.73 22.53
C THR D 190 -12.82 31.82 23.87
N ARG D 191 -13.51 32.35 24.89
CA ARG D 191 -12.99 32.37 26.25
C ARG D 191 -13.56 31.22 27.07
N GLY D 192 -14.47 30.46 26.47
CA GLY D 192 -15.10 29.34 27.15
C GLY D 192 -14.34 28.05 26.90
N LEU D 193 -13.25 27.85 27.63
CA LEU D 193 -12.32 26.75 27.35
C LEU D 193 -12.88 25.38 27.73
N GLY D 194 -13.98 25.35 28.47
CA GLY D 194 -14.68 24.11 28.76
C GLY D 194 -15.48 23.61 27.58
N HIS D 195 -15.75 24.51 26.63
CA HIS D 195 -16.45 24.15 25.38
C HIS D 195 -17.76 23.40 25.60
N GLY D 196 -18.57 23.85 26.54
CA GLY D 196 -19.81 23.16 26.81
C GLY D 196 -20.53 23.59 28.05
N VAL D 197 -21.37 22.69 28.56
CA VAL D 197 -22.22 23.00 29.69
C VAL D 197 -21.48 22.72 30.99
N ASP D 198 -20.62 23.64 31.40
CA ASP D 198 -19.90 23.49 32.65
C ASP D 198 -20.39 24.47 33.72
N LEU D 199 -21.38 25.28 33.33
CA LEU D 199 -21.98 26.29 34.20
C LEU D 199 -20.97 27.33 34.69
N ASN D 200 -19.96 27.62 33.87
CA ASN D 200 -19.04 28.71 34.17
C ASN D 200 -19.78 30.06 34.27
N HIS D 201 -20.97 30.14 33.66
CA HIS D 201 -21.72 31.40 33.73
C HIS D 201 -22.33 31.62 35.10
N ILE D 202 -22.25 30.59 35.94
CA ILE D 202 -22.66 30.69 37.35
C ILE D 202 -21.44 30.69 38.27
N TYR D 203 -20.49 29.80 37.99
CA TYR D 203 -19.38 29.55 38.89
C TYR D 203 -18.09 30.26 38.51
N GLY D 204 -18.03 30.82 37.31
CA GLY D 204 -16.83 31.48 36.84
C GLY D 204 -15.96 30.55 36.01
N GLU D 205 -15.29 31.11 35.00
CA GLU D 205 -14.46 30.31 34.10
C GLU D 205 -13.20 29.82 34.80
N THR D 206 -12.65 30.64 35.69
CA THR D 206 -11.41 30.29 36.37
C THR D 206 -11.61 30.05 37.85
N LEU D 207 -10.64 29.38 38.45
CA LEU D 207 -10.67 29.02 39.85
C LEU D 207 -10.69 30.27 40.75
N ASP D 208 -9.87 31.25 40.38
CA ASP D 208 -9.78 32.48 41.16
C ASP D 208 -11.15 33.19 41.22
N ARG D 209 -11.85 33.22 40.09
CA ARG D 209 -13.15 33.86 40.03
C ARG D 209 -14.18 33.07 40.84
N GLN D 210 -14.15 31.75 40.68
CA GLN D 210 -15.00 30.87 41.45
C GLN D 210 -14.84 31.08 42.95
N HIS D 211 -13.59 31.17 43.39
CA HIS D 211 -13.35 31.31 44.83
C HIS D 211 -13.85 32.66 45.36
N LYS D 212 -13.78 33.71 44.54
CA LYS D 212 -14.34 35.00 44.95
C LYS D 212 -15.87 34.99 45.06
N LEU D 213 -16.53 34.11 44.30
CA LEU D 213 -17.99 34.02 44.34
C LEU D 213 -18.54 33.11 45.44
N ARG D 214 -17.67 32.28 46.00
CA ARG D 214 -18.08 31.27 46.99
C ARG D 214 -18.09 31.78 48.43
N LEU D 215 -18.99 31.23 49.24
CA LEU D 215 -19.10 31.61 50.65
C LEU D 215 -18.08 30.84 51.51
N PHE D 216 -17.70 29.66 51.03
CA PHE D 216 -16.82 28.72 51.73
C PHE D 216 -17.42 28.24 53.05
N LYS D 217 -18.74 28.31 53.13
CA LYS D 217 -19.52 27.62 54.14
C LYS D 217 -20.62 26.82 53.45
N ASP D 218 -20.75 25.54 53.82
CA ASP D 218 -21.84 24.70 53.36
C ASP D 218 -21.96 24.55 51.83
N GLY D 219 -20.85 24.77 51.13
CA GLY D 219 -20.81 24.60 49.69
C GLY D 219 -21.38 25.78 48.92
N LYS D 220 -21.84 26.81 49.64
CA LYS D 220 -22.68 27.84 49.03
C LYS D 220 -21.96 28.95 48.29
N LEU D 221 -22.73 29.63 47.43
CA LEU D 221 -22.30 30.85 46.78
C LEU D 221 -22.70 32.05 47.62
N LYS D 222 -21.85 33.07 47.65
CA LYS D 222 -22.18 34.30 48.34
C LYS D 222 -23.46 34.91 47.75
N TYR D 223 -24.21 35.58 48.61
CA TYR D 223 -25.43 36.25 48.20
C TYR D 223 -25.67 37.42 49.13
N GLN D 224 -26.60 38.29 48.76
CA GLN D 224 -27.05 39.34 49.64
C GLN D 224 -28.56 39.31 49.72
N VAL D 225 -29.10 39.91 50.75
CA VAL D 225 -30.55 39.99 50.90
C VAL D 225 -30.96 41.43 50.68
N ILE D 226 -31.88 41.64 49.74
CA ILE D 226 -32.44 42.96 49.49
C ILE D 226 -33.95 42.87 49.58
N GLY D 227 -34.53 43.64 50.50
CA GLY D 227 -35.96 43.64 50.71
C GLY D 227 -36.48 42.23 50.95
N GLY D 228 -35.74 41.46 51.75
CA GLY D 228 -36.15 40.10 52.08
C GLY D 228 -35.92 39.06 51.00
N GLU D 229 -35.33 39.44 49.88
CA GLU D 229 -35.11 38.53 48.76
C GLU D 229 -33.62 38.29 48.50
N VAL D 230 -33.27 37.07 48.13
CA VAL D 230 -31.87 36.70 47.85
C VAL D 230 -31.44 37.09 46.42
N TYR D 231 -30.35 37.84 46.32
CA TYR D 231 -29.78 38.26 45.05
C TYR D 231 -28.28 37.96 45.02
N PRO D 232 -27.67 37.95 43.82
CA PRO D 232 -26.21 37.78 43.79
C PRO D 232 -25.53 38.87 44.57
N PRO D 233 -24.29 38.62 45.02
CA PRO D 233 -23.54 39.64 45.76
C PRO D 233 -23.04 40.75 44.85
N THR D 234 -22.39 41.76 45.43
CA THR D 234 -21.85 42.86 44.64
C THR D 234 -20.40 42.68 44.25
N VAL D 235 -19.99 43.46 43.25
CA VAL D 235 -18.59 43.59 42.88
C VAL D 235 -17.77 44.08 44.07
N LYS D 236 -18.33 45.04 44.81
CA LYS D 236 -17.68 45.60 45.99
C LYS D 236 -17.36 44.52 47.02
N ASP D 237 -18.29 43.59 47.19
CA ASP D 237 -18.16 42.52 48.18
C ASP D 237 -17.22 41.39 47.73
N THR D 238 -17.23 41.08 46.44
CA THR D 238 -16.57 39.88 45.93
C THR D 238 -15.27 40.13 45.18
N GLN D 239 -15.12 41.37 44.73
CA GLN D 239 -13.98 41.79 43.91
C GLN D 239 -13.95 41.06 42.55
N VAL D 240 -15.07 40.49 42.09
CA VAL D 240 -15.05 39.89 40.76
C VAL D 240 -15.37 40.93 39.69
N GLU D 241 -14.63 40.85 38.59
CA GLU D 241 -14.80 41.77 37.47
C GLU D 241 -16.12 41.55 36.75
N MET D 242 -16.86 42.63 36.57
CA MET D 242 -18.08 42.60 35.80
C MET D 242 -18.02 43.74 34.80
N ILE D 243 -18.76 43.62 33.71
CA ILE D 243 -18.88 44.70 32.75
C ILE D 243 -20.11 45.55 33.07
N TYR D 244 -19.86 46.79 33.52
CA TYR D 244 -20.92 47.76 33.80
C TYR D 244 -20.52 49.13 33.26
N PRO D 245 -21.51 49.91 32.79
CA PRO D 245 -21.31 51.33 32.48
C PRO D 245 -20.92 52.06 33.75
N PRO D 246 -20.12 53.14 33.65
CA PRO D 246 -19.52 53.73 34.87
C PRO D 246 -20.53 54.38 35.82
N HIS D 247 -21.75 54.63 35.35
CA HIS D 247 -22.74 55.29 36.19
C HIS D 247 -23.62 54.32 36.97
N ILE D 248 -23.38 53.02 36.83
CA ILE D 248 -24.13 52.06 37.63
C ILE D 248 -23.66 52.18 39.08
N PRO D 249 -24.59 52.48 39.99
CA PRO D 249 -24.31 52.56 41.43
C PRO D 249 -23.65 51.27 41.92
N GLU D 250 -22.78 51.37 42.92
CA GLU D 250 -22.08 50.20 43.44
C GLU D 250 -23.02 49.13 43.97
N ASN D 251 -24.13 49.53 44.61
CA ASN D 251 -25.05 48.56 45.16
C ASN D 251 -25.80 47.82 44.07
N LEU D 252 -25.65 48.26 42.82
CA LEU D 252 -26.34 47.61 41.71
C LEU D 252 -25.39 46.85 40.79
N GLN D 253 -24.11 46.86 41.11
CA GLN D 253 -23.16 46.06 40.34
C GLN D 253 -23.13 44.63 40.87
N PHE D 254 -24.11 43.83 40.48
CA PHE D 254 -24.19 42.43 40.88
C PHE D 254 -23.05 41.62 40.27
N ALA D 255 -22.48 40.69 41.05
CA ALA D 255 -21.38 39.87 40.57
C ALA D 255 -21.82 38.43 40.34
N VAL D 256 -21.64 37.94 39.12
CA VAL D 256 -22.00 36.57 38.80
C VAL D 256 -20.93 35.92 37.93
N GLY D 257 -21.10 34.63 37.65
CA GLY D 257 -20.09 33.88 36.92
C GLY D 257 -19.74 34.48 35.57
N GLN D 258 -20.76 34.90 34.83
CA GLN D 258 -20.56 35.47 33.50
C GLN D 258 -20.47 36.99 33.60
N GLU D 259 -19.36 37.56 33.17
CA GLU D 259 -19.09 38.99 33.37
C GLU D 259 -20.05 39.94 32.63
N VAL D 260 -20.76 39.46 31.61
CA VAL D 260 -21.66 40.34 30.88
C VAL D 260 -23.12 40.24 31.33
N PHE D 261 -23.41 39.40 32.33
CA PHE D 261 -24.82 39.13 32.66
C PHE D 261 -25.50 40.30 33.36
N GLY D 262 -24.74 41.32 33.70
CA GLY D 262 -25.35 42.58 34.13
C GLY D 262 -25.94 43.38 32.98
N LEU D 263 -25.68 42.95 31.74
CA LEU D 263 -26.20 43.62 30.53
C LEU D 263 -27.71 43.80 30.55
N VAL D 264 -28.43 42.75 30.91
CA VAL D 264 -29.89 42.82 30.88
C VAL D 264 -30.50 42.12 32.07
N PRO D 265 -31.55 42.73 32.63
CA PRO D 265 -32.27 42.22 33.79
C PRO D 265 -32.78 40.80 33.58
N GLY D 266 -33.04 40.41 32.34
CA GLY D 266 -33.48 39.05 32.03
C GLY D 266 -32.40 38.01 32.28
N LEU D 267 -31.15 38.36 32.02
CA LEU D 267 -30.02 37.47 32.33
C LEU D 267 -29.84 37.44 33.85
N MET D 268 -29.92 38.61 34.46
CA MET D 268 -29.78 38.71 35.90
C MET D 268 -30.90 37.95 36.63
N MET D 269 -32.09 37.87 36.02
CA MET D 269 -33.16 37.04 36.57
C MET D 269 -32.74 35.57 36.65
N TYR D 270 -32.23 35.03 35.55
CA TYR D 270 -31.85 33.62 35.57
C TYR D 270 -30.60 33.39 36.43
N ALA D 271 -29.69 34.34 36.43
CA ALA D 271 -28.50 34.24 37.29
C ALA D 271 -28.90 34.12 38.76
N THR D 272 -29.92 34.87 39.14
CA THR D 272 -30.44 34.86 40.50
C THR D 272 -31.11 33.53 40.80
N ILE D 273 -31.96 33.09 39.88
CA ILE D 273 -32.65 31.81 40.02
C ILE D 273 -31.67 30.64 40.19
N TRP D 274 -30.65 30.56 39.35
CA TRP D 274 -29.68 29.46 39.45
C TRP D 274 -28.81 29.55 40.69
N LEU D 275 -28.48 30.77 41.11
CA LEU D 275 -27.73 30.94 42.35
C LEU D 275 -28.56 30.40 43.52
N ARG D 276 -29.83 30.77 43.56
CA ARG D 276 -30.74 30.24 44.58
C ARG D 276 -30.80 28.72 44.53
N GLU D 277 -30.84 28.18 43.32
CA GLU D 277 -30.92 26.74 43.14
C GLU D 277 -29.67 26.04 43.69
N HIS D 278 -28.51 26.62 43.43
CA HIS D 278 -27.26 26.09 43.97
C HIS D 278 -27.32 26.00 45.48
N ASN D 279 -27.71 27.08 46.13
CA ASN D 279 -27.73 27.10 47.59
C ASN D 279 -28.84 26.22 48.15
N ARG D 280 -29.91 26.04 47.40
CA ARG D 280 -30.96 25.09 47.78
C ARG D 280 -30.41 23.66 47.79
N VAL D 281 -29.70 23.31 46.74
CA VAL D 281 -29.14 21.97 46.62
C VAL D 281 -28.08 21.74 47.70
N CYS D 282 -27.34 22.78 48.06
CA CYS D 282 -26.39 22.70 49.17
C CYS D 282 -27.10 22.29 50.48
N ASP D 283 -28.24 22.92 50.75
CA ASP D 283 -29.00 22.62 51.96
C ASP D 283 -29.44 21.16 51.97
N ILE D 284 -29.93 20.69 50.83
CA ILE D 284 -30.37 19.30 50.71
C ILE D 284 -29.21 18.32 50.93
N LEU D 285 -28.07 18.57 50.30
CA LEU D 285 -26.92 17.69 50.44
C LEU D 285 -26.36 17.70 51.86
N LYS D 286 -26.34 18.86 52.49
CA LYS D 286 -25.86 18.96 53.87
C LYS D 286 -26.75 18.14 54.81
N GLN D 287 -28.05 18.18 54.56
CA GLN D 287 -29.01 17.38 55.30
C GLN D 287 -28.73 15.88 55.14
N GLU D 288 -28.42 15.45 53.92
CA GLU D 288 -28.12 14.06 53.65
C GLU D 288 -26.71 13.71 54.13
N HIS D 289 -25.84 14.72 54.17
CA HIS D 289 -24.43 14.50 54.52
C HIS D 289 -23.92 15.50 55.54
N PRO D 290 -24.33 15.35 56.81
CA PRO D 290 -23.80 16.24 57.85
C PRO D 290 -22.29 16.11 57.98
N GLU D 291 -21.74 15.00 57.50
CA GLU D 291 -20.31 14.73 57.64
C GLU D 291 -19.46 15.40 56.55
N TRP D 292 -20.11 15.95 55.51
CA TRP D 292 -19.37 16.56 54.41
C TRP D 292 -18.88 17.97 54.72
N GLY D 293 -17.74 18.34 54.14
CA GLY D 293 -17.23 19.71 54.24
C GLY D 293 -17.71 20.60 53.09
N ASP D 294 -17.34 21.88 53.17
CA ASP D 294 -17.74 22.89 52.19
C ASP D 294 -17.33 22.55 50.75
N GLU D 295 -16.10 22.06 50.57
CA GLU D 295 -15.61 21.81 49.21
C GLU D 295 -16.46 20.74 48.52
N GLN D 296 -16.69 19.63 49.19
CA GLN D 296 -17.47 18.56 48.58
C GLN D 296 -18.93 18.97 48.35
N LEU D 297 -19.48 19.77 49.25
CA LEU D 297 -20.84 20.26 49.06
C LEU D 297 -20.92 21.14 47.82
N PHE D 298 -19.92 22.02 47.66
CA PHE D 298 -19.89 22.90 46.50
C PHE D 298 -19.80 22.09 45.20
N GLN D 299 -18.82 21.19 45.15
CA GLN D 299 -18.55 20.43 43.92
C GLN D 299 -19.71 19.52 43.54
N THR D 300 -20.32 18.90 44.53
CA THR D 300 -21.42 17.97 44.26
C THR D 300 -22.65 18.75 43.77
N SER D 301 -22.91 19.90 44.39
CA SER D 301 -24.00 20.76 43.96
C SER D 301 -23.81 21.21 42.51
N ARG D 302 -22.58 21.60 42.17
CA ARG D 302 -22.28 21.99 40.80
C ARG D 302 -22.59 20.87 39.81
N LEU D 303 -22.20 19.63 40.14
CA LEU D 303 -22.49 18.50 39.25
C LEU D 303 -24.00 18.29 39.09
N ILE D 304 -24.74 18.43 40.18
CA ILE D 304 -26.20 18.29 40.14
C ILE D 304 -26.82 19.37 39.25
N LEU D 305 -26.39 20.62 39.40
CA LEU D 305 -26.97 21.70 38.61
C LEU D 305 -26.64 21.54 37.13
N ILE D 306 -25.46 21.01 36.84
CA ILE D 306 -25.11 20.67 35.46
C ILE D 306 -26.13 19.67 34.92
N GLY D 307 -26.43 18.64 35.71
CA GLY D 307 -27.45 17.68 35.35
C GLY D 307 -28.84 18.29 35.14
N GLU D 308 -29.26 19.15 36.06
CA GLU D 308 -30.54 19.85 35.96
C GLU D 308 -30.66 20.65 34.68
N THR D 309 -29.55 21.31 34.33
CA THR D 309 -29.49 22.15 33.15
C THR D 309 -29.72 21.32 31.89
N ILE D 310 -29.00 20.21 31.78
CA ILE D 310 -29.12 19.34 30.61
C ILE D 310 -30.53 18.74 30.53
N LYS D 311 -31.05 18.32 31.68
CA LYS D 311 -32.40 17.78 31.80
C LYS D 311 -33.47 18.74 31.28
N ILE D 312 -33.40 19.98 31.76
CA ILE D 312 -34.34 21.02 31.39
C ILE D 312 -34.18 21.41 29.92
N VAL D 313 -32.94 21.52 29.47
CA VAL D 313 -32.71 21.91 28.07
C VAL D 313 -33.31 20.88 27.11
N ILE D 314 -33.16 19.60 27.41
CA ILE D 314 -33.72 18.58 26.53
C ILE D 314 -35.24 18.48 26.66
N GLU D 315 -35.74 18.31 27.88
CA GLU D 315 -37.15 17.93 28.05
C GLU D 315 -38.13 19.11 28.11
N ASP D 316 -37.62 20.33 28.31
CA ASP D 316 -38.48 21.51 28.28
C ASP D 316 -38.15 22.44 27.13
N TYR D 317 -36.87 22.77 27.01
CA TYR D 317 -36.41 23.78 26.07
C TYR D 317 -36.43 23.26 24.63
N VAL D 318 -35.69 22.20 24.37
CA VAL D 318 -35.68 21.57 23.05
C VAL D 318 -37.07 21.01 22.73
N GLN D 319 -37.74 20.48 23.75
CA GLN D 319 -39.11 19.99 23.57
C GLN D 319 -40.00 21.09 23.00
N HIS D 320 -39.96 22.29 23.59
CA HIS D 320 -40.73 23.42 23.11
C HIS D 320 -40.39 23.82 21.67
N LEU D 321 -39.11 23.90 21.38
CA LEU D 321 -38.64 24.29 20.09
C LEU D 321 -39.10 23.33 19.00
N SER D 322 -39.06 22.06 19.31
CA SER D 322 -39.30 21.03 18.34
C SER D 322 -40.73 21.03 17.86
N GLY D 323 -41.63 21.37 18.75
CA GLY D 323 -43.05 21.27 18.44
C GLY D 323 -43.50 19.83 18.28
N TYR D 324 -42.65 18.89 18.69
CA TYR D 324 -42.98 17.47 18.55
C TYR D 324 -44.07 17.05 19.53
N HIS D 325 -44.87 16.07 19.12
CA HIS D 325 -45.82 15.43 20.02
C HIS D 325 -45.10 14.36 20.85
N PHE D 326 -44.03 13.79 20.27
CA PHE D 326 -43.17 12.87 21.00
C PHE D 326 -42.47 13.59 22.15
N LYS D 327 -42.40 12.93 23.30
CA LYS D 327 -41.85 13.51 24.51
C LYS D 327 -40.35 13.19 24.65
N LEU D 328 -39.50 14.16 24.29
CA LEU D 328 -38.06 13.98 24.41
C LEU D 328 -37.63 13.63 25.84
N LYS D 329 -36.48 12.99 25.96
CA LYS D 329 -36.05 12.44 27.24
C LYS D 329 -34.55 12.61 27.47
N PHE D 330 -34.18 13.08 28.66
CA PHE D 330 -32.77 13.07 29.07
C PHE D 330 -32.46 11.76 29.77
N ASP D 331 -31.66 10.92 29.11
CA ASP D 331 -31.31 9.62 29.67
C ASP D 331 -30.00 9.14 29.07
N PRO D 332 -28.88 9.42 29.76
CA PRO D 332 -27.55 9.02 29.32
C PRO D 332 -27.44 7.53 29.01
N GLU D 333 -28.17 6.70 29.75
CA GLU D 333 -28.07 5.24 29.59
C GLU D 333 -28.42 4.80 28.16
N LEU D 334 -29.17 5.64 27.46
CA LEU D 334 -29.53 5.37 26.07
C LEU D 334 -28.32 5.21 25.14
N LEU D 335 -27.19 5.80 25.53
CA LEU D 335 -26.00 5.77 24.68
C LEU D 335 -24.95 4.75 25.13
N PHE D 336 -25.21 4.04 26.24
CA PHE D 336 -24.21 3.16 26.83
C PHE D 336 -23.85 1.94 25.98
N ASN D 337 -24.73 1.53 25.07
CA ASN D 337 -24.37 0.45 24.16
C ASN D 337 -24.12 1.00 22.76
N GLN D 338 -23.91 2.32 22.66
CA GLN D 338 -23.70 2.97 21.37
C GLN D 338 -22.28 3.54 21.27
N GLN D 339 -21.82 3.74 20.04
CA GLN D 339 -20.56 4.45 19.81
C GLN D 339 -20.79 5.94 19.94
N PHE D 340 -20.14 6.56 20.91
CA PHE D 340 -20.35 7.97 21.16
C PHE D 340 -19.17 8.55 21.92
N GLN D 341 -18.69 9.70 21.46
CA GLN D 341 -17.55 10.38 22.07
C GLN D 341 -18.00 11.35 23.13
N TYR D 342 -17.64 11.09 24.39
CA TYR D 342 -17.96 12.01 25.48
C TYR D 342 -16.97 13.16 25.52
N GLN D 343 -17.13 14.05 24.56
CA GLN D 343 -16.32 15.26 24.45
C GLN D 343 -17.01 16.20 23.47
N ASN D 344 -16.64 17.47 23.50
CA ASN D 344 -17.26 18.45 22.61
C ASN D 344 -16.34 19.64 22.43
N ARG D 345 -16.36 20.20 21.22
CA ARG D 345 -15.65 21.43 20.92
C ARG D 345 -16.67 22.35 20.27
N ILE D 346 -16.82 23.57 20.77
CA ILE D 346 -17.88 24.45 20.27
C ILE D 346 -17.54 24.96 18.87
N ALA D 347 -18.47 24.77 17.93
CA ALA D 347 -18.26 25.18 16.54
C ALA D 347 -18.67 26.63 16.32
N SER D 348 -17.88 27.32 15.52
CA SER D 348 -18.17 28.70 15.18
C SER D 348 -19.56 28.81 14.55
N GLU D 349 -19.87 27.86 13.66
CA GLU D 349 -21.15 27.88 12.95
C GLU D 349 -22.35 27.68 13.90
N PHE D 350 -22.16 26.89 14.96
CA PHE D 350 -23.17 26.73 16.01
C PHE D 350 -23.46 28.08 16.68
N ASN D 351 -22.38 28.81 17.00
CA ASN D 351 -22.47 30.17 17.51
C ASN D 351 -23.28 31.05 16.57
N THR D 352 -22.92 31.05 15.29
CA THR D 352 -23.58 31.88 14.29
C THR D 352 -25.07 31.56 14.21
N LEU D 353 -25.40 30.27 14.19
CA LEU D 353 -26.79 29.81 14.11
C LEU D 353 -27.63 30.27 15.28
N TYR D 354 -26.99 30.44 16.44
CA TYR D 354 -27.71 30.71 17.67
C TYR D 354 -27.95 32.19 17.93
N HIS D 355 -27.56 33.03 16.98
CA HIS D 355 -27.87 34.46 17.08
C HIS D 355 -29.37 34.70 16.86
N TRP D 356 -30.18 34.47 17.89
CA TRP D 356 -31.63 34.52 17.76
C TRP D 356 -32.25 35.86 18.18
N HIS D 357 -31.58 36.94 17.81
CA HIS D 357 -32.09 38.27 18.17
C HIS D 357 -33.49 38.63 17.65
N PRO D 358 -33.98 37.98 16.57
CA PRO D 358 -35.40 38.24 16.23
C PRO D 358 -36.39 37.87 17.35
N LEU D 359 -35.98 37.02 18.30
CA LEU D 359 -36.81 36.69 19.46
C LEU D 359 -37.22 37.92 20.25
N LEU D 360 -36.35 38.92 20.25
CA LEU D 360 -36.53 40.11 21.09
C LEU D 360 -37.76 40.91 20.66
N PRO D 361 -38.53 41.40 21.64
CA PRO D 361 -39.73 42.22 21.43
C PRO D 361 -39.34 43.68 21.20
N ASP D 362 -40.32 44.52 20.87
CA ASP D 362 -40.06 45.93 20.70
C ASP D 362 -39.90 46.60 22.05
N THR D 363 -40.64 46.09 23.04
CA THR D 363 -40.52 46.55 24.41
C THR D 363 -40.57 45.36 25.37
N PHE D 364 -40.03 45.53 26.57
CA PHE D 364 -40.04 44.49 27.58
C PHE D 364 -41.14 44.82 28.59
N ASN D 365 -42.14 43.95 28.66
CA ASN D 365 -43.35 44.25 29.42
C ASN D 365 -43.38 43.57 30.78
N ILE D 366 -43.21 44.36 31.82
CA ILE D 366 -43.18 43.85 33.17
C ILE D 366 -44.26 44.53 34.00
N GLU D 367 -45.17 43.73 34.55
CA GLU D 367 -46.32 44.25 35.28
C GLU D 367 -47.08 45.21 34.37
N ASP D 368 -47.14 46.47 34.79
CA ASP D 368 -47.85 47.49 34.04
C ASP D 368 -46.94 48.35 33.18
N GLN D 369 -45.64 48.05 33.19
CA GLN D 369 -44.69 48.87 32.44
C GLN D 369 -44.33 48.24 31.10
N GLU D 370 -43.92 49.08 30.15
CA GLU D 370 -43.37 48.62 28.88
C GLU D 370 -42.03 49.32 28.66
N TYR D 371 -40.93 48.64 28.94
CA TYR D 371 -39.62 49.28 28.87
C TYR D 371 -39.03 49.22 27.47
N SER D 372 -38.51 50.35 27.01
CA SER D 372 -37.75 50.40 25.77
C SER D 372 -36.43 49.68 25.97
N PHE D 373 -35.75 49.36 24.88
CA PHE D 373 -34.42 48.77 24.98
C PHE D 373 -33.49 49.64 25.81
N LYS D 374 -33.52 50.94 25.52
CA LYS D 374 -32.67 51.93 26.18
C LYS D 374 -32.96 51.99 27.70
N GLN D 375 -34.22 51.79 28.08
CA GLN D 375 -34.58 51.75 29.49
C GLN D 375 -34.19 50.42 30.13
N PHE D 376 -34.24 49.36 29.33
CA PHE D 376 -34.06 48.00 29.84
C PHE D 376 -32.60 47.63 30.06
N LEU D 377 -31.75 47.94 29.09
CA LEU D 377 -30.33 47.55 29.14
C LEU D 377 -29.60 48.12 30.33
N TYR D 378 -28.82 47.25 30.98
CA TYR D 378 -28.00 47.58 32.14
C TYR D 378 -28.77 48.23 33.28
N ASN D 379 -30.03 47.85 33.43
CA ASN D 379 -30.88 48.45 34.45
C ASN D 379 -31.47 47.43 35.42
N ASN D 380 -30.66 47.00 36.37
CA ASN D 380 -31.09 46.03 37.37
C ASN D 380 -32.03 46.59 38.43
N SER D 381 -32.19 47.91 38.45
CA SER D 381 -33.14 48.50 39.39
C SER D 381 -34.55 48.02 39.04
N ILE D 382 -34.74 47.65 37.77
CA ILE D 382 -36.00 47.10 37.30
C ILE D 382 -36.28 45.75 37.97
N LEU D 383 -35.26 44.90 38.03
CA LEU D 383 -35.40 43.61 38.69
C LEU D 383 -35.75 43.79 40.16
N LEU D 384 -35.03 44.68 40.83
CA LEU D 384 -35.30 44.97 42.24
C LEU D 384 -36.68 45.59 42.43
N GLU D 385 -37.06 46.48 41.52
CA GLU D 385 -38.35 47.16 41.59
C GLU D 385 -39.53 46.20 41.57
N HIS D 386 -39.52 45.29 40.59
CA HIS D 386 -40.66 44.40 40.37
C HIS D 386 -40.51 43.07 41.11
N GLY D 387 -39.28 42.61 41.28
CA GLY D 387 -39.03 41.34 41.95
C GLY D 387 -39.12 40.16 41.00
N LEU D 388 -38.56 39.03 41.40
CA LEU D 388 -38.49 37.85 40.55
C LEU D 388 -39.86 37.29 40.18
N THR D 389 -40.76 37.25 41.16
CA THR D 389 -42.08 36.68 40.96
C THR D 389 -42.79 37.39 39.80
N GLN D 390 -42.74 38.71 39.84
CA GLN D 390 -43.40 39.53 38.81
C GLN D 390 -42.67 39.39 37.46
N PHE D 391 -41.34 39.25 37.50
CA PHE D 391 -40.57 39.00 36.29
C PHE D 391 -41.03 37.72 35.60
N VAL D 392 -41.06 36.64 36.37
CA VAL D 392 -41.51 35.35 35.84
C VAL D 392 -42.94 35.41 35.30
N GLU D 393 -43.85 36.00 36.08
CA GLU D 393 -45.24 36.10 35.64
C GLU D 393 -45.36 36.91 34.33
N SER D 394 -44.64 38.02 34.25
CA SER D 394 -44.71 38.88 33.07
C SER D 394 -44.07 38.25 31.84
N PHE D 395 -42.87 37.71 32.00
CA PHE D 395 -42.14 37.17 30.86
C PHE D 395 -42.77 35.87 30.36
N THR D 396 -43.46 35.17 31.25
CA THR D 396 -44.18 33.96 30.86
C THR D 396 -45.32 34.36 29.92
N ARG D 397 -45.87 35.56 30.13
CA ARG D 397 -47.00 36.02 29.32
C ARG D 397 -46.63 36.81 28.06
N GLN D 398 -45.38 37.26 27.96
CA GLN D 398 -45.01 38.07 26.79
C GLN D 398 -44.47 37.23 25.65
N ILE D 399 -45.03 37.40 24.45
CA ILE D 399 -44.61 36.57 23.32
C ILE D 399 -43.30 37.07 22.71
N ALA D 400 -42.51 36.14 22.21
CA ALA D 400 -41.24 36.44 21.56
C ALA D 400 -41.44 36.47 20.05
N GLY D 401 -40.45 36.98 19.33
CA GLY D 401 -40.55 37.09 17.88
C GLY D 401 -40.16 35.84 17.13
N ARG D 402 -40.70 35.69 15.93
CA ARG D 402 -40.32 34.62 15.02
C ARG D 402 -38.89 34.83 14.53
N VAL D 403 -38.12 33.76 14.43
CA VAL D 403 -36.71 33.88 14.06
C VAL D 403 -36.46 33.76 12.56
N ALA D 404 -37.03 32.73 11.93
CA ALA D 404 -36.99 32.61 10.49
C ALA D 404 -38.12 33.45 9.86
N GLY D 405 -38.21 33.46 8.54
CA GLY D 405 -39.30 34.15 7.86
C GLY D 405 -38.98 35.58 7.47
N GLY D 406 -37.86 36.10 7.95
CA GLY D 406 -37.35 37.38 7.48
C GLY D 406 -37.84 38.61 8.20
N ARG D 407 -37.06 39.68 8.11
CA ARG D 407 -37.45 41.01 8.54
C ARG D 407 -38.01 41.05 9.96
N ASN D 408 -37.25 40.53 10.92
CA ASN D 408 -37.74 40.57 12.29
C ASN D 408 -36.66 40.82 13.34
N VAL D 409 -35.51 41.32 12.90
CA VAL D 409 -34.48 41.80 13.83
C VAL D 409 -34.84 43.21 14.28
N PRO D 410 -35.01 43.41 15.60
CA PRO D 410 -35.32 44.77 16.05
C PRO D 410 -34.18 45.73 15.76
N ILE D 411 -34.50 46.94 15.33
CA ILE D 411 -33.49 47.90 14.92
C ILE D 411 -32.57 48.26 16.10
N ALA D 412 -33.05 48.11 17.33
CA ALA D 412 -32.22 48.36 18.50
C ALA D 412 -30.93 47.52 18.48
N VAL D 413 -30.98 46.34 17.88
CA VAL D 413 -29.77 45.51 17.80
C VAL D 413 -29.31 45.30 16.35
N GLN D 414 -29.55 46.30 15.50
CA GLN D 414 -29.16 46.18 14.10
C GLN D 414 -27.65 46.00 13.95
N ALA D 415 -26.88 46.63 14.82
CA ALA D 415 -25.42 46.52 14.75
C ALA D 415 -24.96 45.10 15.08
N VAL D 416 -25.73 44.39 15.91
CA VAL D 416 -25.37 43.01 16.24
C VAL D 416 -25.60 42.13 15.03
N ALA D 417 -26.71 42.36 14.33
CA ALA D 417 -26.99 41.58 13.12
C ALA D 417 -25.96 41.87 12.02
N LYS D 418 -25.56 43.12 11.89
CA LYS D 418 -24.58 43.48 10.88
C LYS D 418 -23.23 42.82 11.19
N ALA D 419 -22.86 42.79 12.46
CA ALA D 419 -21.60 42.16 12.88
C ALA D 419 -21.60 40.66 12.60
N SER D 420 -22.76 40.02 12.75
CA SER D 420 -22.86 38.60 12.43
C SER D 420 -22.53 38.35 10.96
N ILE D 421 -23.05 39.22 10.09
CA ILE D 421 -22.74 39.13 8.67
C ILE D 421 -21.26 39.41 8.43
N ASP D 422 -20.78 40.53 8.97
CA ASP D 422 -19.41 40.95 8.74
C ASP D 422 -18.39 39.96 9.32
N GLN D 423 -18.69 39.37 10.47
CA GLN D 423 -17.71 38.46 11.09
C GLN D 423 -17.74 37.08 10.45
N SER D 424 -18.91 36.64 9.98
CA SER D 424 -19.00 35.44 9.15
C SER D 424 -18.04 35.54 7.96
N ARG D 425 -18.06 36.70 7.31
CA ARG D 425 -17.21 36.94 6.15
C ARG D 425 -15.75 37.01 6.56
N GLU D 426 -15.48 37.70 7.65
CA GLU D 426 -14.12 37.80 8.17
C GLU D 426 -13.54 36.41 8.46
N MET D 427 -14.40 35.52 8.92
CA MET D 427 -14.01 34.16 9.25
C MET D 427 -14.06 33.24 8.03
N LYS D 428 -14.29 33.84 6.87
CA LYS D 428 -14.28 33.12 5.58
C LYS D 428 -15.21 31.90 5.57
N TYR D 429 -16.45 32.08 6.04
CA TYR D 429 -17.48 31.04 5.95
C TYR D 429 -17.75 30.65 4.50
N GLN D 430 -17.93 29.35 4.25
CA GLN D 430 -18.46 28.91 2.96
C GLN D 430 -19.93 29.30 2.85
N SER D 431 -20.52 29.06 1.67
CA SER D 431 -21.88 29.52 1.37
C SER D 431 -22.96 28.71 2.06
N LEU D 432 -24.17 29.26 2.06
CA LEU D 432 -25.35 28.54 2.56
C LEU D 432 -25.43 27.13 2.00
N ASN D 433 -25.35 27.02 0.68
CA ASN D 433 -25.54 25.72 0.04
C ASN D 433 -24.43 24.72 0.35
N GLU D 434 -23.22 25.21 0.57
CA GLU D 434 -22.13 24.30 0.98
C GLU D 434 -22.45 23.73 2.35
N TYR D 435 -22.97 24.57 3.24
CA TYR D 435 -23.34 24.12 4.57
C TYR D 435 -24.55 23.19 4.54
N ARG D 436 -25.48 23.43 3.62
CA ARG D 436 -26.63 22.53 3.48
C ARG D 436 -26.16 21.13 3.04
N LYS D 437 -25.28 21.08 2.05
CA LYS D 437 -24.73 19.80 1.61
C LYS D 437 -23.96 19.10 2.72
N ARG D 438 -23.20 19.88 3.49
CA ARG D 438 -22.42 19.34 4.61
C ARG D 438 -23.30 18.64 5.64
N PHE D 439 -24.55 19.08 5.77
CA PHE D 439 -25.47 18.46 6.73
C PHE D 439 -26.57 17.67 6.02
N SER D 440 -26.24 17.14 4.84
CA SER D 440 -27.09 16.20 4.09
C SER D 440 -28.42 16.78 3.66
N LEU D 441 -28.45 18.08 3.36
CA LEU D 441 -29.65 18.74 2.85
C LEU D 441 -29.47 19.10 1.39
N LYS D 442 -30.57 19.16 0.64
CA LYS D 442 -30.50 19.54 -0.76
C LYS D 442 -30.23 21.03 -0.89
N PRO D 443 -29.28 21.41 -1.76
CA PRO D 443 -29.03 22.83 -2.02
C PRO D 443 -30.29 23.51 -2.53
N TYR D 444 -30.54 24.76 -2.10
CA TYR D 444 -31.61 25.54 -2.68
C TYR D 444 -31.22 25.91 -4.10
N THR D 445 -32.21 25.94 -4.99
CA THR D 445 -31.97 26.18 -6.41
C THR D 445 -32.39 27.58 -6.85
N SER D 446 -32.98 28.33 -5.93
CA SER D 446 -33.40 29.70 -6.19
C SER D 446 -33.65 30.43 -4.88
N PHE D 447 -33.74 31.76 -4.93
CA PHE D 447 -34.01 32.51 -3.73
C PHE D 447 -35.46 32.35 -3.28
N GLU D 448 -36.35 32.14 -4.25
CA GLU D 448 -37.75 31.95 -3.92
C GLU D 448 -37.95 30.62 -3.20
N GLU D 449 -37.20 29.59 -3.59
CA GLU D 449 -37.28 28.33 -2.86
C GLU D 449 -36.76 28.54 -1.44
N LEU D 450 -35.73 29.36 -1.30
CA LEU D 450 -35.16 29.66 0.01
C LEU D 450 -36.17 30.36 0.93
N THR D 451 -36.81 31.42 0.44
CA THR D 451 -37.67 32.25 1.28
C THR D 451 -39.13 31.81 1.26
N GLY D 452 -39.52 31.08 0.23
CA GLY D 452 -40.91 30.66 0.10
C GLY D 452 -41.86 31.78 -0.29
N GLU D 453 -41.30 32.91 -0.71
CA GLU D 453 -42.10 34.07 -1.09
C GLU D 453 -41.35 34.78 -2.21
N LYS D 454 -41.85 35.94 -2.65
CA LYS D 454 -41.30 36.57 -3.85
C LYS D 454 -40.54 37.87 -3.62
N GLU D 455 -40.98 38.67 -2.64
CA GLU D 455 -40.43 40.00 -2.43
C GLU D 455 -39.00 39.99 -1.86
N MET D 456 -38.80 39.33 -0.72
CA MET D 456 -37.45 39.25 -0.17
C MET D 456 -36.52 38.51 -1.12
N ALA D 457 -37.05 37.47 -1.76
CA ALA D 457 -36.30 36.68 -2.74
C ALA D 457 -35.73 37.56 -3.84
N ALA D 458 -36.55 38.48 -4.34
CA ALA D 458 -36.14 39.37 -5.43
C ALA D 458 -35.04 40.33 -4.96
N GLU D 459 -35.17 40.85 -3.75
CA GLU D 459 -34.15 41.73 -3.22
C GLU D 459 -32.84 40.94 -3.05
N LEU D 460 -32.94 39.69 -2.61
CA LEU D 460 -31.76 38.87 -2.42
C LEU D 460 -31.13 38.51 -3.76
N LYS D 461 -31.96 38.22 -4.76
CA LYS D 461 -31.43 37.86 -6.07
C LYS D 461 -30.69 39.07 -6.65
N ALA D 462 -31.26 40.26 -6.47
CA ALA D 462 -30.61 41.48 -6.94
C ALA D 462 -29.26 41.69 -6.24
N LEU D 463 -29.21 41.34 -4.96
CA LEU D 463 -28.00 41.54 -4.16
C LEU D 463 -26.94 40.46 -4.44
N TYR D 464 -27.34 39.19 -4.49
CA TYR D 464 -26.39 38.08 -4.57
C TYR D 464 -26.22 37.47 -5.98
N SER D 465 -27.22 37.67 -6.84
CA SER D 465 -27.25 37.13 -8.22
C SER D 465 -27.39 35.61 -8.28
N ASP D 466 -26.53 34.91 -7.56
CA ASP D 466 -26.44 33.46 -7.61
C ASP D 466 -26.80 32.86 -6.25
N ILE D 467 -27.75 31.93 -6.24
CA ILE D 467 -28.20 31.29 -5.01
C ILE D 467 -27.04 30.56 -4.31
N ASP D 468 -26.07 30.08 -5.10
CA ASP D 468 -24.93 29.34 -4.53
C ASP D 468 -23.92 30.26 -3.83
N VAL D 469 -24.23 31.54 -3.78
CA VAL D 469 -23.35 32.52 -3.17
C VAL D 469 -24.08 33.14 -1.96
N MET D 470 -25.34 32.75 -1.78
CA MET D 470 -26.08 33.18 -0.59
C MET D 470 -25.35 32.75 0.69
N GLU D 471 -25.33 33.64 1.68
CA GLU D 471 -24.59 33.40 2.93
C GLU D 471 -25.43 32.68 3.97
N LEU D 472 -24.77 31.97 4.87
CA LEU D 472 -25.44 31.16 5.88
C LEU D 472 -26.31 31.98 6.81
N TYR D 473 -25.72 32.98 7.45
CA TYR D 473 -26.43 33.69 8.53
C TYR D 473 -27.70 34.44 8.08
N PRO D 474 -27.61 35.28 7.02
CA PRO D 474 -28.88 35.90 6.62
C PRO D 474 -29.90 34.89 6.09
N ALA D 475 -29.43 33.81 5.47
CA ALA D 475 -30.34 32.77 4.98
C ALA D 475 -31.17 32.16 6.12
N LEU D 476 -30.53 31.94 7.26
CA LEU D 476 -31.23 31.39 8.42
C LEU D 476 -32.40 32.26 8.85
N LEU D 477 -32.23 33.58 8.76
CA LEU D 477 -33.24 34.49 9.25
C LEU D 477 -34.32 34.82 8.21
N VAL D 478 -34.05 34.56 6.92
CA VAL D 478 -35.06 34.81 5.90
C VAL D 478 -35.68 33.51 5.37
N GLU D 479 -35.19 32.38 5.83
CA GLU D 479 -35.65 31.08 5.34
C GLU D 479 -37.13 30.88 5.60
N LYS D 480 -37.82 30.24 4.66
CA LYS D 480 -39.18 29.77 4.86
C LYS D 480 -39.25 28.91 6.10
N PRO D 481 -40.06 29.32 7.09
CA PRO D 481 -40.22 28.50 8.29
C PRO D 481 -40.95 27.21 7.97
N ARG D 482 -40.77 26.18 8.78
CA ARG D 482 -41.72 25.07 8.79
C ARG D 482 -43.10 25.62 9.10
N PRO D 483 -44.16 24.89 8.72
CA PRO D 483 -45.51 25.46 8.90
C PRO D 483 -45.78 25.82 10.36
N ASP D 484 -46.10 27.09 10.58
CA ASP D 484 -46.37 27.62 11.92
C ASP D 484 -45.21 27.34 12.88
N ALA D 485 -44.00 27.29 12.36
CA ALA D 485 -42.82 27.05 13.20
C ALA D 485 -41.96 28.28 13.33
N ILE D 486 -41.05 28.26 14.30
CA ILE D 486 -40.18 29.39 14.59
C ILE D 486 -38.96 29.42 13.66
N PHE D 487 -38.53 28.24 13.19
CA PHE D 487 -37.32 28.09 12.36
C PHE D 487 -37.64 27.45 11.03
N GLY D 488 -36.74 27.60 10.06
CA GLY D 488 -36.78 26.81 8.85
C GLY D 488 -35.90 25.57 8.96
N GLU D 489 -35.84 24.78 7.89
CA GLU D 489 -35.11 23.51 7.85
C GLU D 489 -33.61 23.63 8.18
N THR D 490 -32.94 24.64 7.64
CA THR D 490 -31.50 24.77 7.81
C THR D 490 -31.10 24.98 9.28
N MET D 491 -31.86 25.82 9.98
CA MET D 491 -31.59 26.07 11.40
C MET D 491 -31.64 24.78 12.20
N VAL D 492 -32.72 24.03 12.02
CA VAL D 492 -32.92 22.80 12.75
C VAL D 492 -31.87 21.75 12.42
N GLU D 493 -31.66 21.48 11.13
CA GLU D 493 -30.81 20.37 10.71
C GLU D 493 -29.32 20.61 10.97
N LEU D 494 -28.91 21.88 10.99
CA LEU D 494 -27.52 22.19 11.33
C LEU D 494 -27.36 22.31 12.84
N GLY D 495 -28.36 22.93 13.48
CA GLY D 495 -28.26 23.25 14.90
C GLY D 495 -28.44 22.04 15.82
N ALA D 496 -29.40 21.18 15.50
CA ALA D 496 -29.72 20.07 16.38
C ALA D 496 -28.54 19.12 16.68
N PRO D 497 -27.71 18.76 15.66
CA PRO D 497 -26.60 17.87 16.02
C PRO D 497 -25.61 18.52 16.98
N PHE D 498 -25.28 19.79 16.72
CA PHE D 498 -24.40 20.53 17.64
C PHE D 498 -24.98 20.55 19.05
N SER D 499 -26.28 20.81 19.11
CA SER D 499 -26.96 20.96 20.38
C SER D 499 -26.91 19.68 21.21
N LEU D 500 -27.28 18.56 20.60
CA LEU D 500 -27.31 17.29 21.32
C LEU D 500 -25.93 16.81 21.71
N LYS D 501 -24.96 17.07 20.83
CA LYS D 501 -23.57 16.75 21.09
C LYS D 501 -23.05 17.51 22.31
N GLY D 502 -23.39 18.80 22.39
CA GLY D 502 -23.00 19.62 23.51
C GLY D 502 -23.65 19.17 24.82
N LEU D 503 -24.84 18.58 24.71
CA LEU D 503 -25.56 18.11 25.89
C LEU D 503 -25.12 16.71 26.32
N MET D 504 -25.18 15.75 25.40
CA MET D 504 -24.86 14.37 25.76
C MET D 504 -23.36 14.13 25.89
N GLY D 505 -22.54 14.96 25.24
CA GLY D 505 -21.10 14.82 25.29
C GLY D 505 -20.48 15.15 26.64
N ASN D 506 -21.27 15.76 27.53
CA ASN D 506 -20.80 16.12 28.86
C ASN D 506 -20.33 14.88 29.65
N PRO D 507 -19.21 14.99 30.38
CA PRO D 507 -18.72 13.82 31.13
C PRO D 507 -19.72 13.24 32.13
N ILE D 508 -20.65 14.04 32.65
CA ILE D 508 -21.58 13.51 33.65
C ILE D 508 -22.52 12.50 33.01
N CYS D 509 -22.60 12.49 31.68
CA CYS D 509 -23.42 11.52 30.95
C CYS D 509 -22.70 10.22 30.65
N SER D 510 -21.39 10.18 30.86
CA SER D 510 -20.62 8.96 30.61
C SER D 510 -20.90 7.95 31.72
N PRO D 511 -20.78 6.66 31.41
CA PRO D 511 -21.12 5.61 32.37
C PRO D 511 -20.39 5.69 33.72
N GLN D 512 -19.14 6.15 33.78
CA GLN D 512 -18.49 6.19 35.08
C GLN D 512 -18.97 7.37 35.94
N TYR D 513 -19.57 8.38 35.31
CA TYR D 513 -20.14 9.49 36.07
C TYR D 513 -21.64 9.32 36.35
N TRP D 514 -22.36 8.67 35.45
CA TRP D 514 -23.82 8.65 35.55
C TRP D 514 -24.31 7.60 36.54
N LYS D 515 -24.16 7.92 37.82
CA LYS D 515 -24.57 7.02 38.90
C LYS D 515 -24.83 7.86 40.15
N PRO D 516 -25.66 7.34 41.08
CA PRO D 516 -26.07 8.12 42.25
C PRO D 516 -24.93 8.69 43.09
N SER D 517 -23.86 7.93 43.30
CA SER D 517 -22.80 8.38 44.20
C SER D 517 -22.07 9.62 43.68
N THR D 518 -22.08 9.82 42.37
CA THR D 518 -21.52 11.03 41.77
C THR D 518 -22.21 12.28 42.30
N PHE D 519 -23.52 12.16 42.55
CA PHE D 519 -24.33 13.31 42.92
C PHE D 519 -24.77 13.25 44.39
N GLY D 520 -24.01 12.52 45.20
CA GLY D 520 -24.24 12.47 46.63
C GLY D 520 -25.28 11.46 47.07
N GLY D 521 -25.67 10.56 46.17
CA GLY D 521 -26.64 9.54 46.49
C GLY D 521 -27.94 9.69 45.72
N GLU D 522 -28.94 8.87 46.05
CA GLU D 522 -30.18 8.83 45.29
C GLU D 522 -30.93 10.15 45.39
N VAL D 523 -30.77 10.86 46.50
CA VAL D 523 -31.45 12.13 46.68
C VAL D 523 -30.92 13.18 45.69
N GLY D 524 -29.60 13.29 45.59
CA GLY D 524 -28.98 14.20 44.63
C GLY D 524 -29.32 13.80 43.20
N PHE D 525 -29.27 12.50 42.93
CA PHE D 525 -29.57 11.97 41.61
C PHE D 525 -30.99 12.33 41.17
N LYS D 526 -31.94 12.23 42.11
CA LYS D 526 -33.34 12.47 41.80
C LYS D 526 -33.59 13.93 41.45
N ILE D 527 -32.81 14.84 42.06
CA ILE D 527 -32.91 16.26 41.71
C ILE D 527 -32.66 16.44 40.22
N ILE D 528 -31.65 15.76 39.68
CA ILE D 528 -31.37 15.86 38.24
C ILE D 528 -32.53 15.27 37.44
N ASN D 529 -32.90 14.05 37.79
CA ASN D 529 -33.84 13.28 36.99
C ASN D 529 -35.30 13.75 37.09
N THR D 530 -35.58 14.68 38.00
CA THR D 530 -36.92 15.26 38.09
C THR D 530 -36.95 16.75 37.77
N ALA D 531 -35.83 17.27 37.27
CA ALA D 531 -35.74 18.71 37.02
C ALA D 531 -36.66 19.15 35.88
N SER D 532 -37.16 20.37 35.97
CA SER D 532 -37.98 20.97 34.93
C SER D 532 -37.91 22.48 35.09
N ILE D 533 -38.28 23.22 34.04
CA ILE D 533 -38.29 24.68 34.15
C ILE D 533 -39.33 25.10 35.19
N GLN D 534 -40.45 24.38 35.28
CA GLN D 534 -41.45 24.71 36.29
C GLN D 534 -40.93 24.49 37.71
N SER D 535 -40.22 23.38 37.94
CA SER D 535 -39.76 23.09 39.29
C SER D 535 -38.62 24.04 39.68
N LEU D 536 -37.77 24.38 38.71
CA LEU D 536 -36.71 25.35 38.94
C LEU D 536 -37.30 26.67 39.47
N ILE D 537 -38.35 27.13 38.82
CA ILE D 537 -39.00 28.37 39.25
C ILE D 537 -39.79 28.16 40.54
N CYS D 538 -40.51 27.04 40.64
CA CYS D 538 -41.32 26.79 41.83
C CYS D 538 -40.49 26.75 43.11
N ASN D 539 -39.32 26.16 43.05
CA ASN D 539 -38.47 26.02 44.23
C ASN D 539 -37.74 27.30 44.63
N ASN D 540 -37.55 28.22 43.70
CA ASN D 540 -36.64 29.33 43.93
C ASN D 540 -37.25 30.71 43.78
N VAL D 541 -38.51 30.77 43.36
CA VAL D 541 -39.16 32.06 43.19
C VAL D 541 -40.37 32.13 44.11
N LYS D 542 -40.43 33.18 44.91
CA LYS D 542 -41.46 33.35 45.92
C LYS D 542 -42.86 33.21 45.33
N GLY D 543 -43.69 32.38 45.96
CA GLY D 543 -45.06 32.18 45.55
C GLY D 543 -45.23 31.07 44.52
N CYS D 544 -44.12 30.45 44.10
CA CYS D 544 -44.16 29.38 43.11
C CYS D 544 -45.05 29.74 41.92
N PRO D 545 -44.70 30.81 41.19
CA PRO D 545 -45.56 31.19 40.06
C PRO D 545 -45.53 30.12 38.98
N PHE D 546 -46.63 29.96 38.26
CA PHE D 546 -46.62 29.12 37.08
C PHE D 546 -45.64 29.65 36.06
N THR D 547 -44.89 28.78 35.40
CA THR D 547 -44.11 29.21 34.25
C THR D 547 -44.00 28.13 33.20
N SER D 548 -43.49 28.53 32.05
CA SER D 548 -43.47 27.71 30.86
C SER D 548 -42.66 28.44 29.82
N PHE D 549 -42.26 27.72 28.77
CA PHE D 549 -41.55 28.36 27.67
C PHE D 549 -42.53 28.84 26.58
N ASN D 550 -43.82 28.60 26.77
CA ASN D 550 -44.82 29.09 25.81
C ASN D 550 -45.88 29.98 26.47
N VAL D 551 -46.43 30.93 25.72
CA VAL D 551 -47.47 31.80 26.27
C VAL D 551 -48.79 31.04 26.44
C1 NAG E . 4.60 -6.78 -14.02
C2 NAG E . 4.74 -7.50 -12.69
C3 NAG E . 3.53 -7.24 -11.81
C4 NAG E . 3.31 -5.75 -11.64
C5 NAG E . 3.18 -5.09 -13.01
C6 NAG E . 3.08 -3.59 -12.94
C7 NAG E . 6.06 -9.57 -12.60
C8 NAG E . 6.07 -11.04 -12.86
N2 NAG E . 4.91 -8.93 -12.90
O3 NAG E . 3.75 -7.83 -10.53
O4 NAG E . 2.11 -5.53 -10.90
O5 NAG E . 4.34 -5.38 -13.79
O6 NAG E . 4.22 -3.06 -12.27
O7 NAG E . 7.03 -8.97 -12.15
C1 NAG E . 2.36 -4.83 -9.67
C2 NAG E . 0.99 -4.27 -9.23
C3 NAG E . 1.08 -3.58 -7.87
C4 NAG E . 1.83 -4.44 -6.86
C5 NAG E . 3.17 -4.86 -7.44
C6 NAG E . 4.00 -5.70 -6.51
C7 NAG E . -0.35 -3.67 -11.20
C8 NAG E . -0.72 -2.59 -12.16
N2 NAG E . 0.50 -3.34 -10.23
O3 NAG E . -0.22 -3.30 -7.39
O4 NAG E . 2.06 -3.71 -5.66
O5 NAG E . 2.92 -5.62 -8.62
O6 NAG E . 3.98 -7.08 -6.86
O7 NAG E . -0.82 -4.80 -11.30
C1 NAG F . 4.07 -26.17 -15.30
C2 NAG F . 2.86 -25.49 -14.69
C3 NAG F . 2.65 -25.95 -13.25
C4 NAG F . 2.63 -27.47 -13.17
C5 NAG F . 3.91 -28.01 -13.82
C6 NAG F . 3.96 -29.52 -13.85
C7 NAG F . 2.15 -23.26 -15.38
C8 NAG F . 2.42 -21.78 -15.32
N2 NAG F . 3.01 -24.04 -14.73
O3 NAG F . 1.43 -25.41 -12.77
O4 NAG F . 2.57 -27.85 -11.81
O5 NAG F . 3.96 -27.57 -15.17
O6 NAG F . 2.67 -30.06 -14.04
O7 NAG F . 1.22 -23.72 -16.02
C1 NAG F . 1.36 -28.57 -11.46
C2 NAG F . 1.52 -29.23 -10.08
C3 NAG F . 0.24 -29.99 -9.69
C4 NAG F . -1.01 -29.14 -9.91
C5 NAG F . -0.99 -28.58 -11.32
C6 NAG F . -2.19 -27.72 -11.64
C7 NAG F . 3.90 -29.77 -9.75
C8 NAG F . 4.93 -30.85 -9.81
N2 NAG F . 2.65 -30.14 -10.08
O3 NAG F . 0.31 -30.37 -8.32
O4 NAG F . -2.17 -29.95 -9.73
O5 NAG F . 0.18 -27.77 -11.49
O6 NAG F . -1.91 -26.33 -11.47
O7 NAG F . 4.17 -28.62 -9.41
C1 NAG G . -5.80 23.62 38.77
C2 NAG G . -5.90 25.12 38.50
C3 NAG G . -4.74 25.86 39.14
C4 NAG G . -4.63 25.51 40.62
C5 NAG G . -4.55 23.99 40.80
C6 NAG G . -4.59 23.57 42.24
C7 NAG G . -6.99 25.93 36.47
C8 NAG G . -6.87 26.13 34.99
N2 NAG G . -5.94 25.38 37.07
O3 NAG G . -4.95 27.26 39.01
O4 NAG G . -3.45 26.09 41.16
O5 NAG G . -5.69 23.39 40.18
O6 NAG G . -5.76 24.03 42.88
O7 NAG G . -7.99 26.24 37.09
C1 NAG G . -3.77 26.97 42.25
C2 NAG G . -2.45 27.30 43.00
C3 NAG G . -2.64 28.43 44.02
C4 NAG G . -3.41 29.59 43.42
C5 NAG G . -4.71 29.06 42.84
C6 NAG G . -5.63 30.11 42.28
C7 NAG G . -1.13 25.21 43.09
C8 NAG G . -0.75 24.03 43.93
N2 NAG G . -1.96 26.09 43.67
O3 NAG G . -1.37 28.87 44.47
O4 NAG G . -3.71 30.57 44.41
O5 NAG G . -4.37 28.17 41.77
O6 NAG G . -5.00 30.90 41.27
O7 NAG G . -0.70 25.36 41.95
C1 NAG H . -3.82 29.41 20.26
C2 NAG H . -2.60 29.68 21.16
C3 NAG H . -2.35 31.18 21.30
C4 NAG H . -2.29 31.86 19.93
C5 NAG H . -3.56 31.56 19.17
C6 NAG H . -3.57 32.12 17.78
C7 NAG H . -2.04 28.09 22.95
C8 NAG H . -2.38 27.62 24.33
N2 NAG H . -2.80 29.08 22.47
O3 NAG H . -1.11 31.39 21.98
O4 NAG H . -2.18 33.27 20.11
O5 NAG H . -3.68 30.13 19.04
O6 NAG H . -2.40 31.71 17.07
O7 NAG H . -1.13 27.60 22.29
C1 NAG H . -1.02 33.82 19.47
C2 NAG H . -1.26 35.33 19.31
C3 NAG H . -0.01 36.05 18.81
C4 NAG H . 1.21 35.66 19.62
C5 NAG H . 1.34 34.15 19.66
C6 NAG H . 2.50 33.65 20.47
C7 NAG H . -3.62 35.83 18.82
C8 NAG H . -4.65 36.05 17.75
N2 NAG H . -2.37 35.57 18.40
O3 NAG H . -0.20 37.46 18.91
O4 NAG H . 2.39 36.22 19.05
O5 NAG H . 0.15 33.61 20.24
O6 NAG H . 2.07 32.97 21.64
O7 NAG H . -3.91 35.90 20.01
C1 NAG I . 16.66 18.66 -35.51
C2 NAG I . 15.96 19.60 -34.50
C3 NAG I . 16.01 21.05 -35.01
C4 NAG I . 17.39 21.43 -35.55
C5 NAG I . 17.95 20.33 -36.45
C6 NAG I . 19.36 20.57 -36.92
C7 NAG I . 13.44 19.75 -34.52
C8 NAG I . 12.20 19.03 -34.06
N2 NAG I . 14.60 19.16 -34.20
O3 NAG I . 15.61 21.97 -34.00
O4 NAG I . 17.30 22.62 -36.33
O5 NAG I . 17.97 19.10 -35.72
O6 NAG I . 19.70 19.65 -37.96
O7 NAG I . 13.37 20.80 -35.16
C1 NAG J . -32.59 -15.15 -27.36
C2 NAG J . -33.59 -14.00 -27.16
C3 NAG J . -35.03 -14.47 -27.40
C4 NAG J . -35.15 -15.22 -28.71
C5 NAG J . -34.13 -16.34 -28.77
C6 NAG J . -34.13 -17.10 -30.07
C7 NAG J . -33.35 -12.10 -25.63
C8 NAG J . -33.20 -11.67 -24.20
N2 NAG J . -33.44 -13.42 -25.84
O3 NAG J . -35.89 -13.34 -27.41
O4 NAG J . -36.46 -15.77 -28.86
O5 NAG J . -32.82 -15.77 -28.62
O6 NAG J . -33.54 -18.38 -29.91
O7 NAG J . -33.38 -11.29 -26.55
CHA HEM K . -13.04 -5.18 -27.53
CHB HEM K . -17.81 -5.69 -28.08
CHC HEM K . -17.03 -7.76 -32.38
CHD HEM K . -12.28 -6.74 -32.10
C1A HEM K . -14.39 -5.19 -27.29
C2A HEM K . -15.03 -4.86 -26.02
C3A HEM K . -16.34 -5.00 -26.17
C4A HEM K . -16.58 -5.43 -27.53
CMA HEM K . -17.42 -4.77 -25.09
CAA HEM K . -14.31 -4.44 -24.71
CBA HEM K . -13.89 -2.97 -24.76
CGA HEM K . -13.24 -2.62 -23.44
O1A HEM K . -13.17 -3.51 -22.54
O2A HEM K . -12.77 -1.46 -23.27
C1B HEM K . -18.01 -6.38 -29.24
C2B HEM K . -19.25 -6.99 -29.67
C3B HEM K . -19.07 -7.57 -30.84
C4B HEM K . -17.67 -7.35 -31.23
CMB HEM K . -20.58 -6.98 -28.87
CAB HEM K . -20.20 -8.32 -31.59
CBB HEM K . -19.95 -9.15 -32.60
C1C HEM K . -15.70 -7.62 -32.70
C2C HEM K . -15.10 -7.96 -33.97
C3C HEM K . -13.79 -7.71 -33.91
C4C HEM K . -13.50 -7.16 -32.60
CMC HEM K . -15.86 -8.56 -35.17
CAC HEM K . -12.82 -7.97 -35.10
CBC HEM K . -11.49 -8.01 -34.96
C1D HEM K . -12.02 -6.34 -30.81
C2D HEM K . -10.71 -6.27 -30.20
C3D HEM K . -10.96 -5.78 -28.76
C4D HEM K . -12.38 -5.61 -28.65
CMD HEM K . -9.35 -6.61 -30.83
CAD HEM K . -9.90 -5.55 -27.65
CBD HEM K . -9.96 -6.77 -26.74
CGD HEM K . -9.00 -6.67 -25.58
O1D HEM K . -8.11 -5.79 -25.59
O2D HEM K . -9.12 -7.47 -24.64
NA HEM K . -15.38 -5.52 -28.20
NB HEM K . -17.06 -6.62 -30.22
NC HEM K . -14.69 -7.12 -31.88
ND HEM K . -12.96 -5.96 -29.87
FE HEM K . -15.02 -6.18 -30.10
CCG IXP L . 17.45 -1.91 -52.99
OCF IXP L . 16.63 -3.08 -52.93
CBD IXP L . 16.83 -3.70 -51.73
CBE IXP L . 15.85 -3.79 -50.75
CBC IXP L . 18.08 -4.26 -51.50
OCJ IXP L . 19.03 -4.18 -52.47
CCK IXP L . 19.37 -5.48 -52.92
CBB IXP L . 18.35 -4.91 -50.31
OCH IXP L . 19.61 -5.43 -50.18
CCI IXP L . 19.51 -6.84 -49.93
CBA IXP L . 17.39 -5.00 -49.33
CAZ IXP L . 16.13 -4.44 -49.55
CAL IXP L . 15.15 -4.53 -48.56
CAK IXP L . 14.11 -5.61 -48.98
CAJ IXP L . 13.30 -5.05 -50.12
CAV IXP L . 12.53 -6.29 -50.48
OAW IXP L . 13.60 -7.29 -50.43
CAX IXP L . 14.56 -6.73 -49.63
OAY IXP L . 15.72 -7.14 -49.50
CAM IXP L . 14.57 -3.24 -48.34
CAO IXP L . 15.28 -2.27 -47.65
CAP IXP L . 14.77 -1.04 -47.44
OAS IXP L . 15.34 0.00 -46.77
CAT IXP L . 14.24 0.91 -46.58
OAU IXP L . 13.25 0.55 -47.57
CAQ IXP L . 13.56 -0.73 -47.90
CAR IXP L . 12.83 -1.62 -48.58
CAN IXP L . 13.31 -2.89 -48.84
CAI IXP L . 12.50 -3.83 -49.56
OAF IXP L . 11.84 -3.16 -50.65
CAE IXP L . 10.74 -3.87 -51.03
OAH IXP L . 10.74 -4.67 -51.95
CAD IXP L . 9.49 -3.61 -50.20
CAC IXP L . 8.32 -4.41 -50.79
CAB IXP L . 7.13 -4.38 -49.82
OAG IXP L . 6.91 -3.39 -49.13
NAA IXP L . 6.41 -5.49 -49.78
CCE IXP L . 5.27 -5.55 -48.88
CBF IXP L . 4.02 -5.95 -49.68
CCD IXP L . 2.77 -5.46 -48.94
CCC IXP L . 2.60 -6.27 -47.65
NCB IXP L . 1.37 -7.03 -47.72
CBY IXP L . 1.07 -7.90 -46.76
OCA IXP L . 1.78 -8.13 -45.78
CBX IXP L . -0.26 -8.62 -46.97
CBO IXP L . -1.25 -8.36 -45.83
CBN IXP L . -1.14 -8.87 -44.61
CCL IXP L . -0.02 -9.79 -44.13
CBK IXP L . -2.33 -7.62 -45.90
CBL IXP L . -2.83 -6.93 -46.91
CBG IXP L . -4.01 -6.21 -46.72
OCM IXP L . -4.62 -5.45 -47.69
CCN IXP L . -3.89 -5.17 -48.89
CBH IXP L . -4.61 -6.25 -45.48
CBI IXP L . -4.04 -7.00 -44.45
CBJ IXP L . -2.91 -7.67 -44.69
NBM IXP L . -2.16 -8.45 -43.89
CBP IXP L . -2.36 -8.78 -42.61
OBW IXP L . -2.08 -9.90 -42.19
CBQ IXP L . -2.89 -7.86 -41.71
CBR IXP L . -3.63 -8.33 -40.64
CBS IXP L . -4.18 -7.43 -39.73
CBT IXP L . -3.99 -6.07 -39.90
CBU IXP L . -3.24 -5.60 -40.97
CBV IXP L . -2.69 -6.49 -41.89
CL IXP L . -4.66 -4.98 -38.77
C1 BOG M . 37.97 -48.36 -2.70
O1 BOG M . 36.65 -48.23 -2.38
C2 BOG M . 38.17 -48.35 -4.18
O2 BOG M . 37.50 -49.36 -4.72
C3 BOG M . 39.62 -48.67 -4.39
O3 BOG M . 39.83 -48.72 -5.73
C4 BOG M . 40.56 -47.76 -3.70
O4 BOG M . 41.77 -48.39 -3.73
C5 BOG M . 40.11 -47.57 -2.27
O5 BOG M . 38.75 -47.35 -2.21
C6 BOG M . 40.72 -46.44 -1.51
O6 BOG M . 41.35 -45.54 -2.29
C1' BOG M . 36.16 -47.34 -1.47
C2' BOG M . 35.60 -48.11 -0.32
C3' BOG M . 34.96 -47.07 0.55
C4' BOG M . 36.05 -46.18 1.14
C5' BOG M . 36.38 -45.03 0.19
C6' BOG M . 37.19 -43.97 0.93
C7' BOG M . 36.54 -42.62 0.78
C8' BOG M . 37.51 -41.55 1.22
C1 NAG N . 18.75 -49.60 -37.05
C2 NAG N . 17.94 -50.57 -36.17
C3 NAG N . 18.39 -52.01 -36.45
C4 NAG N . 18.37 -52.31 -37.94
C5 NAG N . 19.09 -51.20 -38.73
C6 NAG N . 18.93 -51.35 -40.23
C7 NAG N . 18.57 -50.91 -33.74
C8 NAG N . 18.44 -50.28 -32.37
N2 NAG N . 18.00 -50.22 -34.74
O3 NAG N . 17.57 -52.94 -35.75
O4 NAG N . 19.04 -53.54 -38.19
O5 NAG N . 18.54 -49.92 -38.39
O6 NAG N . 19.87 -50.53 -40.91
O7 NAG N . 19.19 -51.95 -33.90
C1 NAG O . 32.19 -18.34 12.74
C2 NAG O . 32.55 -19.54 13.62
C3 NAG O . 33.47 -19.13 14.78
C4 NAG O . 34.66 -18.33 14.25
C5 NAG O . 34.13 -17.14 13.45
C6 NAG O . 35.23 -16.29 12.86
C7 NAG O . 31.14 -21.50 14.04
C8 NAG O . 29.84 -21.99 14.61
N2 NAG O . 31.35 -20.18 14.13
O3 NAG O . 33.93 -20.29 15.44
O4 NAG O . 35.47 -17.86 15.33
O5 NAG O . 33.37 -17.65 12.35
O6 NAG O . 34.75 -14.98 12.55
O7 NAG O . 31.94 -22.26 13.51
CHA HEM P . 23.71 -27.43 -5.52
CHB HEM P . 26.43 -27.30 -1.49
CHC HEM P . 29.87 -24.89 -3.91
CHD HEM P . 27.52 -25.77 -8.09
C1A HEM P . 24.13 -27.54 -4.21
C2A HEM P . 23.32 -28.00 -3.10
C3A HEM P . 24.07 -27.96 -2.00
C4A HEM P . 25.37 -27.48 -2.35
CMA HEM P . 23.60 -28.38 -0.58
CAA HEM P . 21.85 -28.46 -3.17
CBA HEM P . 21.83 -29.92 -3.60
CGA HEM P . 20.41 -30.42 -3.64
O1A HEM P . 19.47 -29.63 -3.33
O2A HEM P . 20.21 -31.62 -3.99
C1B HEM P . 27.54 -26.52 -1.76
C2B HEM P . 28.43 -25.94 -0.78
C3B HEM P . 29.38 -25.26 -1.42
C4B HEM P . 29.14 -25.41 -2.85
CMB HEM P . 28.30 -26.05 0.77
CAB HEM P . 30.49 -24.50 -0.66
CBB HEM P . 31.23 -23.55 -1.22
C1C HEM P . 29.56 -24.98 -5.25
C2C HEM P . 30.41 -24.53 -6.34
C3C HEM P . 29.76 -24.74 -7.50
C4C HEM P . 28.49 -25.36 -7.19
CMC HEM P . 31.80 -23.89 -6.18
CAC HEM P . 30.33 -24.40 -8.89
CBC HEM P . 29.53 -24.15 -9.94
C1D HEM P . 26.24 -26.18 -7.79
C2D HEM P . 25.15 -26.23 -8.73
C3D HEM P . 23.95 -26.76 -7.93
C4D HEM P . 24.45 -26.96 -6.58
CMD HEM P . 25.17 -25.84 -10.23
CAD HEM P . 22.51 -26.98 -8.44
CBD HEM P . 21.75 -25.74 -7.96
CGD HEM P . 20.27 -25.84 -8.23
O1D HEM P . 19.86 -26.61 -9.14
O2D HEM P . 19.51 -25.13 -7.55
NA HEM P . 25.39 -27.24 -3.72
NB HEM P . 28.01 -26.18 -3.01
NC HEM P . 28.40 -25.48 -5.81
ND HEM P . 25.79 -26.61 -6.55
FE HEM P . 26.96 -26.39 -4.82
CCG IXP Q . 32.19 -25.80 -43.61
OCF IXP Q . 31.58 -26.93 -42.98
CBD IXP Q . 30.46 -26.52 -42.33
CBE IXP Q . 30.35 -26.55 -40.94
CBC IXP Q . 29.40 -26.08 -43.10
OCJ IXP Q . 29.52 -26.06 -44.45
CCK IXP Q . 29.44 -24.70 -44.92
CBB IXP Q . 28.22 -25.65 -42.51
OCH IXP Q . 27.22 -25.23 -43.34
CCI IXP Q . 26.27 -26.28 -43.53
CBA IXP Q . 28.09 -25.67 -41.13
CAZ IXP Q . 29.15 -26.12 -40.34
CAL IXP Q . 29.02 -26.14 -38.97
CAK IXP Q . 29.92 -25.03 -38.34
CAJ IXP Q . 31.35 -25.47 -38.51
CAV IXP Q . 32.03 -24.19 -38.04
OAW IXP Q . 31.21 -23.20 -38.77
CAX IXP Q . 30.03 -23.84 -39.03
OAY IXP Q . 29.16 -23.44 -39.80
CAM IXP Q . 29.34 -27.46 -38.47
CAO IXP Q . 28.43 -28.49 -38.64
CAP IXP Q . 28.69 -29.73 -38.21
OAS IXP Q . 27.92 -30.83 -38.29
CAT IXP Q . 28.81 -31.92 -37.96
OAU IXP Q . 29.91 -31.31 -37.23
CAQ IXP Q . 29.85 -30.00 -37.59
CAR IXP Q . 30.77 -29.05 -37.40
CAN IXP Q . 30.56 -27.75 -37.85
CAI IXP Q . 31.55 -26.75 -37.62
OAF IXP Q . 32.86 -27.29 -37.85
CAE IXP Q . 33.72 -26.82 -36.91
OAH IXP Q . 34.48 -25.87 -37.09
CAD IXP Q . 33.70 -27.56 -35.58
CAC IXP Q . 35.09 -27.55 -34.95
CAB IXP Q . 34.97 -27.52 -33.44
OAG IXP Q . 34.77 -28.54 -32.78
NAA IXP Q . 35.12 -26.30 -32.91
CCE IXP Q . 35.05 -26.05 -31.46
CBF IXP Q . 35.50 -24.61 -31.19
CCD IXP Q . 35.93 -24.48 -29.74
CCC IXP Q . 34.82 -23.78 -28.94
NCB IXP Q . 35.39 -23.21 -27.72
CBY IXP Q . 34.69 -23.15 -26.57
OCA IXP Q . 33.53 -23.57 -26.44
CBX IXP Q . 35.44 -22.52 -25.39
CBO IXP Q . 34.84 -22.89 -24.03
CBN IXP Q . 33.65 -22.51 -23.59
CCL IXP Q . 32.65 -21.65 -24.36
CBK IXP Q . 35.44 -23.62 -23.11
CBL IXP Q . 36.63 -24.22 -23.10
CBG IXP Q . 37.02 -24.95 -21.98
OCM IXP Q . 38.23 -25.57 -21.94
CCN IXP Q . 38.28 -26.60 -22.93
CBH IXP Q . 36.15 -25.03 -20.91
CBI IXP Q . 34.92 -24.39 -21.01
CBJ IXP Q . 34.59 -23.69 -22.09
NBM IXP Q . 33.47 -23.02 -22.38
CBP IXP Q . 32.38 -22.84 -21.61
OBW IXP Q . 31.75 -21.78 -21.67
CBQ IXP Q . 31.90 -23.83 -20.76
CBR IXP Q . 31.20 -23.44 -19.62
CBS IXP Q . 30.69 -24.40 -18.73
CBT IXP Q . 30.89 -25.74 -18.98
CBU IXP Q . 31.58 -26.13 -20.12
CBV IXP Q . 32.09 -25.18 -21.02
CL IXP Q . 30.28 -26.93 -17.88
C1 NAG R . -18.34 -5.83 53.81
C2 NAG R . -17.91 -5.08 55.07
C3 NAG R . -17.97 -6.02 56.28
C4 NAG R . -19.30 -6.77 56.33
C5 NAG R . -19.69 -7.34 54.96
C6 NAG R . -21.08 -7.91 54.91
C7 NAG R . -15.43 -4.80 55.47
C8 NAG R . -14.27 -3.90 55.15
N2 NAG R . -16.61 -4.42 54.93
O3 NAG R . -17.75 -5.31 57.49
O4 NAG R . -19.19 -7.86 57.25
O5 NAG R . -19.63 -6.31 53.98
O6 NAG R . -21.30 -8.62 53.70
O7 NAG R . -15.29 -5.81 56.14
C1 NAG S . 32.61 15.11 29.10
C2 NAG S . 33.53 14.95 30.32
C3 NAG S . 34.99 15.05 29.90
C4 NAG S . 35.29 14.07 28.76
C5 NAG S . 34.31 14.33 27.61
C6 NAG S . 34.46 13.38 26.45
C7 NAG S . 33.04 15.65 32.62
C8 NAG S . 32.70 16.80 33.52
N2 NAG S . 33.21 15.94 31.33
O3 NAG S . 35.83 14.78 31.01
O4 NAG S . 36.62 14.23 28.28
O5 NAG S . 32.97 14.17 28.11
O6 NAG S . 33.85 13.90 25.28
O7 NAG S . 33.16 14.50 33.05
CHA HEM T . 12.40 11.03 36.85
CHB HEM T . 17.22 10.78 36.56
CHC HEM T . 16.82 7.46 33.08
CHD HEM T . 11.99 7.30 33.73
C1A HEM T . 13.74 11.27 37.04
C2A HEM T . 14.29 12.32 37.88
C3A HEM T . 15.61 12.25 37.80
C4A HEM T . 15.95 11.16 36.92
CMA HEM T . 16.62 13.16 38.53
CAA HEM T . 13.51 13.35 38.72
CBA HEM T . 12.94 12.74 39.99
CGA HEM T . 12.31 13.86 40.80
O1A HEM T . 12.09 14.96 40.22
O2A HEM T . 12.04 13.63 42.00
C1B HEM T . 17.53 9.94 35.51
C2B HEM T . 18.83 9.81 34.89
C3B HEM T . 18.74 8.90 33.92
C4B HEM T . 17.37 8.41 33.90
CMB HEM T . 20.09 10.61 35.29
CAB HEM T . 19.94 8.50 33.03
CBB HEM T . 19.78 7.89 31.86
C1C HEM T . 15.49 7.08 32.99
C2C HEM T . 14.96 6.02 32.16
C3C HEM T . 13.64 5.98 32.31
C4C HEM T . 13.27 7.01 33.27
CMC HEM T . 15.79 5.10 31.23
CAC HEM T . 12.72 4.96 31.58
CBC HEM T . 11.40 5.12 31.52
C1D HEM T . 11.63 8.36 34.54
C2D HEM T . 10.28 8.83 34.75
C3D HEM T . 10.41 10.00 35.74
C4D HEM T . 11.82 10.11 36.01
CMD HEM T . 8.98 8.28 34.12
CAD HEM T . 9.29 10.90 36.29
CBD HEM T . 9.32 12.13 35.38
CGD HEM T . 8.37 13.22 35.80
O1D HEM T . 7.42 12.98 36.58
O2D HEM T . 8.56 14.36 35.33
NA HEM T . 14.77 10.59 36.46
NB HEM T . 16.67 9.06 34.89
NC HEM T . 14.43 7.66 33.66
ND HEM T . 12.49 9.13 35.29
FE HEM T . 14.59 9.05 35.10
CCG IXP U . -15.81 -14.94 27.78
OCF IXP U . -15.44 -13.95 26.82
CBD IXP U . -16.00 -12.73 27.06
CBE IXP U . -15.26 -11.58 27.31
CBC IXP U . -17.37 -12.67 27.04
OCJ IXP U . -18.07 -13.83 26.83
CCK IXP U . -18.83 -13.93 25.62
CBB IXP U . -18.03 -11.46 27.31
OCH IXP U . -19.40 -11.50 27.29
CCI IXP U . -19.98 -12.48 28.19
CBA IXP U . -17.28 -10.30 27.57
CAZ IXP U . -15.88 -10.35 27.58
CAL IXP U . -15.07 -9.18 27.82
CAK IXP U . -13.78 -9.17 26.91
CAJ IXP U . -12.73 -10.12 27.49
CAV IXP U . -11.70 -10.07 26.41
OAW IXP U . -12.56 -10.17 25.24
CAX IXP U . -13.82 -9.84 25.69
OAY IXP U . -14.86 -10.11 25.08
CAM IXP U . -14.77 -9.18 29.20
CAO IXP U . -15.81 -8.98 30.10
CAP IXP U . -15.62 -9.03 31.40
OAS IXP U . -16.51 -8.85 32.40
CAT IXP U . -15.67 -8.50 33.50
OAU IXP U . -14.49 -9.26 33.25
CAQ IXP U . -14.42 -9.27 31.90
CAR IXP U . -13.38 -9.48 31.10
CAN IXP U . -13.49 -9.46 29.72
CAI IXP U . -12.33 -9.68 28.91
OAF IXP U . -11.51 -10.69 29.49
CAE IXP U . -10.31 -10.24 29.96
OAH IXP U . -10.13 -9.83 31.10
CAD IXP U . -9.16 -10.28 28.97
CAC IXP U . -7.80 -10.53 29.62
CAB IXP U . -6.85 -10.72 28.46
OAG IXP U . -7.18 -11.45 27.54
NAA IXP U . -5.75 -9.98 28.45
CCE IXP U . -4.85 -10.10 27.31
CBF IXP U . -4.17 -8.78 27.03
CCD IXP U . -2.65 -8.94 27.09
CCC IXP U . -2.00 -7.73 27.76
NCB IXP U . -0.76 -7.41 27.06
CBY IXP U . -0.56 -6.23 26.57
OCA IXP U . -1.38 -5.34 26.65
CBX IXP U . 0.75 -6.03 25.84
CBO IXP U . 1.72 -5.13 26.59
CBN IXP U . 1.72 -3.84 26.60
CCL IXP U . 0.70 -3.00 25.86
CBK IXP U . 2.72 -5.52 27.31
CBL IXP U . 3.14 -6.72 27.59
CBG IXP U . 4.21 -6.95 28.38
OCM IXP U . 4.49 -8.25 28.58
CCN IXP U . 5.31 -8.57 29.62
CBH IXP U . 4.87 -5.85 28.89
CBI IXP U . 4.40 -4.59 28.57
CBJ IXP U . 3.33 -4.45 27.80
NBM IXP U . 2.68 -3.40 27.35
CBP IXP U . 2.94 -2.10 27.51
OBW IXP U . 2.76 -1.33 26.60
CBQ IXP U . 3.36 -1.58 28.72
CBR IXP U . 4.07 -0.41 28.77
CBS IXP U . 4.47 0.18 29.96
CBT IXP U . 4.14 -0.42 31.14
CBU IXP U . 3.42 -1.60 31.07
CBV IXP U . 3.03 -2.18 29.90
CL IXP U . 4.54 0.21 32.60
C1 NAG V . -15.95 16.86 -10.52
C2 NAG V . -15.26 18.12 -11.04
C3 NAG V . -15.66 18.35 -12.52
C4 NAG V . -15.55 17.07 -13.35
C5 NAG V . -16.17 15.89 -12.61
C6 NAG V . -15.97 14.55 -13.28
C7 NAG V . -16.21 20.40 -10.50
C8 NAG V . -16.29 21.43 -9.40
N2 NAG V . -15.52 19.28 -10.20
O3 NAG V . -14.87 19.39 -13.09
O4 NAG V . -16.25 17.24 -14.56
O5 NAG V . -15.59 15.78 -11.30
O6 NAG V . -16.93 13.61 -12.83
O7 NAG V . -16.75 20.60 -11.58
C1 NAG W . -34.08 52.10 35.00
C2 NAG W . -34.42 53.35 34.19
C3 NAG W . -35.37 54.26 34.98
C4 NAG W . -36.57 53.46 35.50
C5 NAG W . -36.06 52.29 36.30
C6 NAG W . -37.16 51.40 36.84
C7 NAG W . -32.89 54.35 32.56
C8 NAG W . -31.60 55.10 32.36
N2 NAG W . -33.21 54.09 33.83
O3 NAG W . -35.82 55.30 34.12
O4 NAG W . -37.40 54.28 36.32
O5 NAG W . -35.25 51.47 35.45
O6 NAG W . -36.71 50.68 38.00
O7 NAG W . -33.59 54.00 31.63
CHA HEM X . -24.06 38.44 20.88
CHB HEM X . -26.94 42.07 22.34
CHC HEM X . -30.42 38.84 23.36
CHD HEM X . -27.77 35.29 21.32
C1A HEM X . -24.53 39.69 21.24
C2A HEM X . -23.74 40.90 21.27
C3A HEM X . -24.52 41.90 21.67
C4A HEM X . -25.84 41.37 21.90
CMA HEM X . -24.08 43.37 21.84
CAA HEM X . -22.23 41.02 20.91
CBA HEM X . -22.16 41.01 19.38
CGA HEM X . -20.74 41.17 18.90
O1A HEM X . -19.82 41.33 19.75
O2A HEM X . -20.53 41.15 17.66
C1B HEM X . -28.09 41.49 22.84
C2B HEM X . -29.10 42.18 23.63
C3B HEM X . -30.05 41.30 23.94
C4B HEM X . -29.71 40.03 23.33
CMB HEM X . -29.06 43.65 24.07
CAB HEM X . -31.29 41.69 24.78
CBB HEM X . -32.06 40.79 25.40
C1C HEM X . -30.01 37.62 22.86
C2C HEM X . -30.82 36.42 22.84
C3C HEM X . -30.11 35.43 22.30
C4C HEM X . -28.81 35.97 21.93
CMC HEM X . -32.25 36.30 23.39
CAC HEM X . -30.64 33.99 22.11
CBC HEM X . -29.84 32.93 21.94
C1D HEM X . -26.49 35.77 21.11
C2D HEM X . -25.34 34.97 20.81
C3D HEM X . -24.17 35.95 20.67
C4D HEM X . -24.75 37.26 20.91
CMD HEM X . -25.29 33.44 20.66
CAD HEM X . -22.69 35.64 20.38
CBD HEM X . -22.01 35.68 21.76
CGD HEM X . -20.51 35.48 21.64
O1D HEM X . -20.05 34.94 20.62
O2D HEM X . -19.78 35.86 22.59
NA HEM X . -25.81 40.01 21.63
NB HEM X . -28.50 40.19 22.68
NC HEM X . -28.79 37.31 22.28
ND HEM X . -26.10 37.10 21.15
FE HEM X . -27.33 38.65 21.85
C1 BOG Y . -37.07 47.90 1.39
O1 BOG Y . -35.90 48.00 2.07
C2 BOG Y . -37.09 46.63 0.61
O2 BOG Y . -36.20 46.73 -0.40
C3 BOG Y . -38.48 46.41 0.06
O3 BOG Y . -38.48 45.17 -0.51
C4 BOG Y . -39.58 46.58 1.08
O4 BOG Y . -40.81 46.64 0.49
C5 BOG Y . -39.35 47.84 1.84
O5 BOG Y . -38.05 47.92 2.32
C6 BOG Y . -40.26 48.01 3.02
O6 BOG Y . -40.50 46.89 3.73
C1' BOG Y . -35.11 49.10 2.02
C2' BOG Y . -35.50 50.01 3.14
C3' BOG Y . -34.28 50.57 3.79
C4' BOG Y . -34.73 51.05 5.16
C5' BOG Y . -35.03 49.80 6.00
C6' BOG Y . -35.88 50.26 7.15
C7' BOG Y . -36.70 49.10 7.68
C8' BOG Y . -36.73 49.17 9.19
CCG IXP Z . -32.13 2.67 7.92
OCF IXP Z . -31.04 2.65 6.99
CBD IXP Z . -29.86 2.73 7.67
CBE IXP Z . -29.31 3.96 8.08
CBC IXP Z . -29.20 1.56 7.95
OCJ IXP Z . -29.73 0.37 7.54
CCK IXP Z . -30.22 -0.35 8.68
CBB IXP Z . -27.99 1.56 8.63
OCH IXP Z . -27.40 0.35 8.86
CCI IXP Z . -27.29 0.14 10.27
CBA IXP Z . -27.43 2.77 9.05
CAZ IXP Z . -28.10 3.96 8.78
CAL IXP Z . -27.55 5.16 9.19
CAK IXP Z . -28.35 5.70 10.41
CAJ IXP Z . -29.69 6.15 9.91
CAV IXP Z . -30.35 6.41 11.24
OAW IXP Z . -29.92 5.22 11.99
CAX IXP Z . -28.82 4.77 11.32
OAY IXP Z . -28.27 3.69 11.49
CAM IXP Z . -27.52 6.08 8.08
CAO IXP Z . -26.59 5.93 7.07
CAP IXP Z . -26.54 6.76 6.03
OAS IXP Z . -25.69 6.76 4.97
CAT IXP Z . -26.30 7.66 4.02
OAU IXP Z . -27.19 8.48 4.80
CAQ IXP Z . -27.41 7.77 5.93
CAR IXP Z . -28.35 7.97 6.86
CAN IXP Z . -28.45 7.14 7.96
CAI IXP Z . -29.46 7.38 8.96
OAF IXP Z . -30.68 7.74 8.33
CAE IXP Z . -31.55 8.23 9.26
OAH IXP Z . -32.39 7.54 9.83
CAD IXP Z . -31.40 9.72 9.55
CAC IXP Z . -32.03 10.03 10.92
CAB IXP Z . -32.70 11.40 10.87
OAG IXP Z . -32.68 12.09 9.85
NAA IXP Z . -33.31 11.77 12.01
CCE IXP Z . -34.00 13.06 12.14
CBF IXP Z . -34.54 13.21 13.56
CCD IXP Z . -34.86 14.68 13.83
CCC IXP Z . -33.96 15.22 14.93
NCB IXP Z . -34.73 16.07 15.84
CBY IXP Z . -34.14 16.98 16.63
OCA IXP Z . -32.93 17.19 16.66
CBX IXP Z . -35.10 17.78 17.52
CBO IXP Z . -34.53 19.18 17.76
CBN IXP Z . -33.43 19.45 18.46
CCL IXP Z . -32.53 18.42 19.14
CBK IXP Z . -35.05 20.31 17.32
CBL IXP Z . -36.14 20.57 16.58
CBG IXP Z . -36.46 21.87 16.26
OCM IXP Z . -37.56 22.15 15.51
CCN IXP Z . -37.36 21.69 14.17
CBH IXP Z . -35.64 22.91 16.70
CBI IXP Z . -34.52 22.57 17.46
CBJ IXP Z . -34.25 21.31 17.75
NBM IXP Z . -33.25 20.76 18.46
CBP IXP Z . -32.25 21.43 19.05
OBW IXP Z . -31.75 21.06 20.11
CBQ IXP Z . -31.77 22.58 18.44
CBR IXP Z . -31.62 23.75 19.17
CBS IXP Z . -31.14 24.90 18.56
CBT IXP Z . -30.81 24.88 17.21
CBU IXP Z . -30.95 23.70 16.47
CBV IXP Z . -31.43 22.56 17.09
CL IXP Z . -30.20 26.31 16.45
#